data_5TOH
# 
_entry.id   5TOH 
# 
_audit_conform.dict_name       mmcif_pdbx.dic 
_audit_conform.dict_version    5.387 
_audit_conform.dict_location   http://mmcif.pdb.org/dictionaries/ascii/mmcif_pdbx.dic 
# 
loop_
_database_2.database_id 
_database_2.database_code 
_database_2.pdbx_database_accession 
_database_2.pdbx_DOI 
PDB   5TOH         pdb_00005toh 10.2210/pdb5toh/pdb 
WWPDB D_1000223343 ?            ?                   
# 
loop_
_pdbx_audit_revision_history.ordinal 
_pdbx_audit_revision_history.data_content_type 
_pdbx_audit_revision_history.major_revision 
_pdbx_audit_revision_history.minor_revision 
_pdbx_audit_revision_history.revision_date 
1 'Structure model' 1 0 2016-11-09 
2 'Structure model' 1 1 2016-11-23 
3 'Structure model' 1 2 2016-11-30 
4 'Structure model' 1 3 2017-01-11 
5 'Structure model' 1 4 2017-02-08 
6 'Structure model' 1 5 2017-09-27 
7 'Structure model' 1 6 2019-12-04 
8 'Structure model' 1 7 2024-03-06 
# 
_pdbx_audit_revision_details.ordinal             1 
_pdbx_audit_revision_details.revision_ordinal    1 
_pdbx_audit_revision_details.data_content_type   'Structure model' 
_pdbx_audit_revision_details.provider            repository 
_pdbx_audit_revision_details.type                'Initial release' 
_pdbx_audit_revision_details.description         ? 
_pdbx_audit_revision_details.details             ? 
# 
loop_
_pdbx_audit_revision_group.ordinal 
_pdbx_audit_revision_group.revision_ordinal 
_pdbx_audit_revision_group.data_content_type 
_pdbx_audit_revision_group.group 
1 2 'Structure model' 'Structure summary'          
2 3 'Structure model' 'Database references'        
3 4 'Structure model' 'Database references'        
4 5 'Structure model' 'Database references'        
5 6 'Structure model' 'Author supporting evidence' 
6 6 'Structure model' 'Refinement description'     
7 7 'Structure model' 'Author supporting evidence' 
8 8 'Structure model' 'Data collection'            
9 8 'Structure model' 'Database references'        
# 
loop_
_pdbx_audit_revision_category.ordinal 
_pdbx_audit_revision_category.revision_ordinal 
_pdbx_audit_revision_category.data_content_type 
_pdbx_audit_revision_category.category 
1 6 'Structure model' pdbx_audit_support 
2 6 'Structure model' software           
3 7 'Structure model' pdbx_audit_support 
4 8 'Structure model' chem_comp_atom     
5 8 'Structure model' chem_comp_bond     
6 8 'Structure model' database_2         
# 
loop_
_pdbx_audit_revision_item.ordinal 
_pdbx_audit_revision_item.revision_ordinal 
_pdbx_audit_revision_item.data_content_type 
_pdbx_audit_revision_item.item 
1 6 'Structure model' '_pdbx_audit_support.funding_organization' 
2 7 'Structure model' '_pdbx_audit_support.funding_organization' 
3 8 'Structure model' '_database_2.pdbx_DOI'                     
4 8 'Structure model' '_database_2.pdbx_database_accession'      
# 
_pdbx_database_status.status_code                     REL 
_pdbx_database_status.status_code_sf                  REL 
_pdbx_database_status.status_code_mr                  ? 
_pdbx_database_status.entry_id                        5TOH 
_pdbx_database_status.recvd_initial_deposition_date   2016-10-17 
_pdbx_database_status.SG_entry                        N 
_pdbx_database_status.deposit_site                    RCSB 
_pdbx_database_status.process_site                    RCSB 
_pdbx_database_status.status_code_cs                  ? 
_pdbx_database_status.methods_development_category    ? 
_pdbx_database_status.pdb_format_compatible           Y 
_pdbx_database_status.status_code_nmr_data            ? 
# 
_pdbx_database_related.db_name        PDB 
_pdbx_database_related.details        . 
_pdbx_database_related.db_id          5TOI 
_pdbx_database_related.content_type   unspecified 
# 
loop_
_audit_author.name 
_audit_author.pdbx_ordinal 
'Bruhn, J.F.'        1 
'Kirchdoerfer, R.N.' 2 
'Tickle, I.J.'       3 
'Bricogne, G.'       4 
'Saphire, E.O.'      5 
# 
_citation.abstract                  ? 
_citation.abstract_id_CAS           ? 
_citation.book_id_ISBN              ? 
_citation.book_publisher            ? 
_citation.book_publisher_city       ? 
_citation.book_title                ? 
_citation.coordinate_linkage        ? 
_citation.country                   US 
_citation.database_id_Medline       ? 
_citation.details                   ? 
_citation.id                        primary 
_citation.journal_abbrev            'J. Virol.' 
_citation.journal_id_ASTM           JOVIAM 
_citation.journal_id_CSD            0825 
_citation.journal_id_ISSN           1098-5514 
_citation.journal_full              ? 
_citation.journal_issue             ? 
_citation.journal_volume            91 
_citation.language                  ? 
_citation.page_first                ? 
_citation.page_last                 ? 
_citation.title                     'Crystal Structure of the Marburg Virus VP35 Oligomerization Domain.' 
_citation.year                      2017 
_citation.database_id_CSD           ? 
_citation.pdbx_database_id_DOI      10.1128/JVI.01085-16 
_citation.pdbx_database_id_PubMed   27847355 
_citation.unpublished_flag          ? 
# 
loop_
_citation_author.citation_id 
_citation_author.name 
_citation_author.ordinal 
_citation_author.identifier_ORCID 
primary 'Bruhn, J.F.'        1 ? 
primary 'Kirchdoerfer, R.N.' 2 ? 
primary 'Urata, S.M.'        3 ? 
primary 'Li, S.'             4 ? 
primary 'Tickle, I.J.'       5 ? 
primary 'Bricogne, G.'       6 ? 
primary 'Saphire, E.O.'      7 ? 
# 
loop_
_entity.id 
_entity.type 
_entity.src_method 
_entity.pdbx_description 
_entity.formula_weight 
_entity.pdbx_number_of_molecules 
_entity.pdbx_ec 
_entity.pdbx_mutation 
_entity.pdbx_fragment 
_entity.details 
1 polymer man 'Polymerase cofactor VP35' 8205.597 3  ? ? 'UNP residues 60-130' ? 
2 water   nat water                      18.015   26 ? ? ?                     ? 
# 
_entity_poly.entity_id                      1 
_entity_poly.type                           'polypeptide(L)' 
_entity_poly.nstd_linkage                   no 
_entity_poly.nstd_monomer                   no 
_entity_poly.pdbx_seq_one_letter_code       GDIIWDQLIVKRTLADLLIPINRQISDIQSTLSEVTTRVHEIERQLHEITPVLKMGRTLEAISKGMSEMLAK 
_entity_poly.pdbx_seq_one_letter_code_can   GDIIWDQLIVKRTLADLLIPINRQISDIQSTLSEVTTRVHEIERQLHEITPVLKMGRTLEAISKGMSEMLAK 
_entity_poly.pdbx_strand_id                 A,B,C 
_entity_poly.pdbx_target_identifier         ? 
# 
_pdbx_entity_nonpoly.entity_id   2 
_pdbx_entity_nonpoly.name        water 
_pdbx_entity_nonpoly.comp_id     HOH 
# 
loop_
_entity_poly_seq.entity_id 
_entity_poly_seq.num 
_entity_poly_seq.mon_id 
_entity_poly_seq.hetero 
1 1  GLY n 
1 2  ASP n 
1 3  ILE n 
1 4  ILE n 
1 5  TRP n 
1 6  ASP n 
1 7  GLN n 
1 8  LEU n 
1 9  ILE n 
1 10 VAL n 
1 11 LYS n 
1 12 ARG n 
1 13 THR n 
1 14 LEU n 
1 15 ALA n 
1 16 ASP n 
1 17 LEU n 
1 18 LEU n 
1 19 ILE n 
1 20 PRO n 
1 21 ILE n 
1 22 ASN n 
1 23 ARG n 
1 24 GLN n 
1 25 ILE n 
1 26 SER n 
1 27 ASP n 
1 28 ILE n 
1 29 GLN n 
1 30 SER n 
1 31 THR n 
1 32 LEU n 
1 33 SER n 
1 34 GLU n 
1 35 VAL n 
1 36 THR n 
1 37 THR n 
1 38 ARG n 
1 39 VAL n 
1 40 HIS n 
1 41 GLU n 
1 42 ILE n 
1 43 GLU n 
1 44 ARG n 
1 45 GLN n 
1 46 LEU n 
1 47 HIS n 
1 48 GLU n 
1 49 ILE n 
1 50 THR n 
1 51 PRO n 
1 52 VAL n 
1 53 LEU n 
1 54 LYS n 
1 55 MET n 
1 56 GLY n 
1 57 ARG n 
1 58 THR n 
1 59 LEU n 
1 60 GLU n 
1 61 ALA n 
1 62 ILE n 
1 63 SER n 
1 64 LYS n 
1 65 GLY n 
1 66 MET n 
1 67 SER n 
1 68 GLU n 
1 69 MET n 
1 70 LEU n 
1 71 ALA n 
1 72 LYS n 
# 
_entity_src_gen.entity_id                          1 
_entity_src_gen.pdbx_src_id                        1 
_entity_src_gen.pdbx_alt_source_flag               sample 
_entity_src_gen.pdbx_seq_type                      'Biological sequence' 
_entity_src_gen.pdbx_beg_seq_num                   1 
_entity_src_gen.pdbx_end_seq_num                   72 
_entity_src_gen.gene_src_common_name               MARV 
_entity_src_gen.gene_src_genus                     ? 
_entity_src_gen.pdbx_gene_src_gene                 VP35 
_entity_src_gen.gene_src_species                   ? 
_entity_src_gen.gene_src_strain                    Musoke-80 
_entity_src_gen.gene_src_tissue                    ? 
_entity_src_gen.gene_src_tissue_fraction           ? 
_entity_src_gen.gene_src_details                   ? 
_entity_src_gen.pdbx_gene_src_fragment             ? 
_entity_src_gen.pdbx_gene_src_scientific_name      'Lake Victoria marburgvirus (strain Musoke-80)' 
_entity_src_gen.pdbx_gene_src_ncbi_taxonomy_id     33727 
_entity_src_gen.pdbx_gene_src_variant              ? 
_entity_src_gen.pdbx_gene_src_cell_line            ? 
_entity_src_gen.pdbx_gene_src_atcc                 ? 
_entity_src_gen.pdbx_gene_src_organ                ? 
_entity_src_gen.pdbx_gene_src_organelle            ? 
_entity_src_gen.pdbx_gene_src_cell                 ? 
_entity_src_gen.pdbx_gene_src_cellular_location    ? 
_entity_src_gen.host_org_common_name               ? 
_entity_src_gen.pdbx_host_org_scientific_name      'Escherichia coli' 
_entity_src_gen.pdbx_host_org_ncbi_taxonomy_id     562 
_entity_src_gen.host_org_genus                     ? 
_entity_src_gen.pdbx_host_org_gene                 ? 
_entity_src_gen.pdbx_host_org_organ                ? 
_entity_src_gen.host_org_species                   ? 
_entity_src_gen.pdbx_host_org_tissue               ? 
_entity_src_gen.pdbx_host_org_tissue_fraction      ? 
_entity_src_gen.pdbx_host_org_strain               ? 
_entity_src_gen.pdbx_host_org_variant              ? 
_entity_src_gen.pdbx_host_org_cell_line            ? 
_entity_src_gen.pdbx_host_org_atcc                 ? 
_entity_src_gen.pdbx_host_org_culture_collection   ? 
_entity_src_gen.pdbx_host_org_cell                 ? 
_entity_src_gen.pdbx_host_org_organelle            ? 
_entity_src_gen.pdbx_host_org_cellular_location    ? 
_entity_src_gen.pdbx_host_org_vector_type          ? 
_entity_src_gen.pdbx_host_org_vector               ? 
_entity_src_gen.host_org_details                   ? 
_entity_src_gen.expression_system_id               ? 
_entity_src_gen.plasmid_name                       ? 
_entity_src_gen.plasmid_details                    ? 
_entity_src_gen.pdbx_description                   ? 
# 
loop_
_chem_comp.id 
_chem_comp.type 
_chem_comp.mon_nstd_flag 
_chem_comp.name 
_chem_comp.pdbx_synonyms 
_chem_comp.formula 
_chem_comp.formula_weight 
ALA 'L-peptide linking' y ALANINE         ? 'C3 H7 N O2'     89.093  
ARG 'L-peptide linking' y ARGININE        ? 'C6 H15 N4 O2 1' 175.209 
ASN 'L-peptide linking' y ASPARAGINE      ? 'C4 H8 N2 O3'    132.118 
ASP 'L-peptide linking' y 'ASPARTIC ACID' ? 'C4 H7 N O4'     133.103 
GLN 'L-peptide linking' y GLUTAMINE       ? 'C5 H10 N2 O3'   146.144 
GLU 'L-peptide linking' y 'GLUTAMIC ACID' ? 'C5 H9 N O4'     147.129 
GLY 'peptide linking'   y GLYCINE         ? 'C2 H5 N O2'     75.067  
HIS 'L-peptide linking' y HISTIDINE       ? 'C6 H10 N3 O2 1' 156.162 
HOH non-polymer         . WATER           ? 'H2 O'           18.015  
ILE 'L-peptide linking' y ISOLEUCINE      ? 'C6 H13 N O2'    131.173 
LEU 'L-peptide linking' y LEUCINE         ? 'C6 H13 N O2'    131.173 
LYS 'L-peptide linking' y LYSINE          ? 'C6 H15 N2 O2 1' 147.195 
MET 'L-peptide linking' y METHIONINE      ? 'C5 H11 N O2 S'  149.211 
PRO 'L-peptide linking' y PROLINE         ? 'C5 H9 N O2'     115.130 
SER 'L-peptide linking' y SERINE          ? 'C3 H7 N O3'     105.093 
THR 'L-peptide linking' y THREONINE       ? 'C4 H9 N O3'     119.119 
TRP 'L-peptide linking' y TRYPTOPHAN      ? 'C11 H12 N2 O2'  204.225 
VAL 'L-peptide linking' y VALINE          ? 'C5 H11 N O2'    117.146 
# 
loop_
_pdbx_poly_seq_scheme.asym_id 
_pdbx_poly_seq_scheme.entity_id 
_pdbx_poly_seq_scheme.seq_id 
_pdbx_poly_seq_scheme.mon_id 
_pdbx_poly_seq_scheme.ndb_seq_num 
_pdbx_poly_seq_scheme.pdb_seq_num 
_pdbx_poly_seq_scheme.auth_seq_num 
_pdbx_poly_seq_scheme.pdb_mon_id 
_pdbx_poly_seq_scheme.auth_mon_id 
_pdbx_poly_seq_scheme.pdb_strand_id 
_pdbx_poly_seq_scheme.pdb_ins_code 
_pdbx_poly_seq_scheme.hetero 
A 1 1  GLY 1  1  1  GLY GLY A . n 
A 1 2  ASP 2  2  2  ASP ASP A . n 
A 1 3  ILE 3  3  3  ILE ILE A . n 
A 1 4  ILE 4  4  4  ILE ILE A . n 
A 1 5  TRP 5  5  5  TRP TRP A . n 
A 1 6  ASP 6  6  6  ASP ASP A . n 
A 1 7  GLN 7  7  7  GLN GLN A . n 
A 1 8  LEU 8  8  8  LEU LEU A . n 
A 1 9  ILE 9  9  9  ILE ILE A . n 
A 1 10 VAL 10 10 10 VAL VAL A . n 
A 1 11 LYS 11 11 11 LYS LYS A . n 
A 1 12 ARG 12 12 12 ARG ARG A . n 
A 1 13 THR 13 13 13 THR THR A . n 
A 1 14 LEU 14 14 14 LEU LEU A . n 
A 1 15 ALA 15 15 15 ALA ALA A . n 
A 1 16 ASP 16 16 16 ASP ASP A . n 
A 1 17 LEU 17 17 17 LEU LEU A . n 
A 1 18 LEU 18 18 18 LEU LEU A . n 
A 1 19 ILE 19 19 19 ILE ILE A . n 
A 1 20 PRO 20 20 20 PRO PRO A . n 
A 1 21 ILE 21 21 21 ILE ILE A . n 
A 1 22 ASN 22 22 22 ASN ASN A . n 
A 1 23 ARG 23 23 23 ARG ARG A . n 
A 1 24 GLN 24 24 24 GLN GLN A . n 
A 1 25 ILE 25 25 25 ILE ILE A . n 
A 1 26 SER 26 26 26 SER SER A . n 
A 1 27 ASP 27 27 27 ASP ASP A . n 
A 1 28 ILE 28 28 28 ILE ILE A . n 
A 1 29 GLN 29 29 29 GLN GLN A . n 
A 1 30 SER 30 30 30 SER SER A . n 
A 1 31 THR 31 31 31 THR THR A . n 
A 1 32 LEU 32 32 32 LEU LEU A . n 
A 1 33 SER 33 33 33 SER SER A . n 
A 1 34 GLU 34 34 34 GLU GLU A . n 
A 1 35 VAL 35 35 35 VAL VAL A . n 
A 1 36 THR 36 36 36 THR THR A . n 
A 1 37 THR 37 37 37 THR THR A . n 
A 1 38 ARG 38 38 38 ARG ARG A . n 
A 1 39 VAL 39 39 39 VAL VAL A . n 
A 1 40 HIS 40 40 40 HIS HIS A . n 
A 1 41 GLU 41 41 41 GLU GLU A . n 
A 1 42 ILE 42 42 42 ILE ILE A . n 
A 1 43 GLU 43 43 43 GLU GLU A . n 
A 1 44 ARG 44 44 44 ARG ARG A . n 
A 1 45 GLN 45 45 45 GLN GLN A . n 
A 1 46 LEU 46 46 46 LEU LEU A . n 
A 1 47 HIS 47 47 47 HIS HIS A . n 
A 1 48 GLU 48 48 48 GLU GLU A . n 
A 1 49 ILE 49 49 49 ILE ILE A . n 
A 1 50 THR 50 50 50 THR THR A . n 
A 1 51 PRO 51 51 51 PRO PRO A . n 
A 1 52 VAL 52 52 52 VAL VAL A . n 
A 1 53 LEU 53 53 ?  ?   ?   A . n 
A 1 54 LYS 54 54 ?  ?   ?   A . n 
A 1 55 MET 55 55 ?  ?   ?   A . n 
A 1 56 GLY 56 56 ?  ?   ?   A . n 
A 1 57 ARG 57 57 ?  ?   ?   A . n 
A 1 58 THR 58 58 ?  ?   ?   A . n 
A 1 59 LEU 59 59 ?  ?   ?   A . n 
A 1 60 GLU 60 60 ?  ?   ?   A . n 
A 1 61 ALA 61 61 ?  ?   ?   A . n 
A 1 62 ILE 62 62 ?  ?   ?   A . n 
A 1 63 SER 63 63 ?  ?   ?   A . n 
A 1 64 LYS 64 64 ?  ?   ?   A . n 
A 1 65 GLY 65 65 ?  ?   ?   A . n 
A 1 66 MET 66 66 ?  ?   ?   A . n 
A 1 67 SER 67 67 ?  ?   ?   A . n 
A 1 68 GLU 68 68 ?  ?   ?   A . n 
A 1 69 MET 69 69 ?  ?   ?   A . n 
A 1 70 LEU 70 70 ?  ?   ?   A . n 
A 1 71 ALA 71 71 ?  ?   ?   A . n 
A 1 72 LYS 72 72 ?  ?   ?   A . n 
B 1 1  GLY 1  1  1  GLY GLY B . n 
B 1 2  ASP 2  2  2  ASP ASP B . n 
B 1 3  ILE 3  3  3  ILE ILE B . n 
B 1 4  ILE 4  4  4  ILE ILE B . n 
B 1 5  TRP 5  5  5  TRP TRP B . n 
B 1 6  ASP 6  6  6  ASP ASP B . n 
B 1 7  GLN 7  7  7  GLN GLN B . n 
B 1 8  LEU 8  8  8  LEU LEU B . n 
B 1 9  ILE 9  9  9  ILE ILE B . n 
B 1 10 VAL 10 10 10 VAL VAL B . n 
B 1 11 LYS 11 11 11 LYS LYS B . n 
B 1 12 ARG 12 12 12 ARG ARG B . n 
B 1 13 THR 13 13 13 THR THR B . n 
B 1 14 LEU 14 14 14 LEU LEU B . n 
B 1 15 ALA 15 15 15 ALA ALA B . n 
B 1 16 ASP 16 16 16 ASP ASP B . n 
B 1 17 LEU 17 17 17 LEU LEU B . n 
B 1 18 LEU 18 18 18 LEU LEU B . n 
B 1 19 ILE 19 19 19 ILE ILE B . n 
B 1 20 PRO 20 20 20 PRO PRO B . n 
B 1 21 ILE 21 21 21 ILE ILE B . n 
B 1 22 ASN 22 22 22 ASN ASN B . n 
B 1 23 ARG 23 23 23 ARG ARG B . n 
B 1 24 GLN 24 24 24 GLN GLN B . n 
B 1 25 ILE 25 25 25 ILE ILE B . n 
B 1 26 SER 26 26 26 SER SER B . n 
B 1 27 ASP 27 27 27 ASP ASP B . n 
B 1 28 ILE 28 28 28 ILE ILE B . n 
B 1 29 GLN 29 29 29 GLN GLN B . n 
B 1 30 SER 30 30 30 SER SER B . n 
B 1 31 THR 31 31 31 THR THR B . n 
B 1 32 LEU 32 32 32 LEU LEU B . n 
B 1 33 SER 33 33 33 SER SER B . n 
B 1 34 GLU 34 34 34 GLU GLU B . n 
B 1 35 VAL 35 35 35 VAL VAL B . n 
B 1 36 THR 36 36 36 THR THR B . n 
B 1 37 THR 37 37 37 THR THR B . n 
B 1 38 ARG 38 38 38 ARG ARG B . n 
B 1 39 VAL 39 39 39 VAL VAL B . n 
B 1 40 HIS 40 40 40 HIS HIS B . n 
B 1 41 GLU 41 41 41 GLU GLU B . n 
B 1 42 ILE 42 42 42 ILE ILE B . n 
B 1 43 GLU 43 43 43 GLU GLU B . n 
B 1 44 ARG 44 44 44 ARG ARG B . n 
B 1 45 GLN 45 45 45 GLN GLN B . n 
B 1 46 LEU 46 46 46 LEU LEU B . n 
B 1 47 HIS 47 47 47 HIS HIS B . n 
B 1 48 GLU 48 48 48 GLU GLU B . n 
B 1 49 ILE 49 49 49 ILE ILE B . n 
B 1 50 THR 50 50 50 THR THR B . n 
B 1 51 PRO 51 51 51 PRO PRO B . n 
B 1 52 VAL 52 52 52 VAL VAL B . n 
B 1 53 LEU 53 53 53 LEU LEU B . n 
B 1 54 LYS 54 54 54 LYS LYS B . n 
B 1 55 MET 55 55 55 MET MET B . n 
B 1 56 GLY 56 56 56 GLY GLY B . n 
B 1 57 ARG 57 57 57 ARG ARG B . n 
B 1 58 THR 58 58 58 THR THR B . n 
B 1 59 LEU 59 59 59 LEU LEU B . n 
B 1 60 GLU 60 60 60 GLU GLU B . n 
B 1 61 ALA 61 61 61 ALA ALA B . n 
B 1 62 ILE 62 62 62 ILE ILE B . n 
B 1 63 SER 63 63 63 SER SER B . n 
B 1 64 LYS 64 64 64 LYS LYS B . n 
B 1 65 GLY 65 65 65 GLY GLY B . n 
B 1 66 MET 66 66 66 MET MET B . n 
B 1 67 SER 67 67 67 SER SER B . n 
B 1 68 GLU 68 68 68 GLU GLU B . n 
B 1 69 MET 69 69 69 MET MET B . n 
B 1 70 LEU 70 70 70 LEU LEU B . n 
B 1 71 ALA 71 71 ?  ?   ?   B . n 
B 1 72 LYS 72 72 ?  ?   ?   B . n 
C 1 1  GLY 1  1  ?  ?   ?   C . n 
C 1 2  ASP 2  2  2  ASP ASP C . n 
C 1 3  ILE 3  3  3  ILE ILE C . n 
C 1 4  ILE 4  4  4  ILE ILE C . n 
C 1 5  TRP 5  5  5  TRP TRP C . n 
C 1 6  ASP 6  6  6  ASP ASP C . n 
C 1 7  GLN 7  7  7  GLN GLN C . n 
C 1 8  LEU 8  8  8  LEU LEU C . n 
C 1 9  ILE 9  9  9  ILE ILE C . n 
C 1 10 VAL 10 10 10 VAL VAL C . n 
C 1 11 LYS 11 11 11 LYS LYS C . n 
C 1 12 ARG 12 12 12 ARG ARG C . n 
C 1 13 THR 13 13 13 THR THR C . n 
C 1 14 LEU 14 14 14 LEU LEU C . n 
C 1 15 ALA 15 15 15 ALA ALA C . n 
C 1 16 ASP 16 16 16 ASP ASP C . n 
C 1 17 LEU 17 17 17 LEU LEU C . n 
C 1 18 LEU 18 18 18 LEU LEU C . n 
C 1 19 ILE 19 19 19 ILE ILE C . n 
C 1 20 PRO 20 20 20 PRO PRO C . n 
C 1 21 ILE 21 21 21 ILE ILE C . n 
C 1 22 ASN 22 22 22 ASN ASN C . n 
C 1 23 ARG 23 23 23 ARG ARG C . n 
C 1 24 GLN 24 24 24 GLN GLN C . n 
C 1 25 ILE 25 25 25 ILE ILE C . n 
C 1 26 SER 26 26 26 SER SER C . n 
C 1 27 ASP 27 27 27 ASP ASP C . n 
C 1 28 ILE 28 28 28 ILE ILE C . n 
C 1 29 GLN 29 29 29 GLN GLN C . n 
C 1 30 SER 30 30 30 SER SER C . n 
C 1 31 THR 31 31 31 THR THR C . n 
C 1 32 LEU 32 32 32 LEU LEU C . n 
C 1 33 SER 33 33 33 SER SER C . n 
C 1 34 GLU 34 34 34 GLU GLU C . n 
C 1 35 VAL 35 35 35 VAL VAL C . n 
C 1 36 THR 36 36 36 THR THR C . n 
C 1 37 THR 37 37 37 THR THR C . n 
C 1 38 ARG 38 38 38 ARG ARG C . n 
C 1 39 VAL 39 39 39 VAL VAL C . n 
C 1 40 HIS 40 40 40 HIS HIS C . n 
C 1 41 GLU 41 41 41 GLU GLU C . n 
C 1 42 ILE 42 42 42 ILE ILE C . n 
C 1 43 GLU 43 43 43 GLU GLU C . n 
C 1 44 ARG 44 44 44 ARG ARG C . n 
C 1 45 GLN 45 45 45 GLN GLN C . n 
C 1 46 LEU 46 46 46 LEU LEU C . n 
C 1 47 HIS 47 47 47 HIS HIS C . n 
C 1 48 GLU 48 48 48 GLU GLU C . n 
C 1 49 ILE 49 49 49 ILE ILE C . n 
C 1 50 THR 50 50 50 THR THR C . n 
C 1 51 PRO 51 51 51 PRO PRO C . n 
C 1 52 VAL 52 52 52 VAL VAL C . n 
C 1 53 LEU 53 53 53 LEU LEU C . n 
C 1 54 LYS 54 54 54 LYS LYS C . n 
C 1 55 MET 55 55 ?  ?   ?   C . n 
C 1 56 GLY 56 56 ?  ?   ?   C . n 
C 1 57 ARG 57 57 ?  ?   ?   C . n 
C 1 58 THR 58 58 ?  ?   ?   C . n 
C 1 59 LEU 59 59 ?  ?   ?   C . n 
C 1 60 GLU 60 60 ?  ?   ?   C . n 
C 1 61 ALA 61 61 ?  ?   ?   C . n 
C 1 62 ILE 62 62 ?  ?   ?   C . n 
C 1 63 SER 63 63 ?  ?   ?   C . n 
C 1 64 LYS 64 64 ?  ?   ?   C . n 
C 1 65 GLY 65 65 ?  ?   ?   C . n 
C 1 66 MET 66 66 ?  ?   ?   C . n 
C 1 67 SER 67 67 ?  ?   ?   C . n 
C 1 68 GLU 68 68 ?  ?   ?   C . n 
C 1 69 MET 69 69 ?  ?   ?   C . n 
C 1 70 LEU 70 70 ?  ?   ?   C . n 
C 1 71 ALA 71 71 ?  ?   ?   C . n 
C 1 72 LYS 72 72 ?  ?   ?   C . n 
# 
loop_
_pdbx_nonpoly_scheme.asym_id 
_pdbx_nonpoly_scheme.entity_id 
_pdbx_nonpoly_scheme.mon_id 
_pdbx_nonpoly_scheme.ndb_seq_num 
_pdbx_nonpoly_scheme.pdb_seq_num 
_pdbx_nonpoly_scheme.auth_seq_num 
_pdbx_nonpoly_scheme.pdb_mon_id 
_pdbx_nonpoly_scheme.auth_mon_id 
_pdbx_nonpoly_scheme.pdb_strand_id 
_pdbx_nonpoly_scheme.pdb_ins_code 
D 2 HOH 1 101 3  HOH HOH A . 
D 2 HOH 2 102 19 HOH HOH A . 
D 2 HOH 3 103 21 HOH HOH A . 
D 2 HOH 4 104 9  HOH HOH A . 
D 2 HOH 5 105 5  HOH HOH A . 
D 2 HOH 6 106 27 HOH HOH A . 
D 2 HOH 7 107 6  HOH HOH A . 
D 2 HOH 8 108 4  HOH HOH A . 
D 2 HOH 9 109 15 HOH HOH A . 
E 2 HOH 1 101 16 HOH HOH B . 
E 2 HOH 2 102 31 HOH HOH B . 
E 2 HOH 3 103 25 HOH HOH B . 
E 2 HOH 4 104 29 HOH HOH B . 
E 2 HOH 5 105 17 HOH HOH B . 
E 2 HOH 6 106 13 HOH HOH B . 
E 2 HOH 7 107 30 HOH HOH B . 
E 2 HOH 8 108 28 HOH HOH B . 
E 2 HOH 9 109 34 HOH HOH B . 
F 2 HOH 1 101 11 HOH HOH C . 
F 2 HOH 2 102 1  HOH HOH C . 
F 2 HOH 3 103 2  HOH HOH C . 
F 2 HOH 4 104 7  HOH HOH C . 
F 2 HOH 5 105 12 HOH HOH C . 
F 2 HOH 6 106 8  HOH HOH C . 
F 2 HOH 7 107 14 HOH HOH C . 
F 2 HOH 8 108 18 HOH HOH C . 
# 
loop_
_software.citation_id 
_software.classification 
_software.compiler_name 
_software.compiler_version 
_software.contact_author 
_software.contact_author_email 
_software.date 
_software.description 
_software.dependencies 
_software.hardware 
_software.language 
_software.location 
_software.mods 
_software.name 
_software.os 
_software.os_version 
_software.type 
_software.version 
_software.pdbx_ordinal 
? 'data extraction' ? ? ? ? ? ? ? ? ? ? ? PDB_EXTRACT ? ? ? 3.20   1 
? 'data scaling'    ? ? ? ? ? ? ? ? ? ? ? Aimless     ? ? ? .      2 
? 'data reduction'  ? ? ? ? ? ? ? ? ? ? ? XDS         ? ? ? .      3 
? phasing           ? ? ? ? ? ? ? ? ? ? ? MR-Rosetta  ? ? ? .      4 
? 'data scaling'    ? ? ? ? ? ? ? ? ? ? ? STARANISO   ? ? ? .      5 
? refinement        ? ? ? ? ? ? ? ? ? ? ? BUSTER      ? ? ? 2.11.7 6 
# 
_cell.angle_alpha                  90.000 
_cell.angle_alpha_esd              ? 
_cell.angle_beta                   105.280 
_cell.angle_beta_esd               ? 
_cell.angle_gamma                  90.000 
_cell.angle_gamma_esd              ? 
_cell.entry_id                     5TOH 
_cell.details                      ? 
_cell.formula_units_Z              ? 
_cell.length_a                     75.690 
_cell.length_a_esd                 ? 
_cell.length_b                     35.000 
_cell.length_b_esd                 ? 
_cell.length_c                     105.240 
_cell.length_c_esd                 ? 
_cell.volume                       ? 
_cell.volume_esd                   ? 
_cell.Z_PDB                        12 
_cell.reciprocal_angle_alpha       ? 
_cell.reciprocal_angle_beta        ? 
_cell.reciprocal_angle_gamma       ? 
_cell.reciprocal_angle_alpha_esd   ? 
_cell.reciprocal_angle_beta_esd    ? 
_cell.reciprocal_angle_gamma_esd   ? 
_cell.reciprocal_length_a          ? 
_cell.reciprocal_length_b          ? 
_cell.reciprocal_length_c          ? 
_cell.reciprocal_length_a_esd      ? 
_cell.reciprocal_length_b_esd      ? 
_cell.reciprocal_length_c_esd      ? 
_cell.pdbx_unique_axis             ? 
# 
_symmetry.entry_id                         5TOH 
_symmetry.cell_setting                     ? 
_symmetry.Int_Tables_number                5 
_symmetry.space_group_name_Hall            ? 
_symmetry.space_group_name_H-M             'I 1 2 1' 
_symmetry.pdbx_full_space_group_name_H-M   ? 
# 
_exptl.absorpt_coefficient_mu     ? 
_exptl.absorpt_correction_T_max   ? 
_exptl.absorpt_correction_T_min   ? 
_exptl.absorpt_correction_type    ? 
_exptl.absorpt_process_details    ? 
_exptl.entry_id                   5TOH 
_exptl.crystals_number            1 
_exptl.details                    ? 
_exptl.method                     'X-RAY DIFFRACTION' 
_exptl.method_details             ? 
# 
_exptl_crystal.colour                      ? 
_exptl_crystal.density_diffrn              ? 
_exptl_crystal.density_Matthews            2.73 
_exptl_crystal.density_method              ? 
_exptl_crystal.density_percent_sol         54.97 
_exptl_crystal.description                 ? 
_exptl_crystal.F_000                       ? 
_exptl_crystal.id                          1 
_exptl_crystal.preparation                 ? 
_exptl_crystal.size_max                    ? 
_exptl_crystal.size_mid                    ? 
_exptl_crystal.size_min                    ? 
_exptl_crystal.size_rad                    ? 
_exptl_crystal.colour_lustre               ? 
_exptl_crystal.colour_modifier             ? 
_exptl_crystal.colour_primary              ? 
_exptl_crystal.density_meas                ? 
_exptl_crystal.density_meas_esd            ? 
_exptl_crystal.density_meas_gt             ? 
_exptl_crystal.density_meas_lt             ? 
_exptl_crystal.density_meas_temp           ? 
_exptl_crystal.density_meas_temp_esd       ? 
_exptl_crystal.density_meas_temp_gt        ? 
_exptl_crystal.density_meas_temp_lt        ? 
_exptl_crystal.pdbx_crystal_image_url      ? 
_exptl_crystal.pdbx_crystal_image_format   ? 
_exptl_crystal.pdbx_mosaicity              ? 
_exptl_crystal.pdbx_mosaicity_esd          ? 
# 
_exptl_crystal_grow.apparatus       ? 
_exptl_crystal_grow.atmosphere      ? 
_exptl_crystal_grow.crystal_id      1 
_exptl_crystal_grow.details         ? 
_exptl_crystal_grow.method          'VAPOR DIFFUSION, SITTING DROP' 
_exptl_crystal_grow.method_ref      ? 
_exptl_crystal_grow.pH              6.5 
_exptl_crystal_grow.pressure        ? 
_exptl_crystal_grow.pressure_esd    ? 
_exptl_crystal_grow.seeding         ? 
_exptl_crystal_grow.seeding_ref     ? 
_exptl_crystal_grow.temp            295.5 
_exptl_crystal_grow.temp_details    ? 
_exptl_crystal_grow.temp_esd        ? 
_exptl_crystal_grow.time            ? 
_exptl_crystal_grow.pdbx_details    
;100 mM Sodium cacodylate pH 6.5, 100 mM Mg-acetate and 18% 2-methyl-2,4-pentanediol (MPD), cryo-protected by addition of 25% ethylene glycol
;
_exptl_crystal_grow.pdbx_pH_range   ? 
# 
_diffrn.ambient_environment    ? 
_diffrn.ambient_temp           100 
_diffrn.ambient_temp_details   ? 
_diffrn.ambient_temp_esd       ? 
_diffrn.crystal_id             1 
_diffrn.crystal_support        ? 
_diffrn.crystal_treatment      ? 
_diffrn.details                ? 
_diffrn.id                     1 
_diffrn.ambient_pressure       ? 
_diffrn.ambient_pressure_esd   ? 
_diffrn.ambient_pressure_gt    ? 
_diffrn.ambient_pressure_lt    ? 
_diffrn.ambient_temp_gt        ? 
_diffrn.ambient_temp_lt        ? 
# 
_diffrn_detector.details                      ? 
_diffrn_detector.detector                     PIXEL 
_diffrn_detector.diffrn_id                    1 
_diffrn_detector.type                         'DECTRIS PILATUS3 6M' 
_diffrn_detector.area_resol_mean              ? 
_diffrn_detector.dtime                        ? 
_diffrn_detector.pdbx_frames_total            ? 
_diffrn_detector.pdbx_collection_time_total   ? 
_diffrn_detector.pdbx_collection_date         2014-03-14 
# 
_diffrn_radiation.collimation                      ? 
_diffrn_radiation.diffrn_id                        1 
_diffrn_radiation.filter_edge                      ? 
_diffrn_radiation.inhomogeneity                    ? 
_diffrn_radiation.monochromator                    ? 
_diffrn_radiation.polarisn_norm                    ? 
_diffrn_radiation.polarisn_ratio                   ? 
_diffrn_radiation.probe                            ? 
_diffrn_radiation.type                             ? 
_diffrn_radiation.xray_symbol                      ? 
_diffrn_radiation.wavelength_id                    1 
_diffrn_radiation.pdbx_monochromatic_or_laue_m_l   M 
_diffrn_radiation.pdbx_wavelength_list             ? 
_diffrn_radiation.pdbx_wavelength                  ? 
_diffrn_radiation.pdbx_diffrn_protocol             'SINGLE WAVELENGTH' 
_diffrn_radiation.pdbx_analyzer                    ? 
_diffrn_radiation.pdbx_scattering_type             x-ray 
# 
_diffrn_radiation_wavelength.id           1 
_diffrn_radiation_wavelength.wavelength   1.0332 
_diffrn_radiation_wavelength.wt           1.0 
# 
_diffrn_source.current                     ? 
_diffrn_source.details                     ? 
_diffrn_source.diffrn_id                   1 
_diffrn_source.power                       ? 
_diffrn_source.size                        ? 
_diffrn_source.source                      SYNCHROTRON 
_diffrn_source.target                      ? 
_diffrn_source.type                        'APS BEAMLINE 23-ID-D' 
_diffrn_source.voltage                     ? 
_diffrn_source.take-off_angle              ? 
_diffrn_source.pdbx_wavelength_list        1.0332 
_diffrn_source.pdbx_wavelength             ? 
_diffrn_source.pdbx_synchrotron_beamline   23-ID-D 
_diffrn_source.pdbx_synchrotron_site       APS 
# 
_reflns.B_iso_Wilson_estimate            41.6 
_reflns.entry_id                         5TOH 
_reflns.data_reduction_details           ? 
_reflns.data_reduction_method            ? 
_reflns.d_resolution_high                2.01 
_reflns.d_resolution_low                 53.02 
_reflns.details                          ? 
_reflns.limit_h_max                      ? 
_reflns.limit_h_min                      ? 
_reflns.limit_k_max                      ? 
_reflns.limit_k_min                      ? 
_reflns.limit_l_max                      ? 
_reflns.limit_l_min                      ? 
_reflns.number_all                       ? 
_reflns.number_obs                       7658 
_reflns.observed_criterion               ? 
_reflns.observed_criterion_F_max         ? 
_reflns.observed_criterion_F_min         ? 
_reflns.observed_criterion_I_max         ? 
_reflns.observed_criterion_I_min         ? 
_reflns.observed_criterion_sigma_F       ? 
_reflns.observed_criterion_sigma_I       ? 
_reflns.percent_possible_obs             42.1 
_reflns.R_free_details                   ? 
_reflns.Rmerge_F_all                     ? 
_reflns.Rmerge_F_obs                     ? 
_reflns.Friedel_coverage                 ? 
_reflns.number_gt                        ? 
_reflns.threshold_expression             ? 
_reflns.pdbx_redundancy                  2.2 
_reflns.pdbx_Rmerge_I_obs                0.139 
_reflns.pdbx_Rmerge_I_all                ? 
_reflns.pdbx_Rsym_value                  ? 
_reflns.pdbx_netI_over_av_sigmaI         ? 
_reflns.pdbx_netI_over_sigmaI            8.3 
_reflns.pdbx_res_netI_over_av_sigmaI_2   ? 
_reflns.pdbx_res_netI_over_sigmaI_2      ? 
_reflns.pdbx_chi_squared                 ? 
_reflns.pdbx_scaling_rejects             ? 
_reflns.pdbx_d_res_high_opt              ? 
_reflns.pdbx_d_res_low_opt               ? 
_reflns.pdbx_d_res_opt_method            ? 
_reflns.phase_calculation_details        ? 
_reflns.pdbx_Rrim_I_all                  ? 
_reflns.pdbx_Rpim_I_all                  ? 
_reflns.pdbx_d_opt                       ? 
_reflns.pdbx_number_measured_all         ? 
_reflns.pdbx_diffrn_id                   1 
_reflns.pdbx_ordinal                     1 
_reflns.pdbx_CC_half                     0.980 
_reflns.pdbx_R_split                     ? 
# 
_reflns_shell.d_res_high                  2.01 
_reflns_shell.d_res_low                   2.12 
_reflns_shell.meanI_over_sigI_all         ? 
_reflns_shell.meanI_over_sigI_obs         1.0 
_reflns_shell.number_measured_all         ? 
_reflns_shell.number_measured_obs         ? 
_reflns_shell.number_possible             ? 
_reflns_shell.number_unique_all           ? 
_reflns_shell.number_unique_obs           ? 
_reflns_shell.percent_possible_all        2.4 
_reflns_shell.percent_possible_obs        ? 
_reflns_shell.Rmerge_F_all                ? 
_reflns_shell.Rmerge_F_obs                ? 
_reflns_shell.Rmerge_I_all                ? 
_reflns_shell.Rmerge_I_obs                1.009 
_reflns_shell.meanI_over_sigI_gt          ? 
_reflns_shell.meanI_over_uI_all           ? 
_reflns_shell.meanI_over_uI_gt            ? 
_reflns_shell.number_measured_gt          ? 
_reflns_shell.number_unique_gt            ? 
_reflns_shell.percent_possible_gt         ? 
_reflns_shell.Rmerge_F_gt                 ? 
_reflns_shell.Rmerge_I_gt                 ? 
_reflns_shell.pdbx_redundancy             2.1 
_reflns_shell.pdbx_Rsym_value             ? 
_reflns_shell.pdbx_chi_squared            ? 
_reflns_shell.pdbx_netI_over_sigmaI_all   ? 
_reflns_shell.pdbx_netI_over_sigmaI_obs   ? 
_reflns_shell.pdbx_Rrim_I_all             ? 
_reflns_shell.pdbx_Rpim_I_all             ? 
_reflns_shell.pdbx_rejects                ? 
_reflns_shell.pdbx_ordinal                1 
_reflns_shell.pdbx_diffrn_id              1 
_reflns_shell.pdbx_CC_half                0.783 
_reflns_shell.pdbx_R_split                ? 
# 
_refine.aniso_B[1][1]                            4.1665 
_refine.aniso_B[1][2]                            0.0000 
_refine.aniso_B[1][3]                            1.2492 
_refine.aniso_B[2][2]                            -1.5060 
_refine.aniso_B[2][3]                            0.0000 
_refine.aniso_B[3][3]                            -2.6605 
_refine.B_iso_max                                136.240 
_refine.B_iso_mean                               45.7600 
_refine.B_iso_min                                15.130 
_refine.correlation_coeff_Fo_to_Fc               0.9040 
_refine.correlation_coeff_Fo_to_Fc_free          0.8970 
_refine.details                                  ? 
_refine.diff_density_max                         ? 
_refine.diff_density_max_esd                     ? 
_refine.diff_density_min                         ? 
_refine.diff_density_min_esd                     ? 
_refine.diff_density_rms                         ? 
_refine.diff_density_rms_esd                     ? 
_refine.entry_id                                 5TOH 
_refine.pdbx_refine_id                           'X-RAY DIFFRACTION' 
_refine.ls_abs_structure_details                 ? 
_refine.ls_abs_structure_Flack                   ? 
_refine.ls_abs_structure_Flack_esd               ? 
_refine.ls_abs_structure_Rogers                  ? 
_refine.ls_abs_structure_Rogers_esd              ? 
_refine.ls_d_res_high                            2.0100 
_refine.ls_d_res_low                             53.0200 
_refine.ls_extinction_coef                       ? 
_refine.ls_extinction_coef_esd                   ? 
_refine.ls_extinction_expression                 ? 
_refine.ls_extinction_method                     ? 
_refine.ls_goodness_of_fit_all                   ? 
_refine.ls_goodness_of_fit_all_esd               ? 
_refine.ls_goodness_of_fit_obs                   ? 
_refine.ls_goodness_of_fit_obs_esd               ? 
_refine.ls_hydrogen_treatment                    ? 
_refine.ls_matrix_type                           ? 
_refine.ls_number_constraints                    ? 
_refine.ls_number_parameters                     ? 
_refine.ls_number_reflns_all                     ? 
_refine.ls_number_reflns_obs                     7657 
_refine.ls_number_reflns_R_free                  377 
_refine.ls_number_reflns_R_work                  ? 
_refine.ls_number_restraints                     ? 
_refine.ls_percent_reflns_obs                    42.3000 
_refine.ls_percent_reflns_R_free                 4.9200 
_refine.ls_R_factor_all                          ? 
_refine.ls_R_factor_obs                          0.2410 
_refine.ls_R_factor_R_free                       0.2660 
_refine.ls_R_factor_R_free_error                 ? 
_refine.ls_R_factor_R_free_error_details         ? 
_refine.ls_R_factor_R_work                       0.2390 
_refine.ls_R_Fsqd_factor_obs                     ? 
_refine.ls_R_I_factor_obs                        ? 
_refine.ls_redundancy_reflns_all                 ? 
_refine.ls_redundancy_reflns_obs                 ? 
_refine.ls_restrained_S_all                      ? 
_refine.ls_restrained_S_obs                      ? 
_refine.ls_shift_over_esd_max                    ? 
_refine.ls_shift_over_esd_mean                   ? 
_refine.ls_structure_factor_coef                 ? 
_refine.ls_weighting_details                     ? 
_refine.ls_weighting_scheme                      ? 
_refine.ls_wR_factor_all                         ? 
_refine.ls_wR_factor_obs                         ? 
_refine.ls_wR_factor_R_free                      ? 
_refine.ls_wR_factor_R_work                      ? 
_refine.occupancy_max                            ? 
_refine.occupancy_min                            ? 
_refine.solvent_model_details                    ? 
_refine.solvent_model_param_bsol                 ? 
_refine.solvent_model_param_ksol                 ? 
_refine.ls_R_factor_gt                           ? 
_refine.ls_goodness_of_fit_gt                    ? 
_refine.ls_goodness_of_fit_ref                   ? 
_refine.ls_shift_over_su_max                     ? 
_refine.ls_shift_over_su_max_lt                  ? 
_refine.ls_shift_over_su_mean                    ? 
_refine.ls_shift_over_su_mean_lt                 ? 
_refine.pdbx_ls_sigma_I                          ? 
_refine.pdbx_ls_sigma_F                          ? 
_refine.pdbx_ls_sigma_Fsqd                       ? 
_refine.pdbx_data_cutoff_high_absF               ? 
_refine.pdbx_data_cutoff_high_rms_absF           ? 
_refine.pdbx_data_cutoff_low_absF                ? 
_refine.pdbx_isotropic_thermal_model             ? 
_refine.pdbx_ls_cross_valid_method               THROUGHOUT 
_refine.pdbx_method_to_determine_struct          'AB INITIO PHASING' 
_refine.pdbx_starting_model                      ? 
_refine.pdbx_stereochemistry_target_values       ? 
_refine.pdbx_R_Free_selection_details            RANDOM 
_refine.pdbx_stereochem_target_val_spec_case     ? 
_refine.pdbx_overall_ESU_R                       ? 
_refine.pdbx_overall_ESU_R_Free                  ? 
_refine.pdbx_solvent_vdw_probe_radii             ? 
_refine.pdbx_solvent_ion_probe_radii             ? 
_refine.pdbx_solvent_shrinkage_radii             ? 
_refine.pdbx_real_space_R                        ? 
_refine.pdbx_density_correlation                 ? 
_refine.pdbx_pd_number_of_powder_patterns        ? 
_refine.pdbx_pd_number_of_points                 ? 
_refine.pdbx_pd_meas_number_of_points            ? 
_refine.pdbx_pd_proc_ls_prof_R_factor            ? 
_refine.pdbx_pd_proc_ls_prof_wR_factor           ? 
_refine.pdbx_pd_Marquardt_correlation_coeff      ? 
_refine.pdbx_pd_Fsqrd_R_factor                   ? 
_refine.pdbx_pd_ls_matrix_band_width             ? 
_refine.pdbx_overall_phase_error                 ? 
_refine.pdbx_overall_SU_R_free_Cruickshank_DPI   ? 
_refine.pdbx_overall_SU_R_free_Blow_DPI          0.3020 
_refine.pdbx_overall_SU_R_Blow_DPI               0.5400 
_refine.pdbx_TLS_residual_ADP_flag               ? 
_refine.pdbx_diffrn_id                           1 
_refine.overall_SU_B                             ? 
_refine.overall_SU_ML                            ? 
_refine.overall_SU_R_Cruickshank_DPI             ? 
_refine.overall_SU_R_free                        ? 
_refine.overall_FOM_free_R_set                   ? 
_refine.overall_FOM_work_R_set                   ? 
_refine.pdbx_average_fsc_overall                 ? 
_refine.pdbx_average_fsc_work                    ? 
_refine.pdbx_average_fsc_free                    ? 
# 
_refine_analyze.entry_id                        5TOH 
_refine_analyze.pdbx_refine_id                  'X-RAY DIFFRACTION' 
_refine_analyze.Luzzati_coordinate_error_free   ? 
_refine_analyze.Luzzati_coordinate_error_obs    0.480 
_refine_analyze.Luzzati_d_res_low_free          ? 
_refine_analyze.Luzzati_d_res_low_obs           ? 
_refine_analyze.Luzzati_sigma_a_free            ? 
_refine_analyze.Luzzati_sigma_a_free_details    ? 
_refine_analyze.Luzzati_sigma_a_obs             ? 
_refine_analyze.Luzzati_sigma_a_obs_details     ? 
_refine_analyze.number_disordered_residues      ? 
_refine_analyze.occupancy_sum_hydrogen          ? 
_refine_analyze.occupancy_sum_non_hydrogen      ? 
_refine_analyze.RG_d_res_high                   ? 
_refine_analyze.RG_d_res_low                    ? 
_refine_analyze.RG_free                         ? 
_refine_analyze.RG_work                         ? 
_refine_analyze.RG_free_work_ratio              ? 
_refine_analyze.pdbx_Luzzati_d_res_high_obs     ? 
# 
_refine_hist.cycle_id                         final 
_refine_hist.pdbx_refine_id                   'X-RAY DIFFRACTION' 
_refine_hist.d_res_high                       2.0100 
_refine_hist.d_res_low                        53.0200 
_refine_hist.pdbx_number_atoms_ligand         0 
_refine_hist.number_atoms_solvent             26 
_refine_hist.number_atoms_total               1443 
_refine_hist.pdbx_number_residues_total       175 
_refine_hist.pdbx_B_iso_mean_solvent          39.68 
_refine_hist.pdbx_number_atoms_protein        1417 
_refine_hist.pdbx_number_atoms_nucleic_acid   0 
# 
loop_
_refine_ls_restr.pdbx_refine_id 
_refine_ls_restr.criterion 
_refine_ls_restr.dev_ideal 
_refine_ls_restr.dev_ideal_target 
_refine_ls_restr.number 
_refine_ls_restr.rejects 
_refine_ls_restr.type 
_refine_ls_restr.weight 
_refine_ls_restr.pdbx_restraint_function 
'X-RAY DIFFRACTION' ? ?      ? 685  ? t_dihedral_angle_d        2.000  SINUSOIDAL   
'X-RAY DIFFRACTION' ? ?      ? 41   ? t_trig_c_planes           2.000  HARMONIC     
'X-RAY DIFFRACTION' ? ?      ? 412  ? t_gen_planes              5.000  HARMONIC     
'X-RAY DIFFRACTION' ? ?      ? 2920 ? t_it                      20.000 HARMONIC     
'X-RAY DIFFRACTION' ? ?      ? 3    ? t_nbd                     5.000  SEMIHARMONIC 
'X-RAY DIFFRACTION' ? ?      ? ?    ? t_improper_torsion        ?      ?            
'X-RAY DIFFRACTION' ? ?      ? ?    ? t_pseud_angle             ?      ?            
'X-RAY DIFFRACTION' ? ?      ? 215  ? t_chiral_improper_torsion 5.000  SEMIHARMONIC 
'X-RAY DIFFRACTION' ? ?      ? ?    ? t_sum_occupancies         ?      ?            
'X-RAY DIFFRACTION' ? ?      ? ?    ? t_utility_distance        ?      ?            
'X-RAY DIFFRACTION' ? ?      ? ?    ? t_utility_angle           ?      ?            
'X-RAY DIFFRACTION' ? ?      ? ?    ? t_utility_torsion         ?      ?            
'X-RAY DIFFRACTION' ? ?      ? 3007 ? t_ideal_dist_contact      4.000  SEMIHARMONIC 
'X-RAY DIFFRACTION' ? 0.009  ? 2920 ? t_bond_d                  2.000  HARMONIC     
'X-RAY DIFFRACTION' ? 0.960  ? 5328 ? t_angle_deg               2.000  HARMONIC     
'X-RAY DIFFRACTION' ? 4.460  ? ?    ? t_omega_torsion           ?      ?            
'X-RAY DIFFRACTION' ? 15.130 ? ?    ? t_other_torsion           ?      ?            
# 
_refine_ls_shell.pdbx_refine_id                   'X-RAY DIFFRACTION' 
_refine_ls_shell.d_res_high                       2.0100 
_refine_ls_shell.d_res_low                        2.2500 
_refine_ls_shell.number_reflns_all                207 
_refine_ls_shell.number_reflns_obs                ? 
_refine_ls_shell.number_reflns_R_free             9 
_refine_ls_shell.number_reflns_R_work             198 
_refine_ls_shell.percent_reflns_obs               4.0600 
_refine_ls_shell.percent_reflns_R_free            4.3500 
_refine_ls_shell.R_factor_all                     ? 
_refine_ls_shell.R_factor_obs                     ? 
_refine_ls_shell.R_factor_R_free                  0.2380 
_refine_ls_shell.R_factor_R_free_error            ? 
_refine_ls_shell.R_factor_R_work                  0.2400 
_refine_ls_shell.redundancy_reflns_all            ? 
_refine_ls_shell.redundancy_reflns_obs            ? 
_refine_ls_shell.wR_factor_all                    ? 
_refine_ls_shell.wR_factor_obs                    ? 
_refine_ls_shell.wR_factor_R_free                 ? 
_refine_ls_shell.wR_factor_R_work                 ? 
_refine_ls_shell.pdbx_total_number_of_bins_used   5 
_refine_ls_shell.pdbx_phase_error                 ? 
_refine_ls_shell.pdbx_fsc_work                    ? 
_refine_ls_shell.pdbx_fsc_free                    ? 
# 
_struct.entry_id                     5TOH 
_struct.title                        'Crystal Structure of the Marburg Virus VP35 Oligomerization Domain I2' 
_struct.pdbx_model_details           ? 
_struct.pdbx_formula_weight          ? 
_struct.pdbx_formula_weight_method   ? 
_struct.pdbx_model_type_details      ? 
_struct.pdbx_CASP_flag               N 
# 
_struct_keywords.entry_id        5TOH 
_struct_keywords.text            'polymerase cofactor, coiled coil, oligomerization, trimer, VIRAL PROTEIN' 
_struct_keywords.pdbx_keywords   'VIRAL PROTEIN' 
# 
loop_
_struct_asym.id 
_struct_asym.pdbx_blank_PDB_chainid_flag 
_struct_asym.pdbx_modified 
_struct_asym.entity_id 
_struct_asym.details 
A N N 1 ? 
B N N 1 ? 
C N N 1 ? 
D N N 2 ? 
E N N 2 ? 
F N N 2 ? 
# 
_struct_ref.id                         1 
_struct_ref.db_name                    UNP 
_struct_ref.db_code                    VP35_MABVM 
_struct_ref.pdbx_db_accession          P35259 
_struct_ref.pdbx_db_isoform            ? 
_struct_ref.entity_id                  1 
_struct_ref.pdbx_seq_one_letter_code   DIIWDQLIVKRTLADLLIPINRQISDIQSTLSEVTTRVHEIERQLHEITPVLKMGRTLEAISKGMSEMLAK 
_struct_ref.pdbx_align_begin           60 
# 
loop_
_struct_ref_seq.align_id 
_struct_ref_seq.ref_id 
_struct_ref_seq.pdbx_PDB_id_code 
_struct_ref_seq.pdbx_strand_id 
_struct_ref_seq.seq_align_beg 
_struct_ref_seq.pdbx_seq_align_beg_ins_code 
_struct_ref_seq.seq_align_end 
_struct_ref_seq.pdbx_seq_align_end_ins_code 
_struct_ref_seq.pdbx_db_accession 
_struct_ref_seq.db_align_beg 
_struct_ref_seq.pdbx_db_align_beg_ins_code 
_struct_ref_seq.db_align_end 
_struct_ref_seq.pdbx_db_align_end_ins_code 
_struct_ref_seq.pdbx_auth_seq_align_beg 
_struct_ref_seq.pdbx_auth_seq_align_end 
1 1 5TOH A 2 ? 72 ? P35259 60 ? 130 ? 2 72 
2 1 5TOH B 2 ? 72 ? P35259 60 ? 130 ? 2 72 
3 1 5TOH C 2 ? 72 ? P35259 60 ? 130 ? 2 72 
# 
loop_
_struct_ref_seq_dif.align_id 
_struct_ref_seq_dif.pdbx_pdb_id_code 
_struct_ref_seq_dif.mon_id 
_struct_ref_seq_dif.pdbx_pdb_strand_id 
_struct_ref_seq_dif.seq_num 
_struct_ref_seq_dif.pdbx_pdb_ins_code 
_struct_ref_seq_dif.pdbx_seq_db_name 
_struct_ref_seq_dif.pdbx_seq_db_accession_code 
_struct_ref_seq_dif.db_mon_id 
_struct_ref_seq_dif.pdbx_seq_db_seq_num 
_struct_ref_seq_dif.details 
_struct_ref_seq_dif.pdbx_auth_seq_num 
_struct_ref_seq_dif.pdbx_ordinal 
1 5TOH GLY A 1 ? UNP P35259 ? ? 'expression tag' 1 1 
2 5TOH GLY B 1 ? UNP P35259 ? ? 'expression tag' 1 2 
3 5TOH GLY C 1 ? UNP P35259 ? ? 'expression tag' 1 3 
# 
_pdbx_struct_assembly.id                   1 
_pdbx_struct_assembly.details              author_and_software_defined_assembly 
_pdbx_struct_assembly.method_details       PISA 
_pdbx_struct_assembly.oligomeric_details   trimeric 
_pdbx_struct_assembly.oligomeric_count     3 
# 
loop_
_pdbx_struct_assembly_prop.biol_id 
_pdbx_struct_assembly_prop.type 
_pdbx_struct_assembly_prop.value 
_pdbx_struct_assembly_prop.details 
1 'ABSA (A^2)' 5200  ? 
1 MORE         -50   ? 
1 'SSA (A^2)'  12300 ? 
# 
_pdbx_struct_assembly_gen.assembly_id       1 
_pdbx_struct_assembly_gen.oper_expression   1 
_pdbx_struct_assembly_gen.asym_id_list      A,B,C,D,E,F 
# 
_pdbx_struct_oper_list.id                   1 
_pdbx_struct_oper_list.type                 'identity operation' 
_pdbx_struct_oper_list.name                 1_555 
_pdbx_struct_oper_list.symmetry_operation   x,y,z 
_pdbx_struct_oper_list.matrix[1][1]         1.0000000000 
_pdbx_struct_oper_list.matrix[1][2]         0.0000000000 
_pdbx_struct_oper_list.matrix[1][3]         0.0000000000 
_pdbx_struct_oper_list.vector[1]            0.0000000000 
_pdbx_struct_oper_list.matrix[2][1]         0.0000000000 
_pdbx_struct_oper_list.matrix[2][2]         1.0000000000 
_pdbx_struct_oper_list.matrix[2][3]         0.0000000000 
_pdbx_struct_oper_list.vector[2]            0.0000000000 
_pdbx_struct_oper_list.matrix[3][1]         0.0000000000 
_pdbx_struct_oper_list.matrix[3][2]         0.0000000000 
_pdbx_struct_oper_list.matrix[3][3]         1.0000000000 
_pdbx_struct_oper_list.vector[3]            0.0000000000 
# 
loop_
_struct_conf.conf_type_id 
_struct_conf.id 
_struct_conf.pdbx_PDB_helix_id 
_struct_conf.beg_label_comp_id 
_struct_conf.beg_label_asym_id 
_struct_conf.beg_label_seq_id 
_struct_conf.pdbx_beg_PDB_ins_code 
_struct_conf.end_label_comp_id 
_struct_conf.end_label_asym_id 
_struct_conf.end_label_seq_id 
_struct_conf.pdbx_end_PDB_ins_code 
_struct_conf.beg_auth_comp_id 
_struct_conf.beg_auth_asym_id 
_struct_conf.beg_auth_seq_id 
_struct_conf.end_auth_comp_id 
_struct_conf.end_auth_asym_id 
_struct_conf.end_auth_seq_id 
_struct_conf.pdbx_PDB_helix_class 
_struct_conf.details 
_struct_conf.pdbx_PDB_helix_length 
HELX_P HELX_P1 AA1 ASP A 2  ? LEU A 18 ? ASP A 2  LEU A 18 1 ? 17 
HELX_P HELX_P2 AA2 LEU A 18 ? GLU A 48 ? LEU A 18 GLU A 48 1 ? 31 
HELX_P HELX_P3 AA3 ASP B 2  ? LEU B 18 ? ASP B 2  LEU B 18 1 ? 17 
HELX_P HELX_P4 AA4 LEU B 18 ? LEU B 70 ? LEU B 18 LEU B 70 1 ? 53 
HELX_P HELX_P5 AA5 ILE C 3  ? ILE C 49 ? ILE C 3  ILE C 49 1 ? 47 
# 
_struct_conf_type.id          HELX_P 
_struct_conf_type.criteria    ? 
_struct_conf_type.reference   ? 
# 
_pdbx_validate_torsion.id              1 
_pdbx_validate_torsion.PDB_model_num   1 
_pdbx_validate_torsion.auth_comp_id    ASP 
_pdbx_validate_torsion.auth_asym_id    B 
_pdbx_validate_torsion.auth_seq_id     2 
_pdbx_validate_torsion.PDB_ins_code    ? 
_pdbx_validate_torsion.label_alt_id    ? 
_pdbx_validate_torsion.phi             -101.34 
_pdbx_validate_torsion.psi             -78.79 
# 
loop_
_pdbx_unobs_or_zero_occ_residues.id 
_pdbx_unobs_or_zero_occ_residues.PDB_model_num 
_pdbx_unobs_or_zero_occ_residues.polymer_flag 
_pdbx_unobs_or_zero_occ_residues.occupancy_flag 
_pdbx_unobs_or_zero_occ_residues.auth_asym_id 
_pdbx_unobs_or_zero_occ_residues.auth_comp_id 
_pdbx_unobs_or_zero_occ_residues.auth_seq_id 
_pdbx_unobs_or_zero_occ_residues.PDB_ins_code 
_pdbx_unobs_or_zero_occ_residues.label_asym_id 
_pdbx_unobs_or_zero_occ_residues.label_comp_id 
_pdbx_unobs_or_zero_occ_residues.label_seq_id 
1  1 Y 1 A LEU 53 ? A LEU 53 
2  1 Y 1 A LYS 54 ? A LYS 54 
3  1 Y 1 A MET 55 ? A MET 55 
4  1 Y 1 A GLY 56 ? A GLY 56 
5  1 Y 1 A ARG 57 ? A ARG 57 
6  1 Y 1 A THR 58 ? A THR 58 
7  1 Y 1 A LEU 59 ? A LEU 59 
8  1 Y 1 A GLU 60 ? A GLU 60 
9  1 Y 1 A ALA 61 ? A ALA 61 
10 1 Y 1 A ILE 62 ? A ILE 62 
11 1 Y 1 A SER 63 ? A SER 63 
12 1 Y 1 A LYS 64 ? A LYS 64 
13 1 Y 1 A GLY 65 ? A GLY 65 
14 1 Y 1 A MET 66 ? A MET 66 
15 1 Y 1 A SER 67 ? A SER 67 
16 1 Y 1 A GLU 68 ? A GLU 68 
17 1 Y 1 A MET 69 ? A MET 69 
18 1 Y 1 A LEU 70 ? A LEU 70 
19 1 Y 1 A ALA 71 ? A ALA 71 
20 1 Y 1 A LYS 72 ? A LYS 72 
21 1 Y 1 B ALA 71 ? B ALA 71 
22 1 Y 1 B LYS 72 ? B LYS 72 
23 1 Y 1 C GLY 1  ? C GLY 1  
24 1 Y 1 C MET 55 ? C MET 55 
25 1 Y 1 C GLY 56 ? C GLY 56 
26 1 Y 1 C ARG 57 ? C ARG 57 
27 1 Y 1 C THR 58 ? C THR 58 
28 1 Y 1 C LEU 59 ? C LEU 59 
29 1 Y 1 C GLU 60 ? C GLU 60 
30 1 Y 1 C ALA 61 ? C ALA 61 
31 1 Y 1 C ILE 62 ? C ILE 62 
32 1 Y 1 C SER 63 ? C SER 63 
33 1 Y 1 C LYS 64 ? C LYS 64 
34 1 Y 1 C GLY 65 ? C GLY 65 
35 1 Y 1 C MET 66 ? C MET 66 
36 1 Y 1 C SER 67 ? C SER 67 
37 1 Y 1 C GLU 68 ? C GLU 68 
38 1 Y 1 C MET 69 ? C MET 69 
39 1 Y 1 C LEU 70 ? C LEU 70 
40 1 Y 1 C ALA 71 ? C ALA 71 
41 1 Y 1 C LYS 72 ? C LYS 72 
# 
loop_
_chem_comp_atom.comp_id 
_chem_comp_atom.atom_id 
_chem_comp_atom.type_symbol 
_chem_comp_atom.pdbx_aromatic_flag 
_chem_comp_atom.pdbx_stereo_config 
_chem_comp_atom.pdbx_ordinal 
ALA N    N N N 1   
ALA CA   C N S 2   
ALA C    C N N 3   
ALA O    O N N 4   
ALA CB   C N N 5   
ALA OXT  O N N 6   
ALA H    H N N 7   
ALA H2   H N N 8   
ALA HA   H N N 9   
ALA HB1  H N N 10  
ALA HB2  H N N 11  
ALA HB3  H N N 12  
ALA HXT  H N N 13  
ARG N    N N N 14  
ARG CA   C N S 15  
ARG C    C N N 16  
ARG O    O N N 17  
ARG CB   C N N 18  
ARG CG   C N N 19  
ARG CD   C N N 20  
ARG NE   N N N 21  
ARG CZ   C N N 22  
ARG NH1  N N N 23  
ARG NH2  N N N 24  
ARG OXT  O N N 25  
ARG H    H N N 26  
ARG H2   H N N 27  
ARG HA   H N N 28  
ARG HB2  H N N 29  
ARG HB3  H N N 30  
ARG HG2  H N N 31  
ARG HG3  H N N 32  
ARG HD2  H N N 33  
ARG HD3  H N N 34  
ARG HE   H N N 35  
ARG HH11 H N N 36  
ARG HH12 H N N 37  
ARG HH21 H N N 38  
ARG HH22 H N N 39  
ARG HXT  H N N 40  
ASN N    N N N 41  
ASN CA   C N S 42  
ASN C    C N N 43  
ASN O    O N N 44  
ASN CB   C N N 45  
ASN CG   C N N 46  
ASN OD1  O N N 47  
ASN ND2  N N N 48  
ASN OXT  O N N 49  
ASN H    H N N 50  
ASN H2   H N N 51  
ASN HA   H N N 52  
ASN HB2  H N N 53  
ASN HB3  H N N 54  
ASN HD21 H N N 55  
ASN HD22 H N N 56  
ASN HXT  H N N 57  
ASP N    N N N 58  
ASP CA   C N S 59  
ASP C    C N N 60  
ASP O    O N N 61  
ASP CB   C N N 62  
ASP CG   C N N 63  
ASP OD1  O N N 64  
ASP OD2  O N N 65  
ASP OXT  O N N 66  
ASP H    H N N 67  
ASP H2   H N N 68  
ASP HA   H N N 69  
ASP HB2  H N N 70  
ASP HB3  H N N 71  
ASP HD2  H N N 72  
ASP HXT  H N N 73  
GLN N    N N N 74  
GLN CA   C N S 75  
GLN C    C N N 76  
GLN O    O N N 77  
GLN CB   C N N 78  
GLN CG   C N N 79  
GLN CD   C N N 80  
GLN OE1  O N N 81  
GLN NE2  N N N 82  
GLN OXT  O N N 83  
GLN H    H N N 84  
GLN H2   H N N 85  
GLN HA   H N N 86  
GLN HB2  H N N 87  
GLN HB3  H N N 88  
GLN HG2  H N N 89  
GLN HG3  H N N 90  
GLN HE21 H N N 91  
GLN HE22 H N N 92  
GLN HXT  H N N 93  
GLU N    N N N 94  
GLU CA   C N S 95  
GLU C    C N N 96  
GLU O    O N N 97  
GLU CB   C N N 98  
GLU CG   C N N 99  
GLU CD   C N N 100 
GLU OE1  O N N 101 
GLU OE2  O N N 102 
GLU OXT  O N N 103 
GLU H    H N N 104 
GLU H2   H N N 105 
GLU HA   H N N 106 
GLU HB2  H N N 107 
GLU HB3  H N N 108 
GLU HG2  H N N 109 
GLU HG3  H N N 110 
GLU HE2  H N N 111 
GLU HXT  H N N 112 
GLY N    N N N 113 
GLY CA   C N N 114 
GLY C    C N N 115 
GLY O    O N N 116 
GLY OXT  O N N 117 
GLY H    H N N 118 
GLY H2   H N N 119 
GLY HA2  H N N 120 
GLY HA3  H N N 121 
GLY HXT  H N N 122 
HIS N    N N N 123 
HIS CA   C N S 124 
HIS C    C N N 125 
HIS O    O N N 126 
HIS CB   C N N 127 
HIS CG   C Y N 128 
HIS ND1  N Y N 129 
HIS CD2  C Y N 130 
HIS CE1  C Y N 131 
HIS NE2  N Y N 132 
HIS OXT  O N N 133 
HIS H    H N N 134 
HIS H2   H N N 135 
HIS HA   H N N 136 
HIS HB2  H N N 137 
HIS HB3  H N N 138 
HIS HD1  H N N 139 
HIS HD2  H N N 140 
HIS HE1  H N N 141 
HIS HE2  H N N 142 
HIS HXT  H N N 143 
HOH O    O N N 144 
HOH H1   H N N 145 
HOH H2   H N N 146 
ILE N    N N N 147 
ILE CA   C N S 148 
ILE C    C N N 149 
ILE O    O N N 150 
ILE CB   C N S 151 
ILE CG1  C N N 152 
ILE CG2  C N N 153 
ILE CD1  C N N 154 
ILE OXT  O N N 155 
ILE H    H N N 156 
ILE H2   H N N 157 
ILE HA   H N N 158 
ILE HB   H N N 159 
ILE HG12 H N N 160 
ILE HG13 H N N 161 
ILE HG21 H N N 162 
ILE HG22 H N N 163 
ILE HG23 H N N 164 
ILE HD11 H N N 165 
ILE HD12 H N N 166 
ILE HD13 H N N 167 
ILE HXT  H N N 168 
LEU N    N N N 169 
LEU CA   C N S 170 
LEU C    C N N 171 
LEU O    O N N 172 
LEU CB   C N N 173 
LEU CG   C N N 174 
LEU CD1  C N N 175 
LEU CD2  C N N 176 
LEU OXT  O N N 177 
LEU H    H N N 178 
LEU H2   H N N 179 
LEU HA   H N N 180 
LEU HB2  H N N 181 
LEU HB3  H N N 182 
LEU HG   H N N 183 
LEU HD11 H N N 184 
LEU HD12 H N N 185 
LEU HD13 H N N 186 
LEU HD21 H N N 187 
LEU HD22 H N N 188 
LEU HD23 H N N 189 
LEU HXT  H N N 190 
LYS N    N N N 191 
LYS CA   C N S 192 
LYS C    C N N 193 
LYS O    O N N 194 
LYS CB   C N N 195 
LYS CG   C N N 196 
LYS CD   C N N 197 
LYS CE   C N N 198 
LYS NZ   N N N 199 
LYS OXT  O N N 200 
LYS H    H N N 201 
LYS H2   H N N 202 
LYS HA   H N N 203 
LYS HB2  H N N 204 
LYS HB3  H N N 205 
LYS HG2  H N N 206 
LYS HG3  H N N 207 
LYS HD2  H N N 208 
LYS HD3  H N N 209 
LYS HE2  H N N 210 
LYS HE3  H N N 211 
LYS HZ1  H N N 212 
LYS HZ2  H N N 213 
LYS HZ3  H N N 214 
LYS HXT  H N N 215 
MET N    N N N 216 
MET CA   C N S 217 
MET C    C N N 218 
MET O    O N N 219 
MET CB   C N N 220 
MET CG   C N N 221 
MET SD   S N N 222 
MET CE   C N N 223 
MET OXT  O N N 224 
MET H    H N N 225 
MET H2   H N N 226 
MET HA   H N N 227 
MET HB2  H N N 228 
MET HB3  H N N 229 
MET HG2  H N N 230 
MET HG3  H N N 231 
MET HE1  H N N 232 
MET HE2  H N N 233 
MET HE3  H N N 234 
MET HXT  H N N 235 
PRO N    N N N 236 
PRO CA   C N S 237 
PRO C    C N N 238 
PRO O    O N N 239 
PRO CB   C N N 240 
PRO CG   C N N 241 
PRO CD   C N N 242 
PRO OXT  O N N 243 
PRO H    H N N 244 
PRO HA   H N N 245 
PRO HB2  H N N 246 
PRO HB3  H N N 247 
PRO HG2  H N N 248 
PRO HG3  H N N 249 
PRO HD2  H N N 250 
PRO HD3  H N N 251 
PRO HXT  H N N 252 
SER N    N N N 253 
SER CA   C N S 254 
SER C    C N N 255 
SER O    O N N 256 
SER CB   C N N 257 
SER OG   O N N 258 
SER OXT  O N N 259 
SER H    H N N 260 
SER H2   H N N 261 
SER HA   H N N 262 
SER HB2  H N N 263 
SER HB3  H N N 264 
SER HG   H N N 265 
SER HXT  H N N 266 
THR N    N N N 267 
THR CA   C N S 268 
THR C    C N N 269 
THR O    O N N 270 
THR CB   C N R 271 
THR OG1  O N N 272 
THR CG2  C N N 273 
THR OXT  O N N 274 
THR H    H N N 275 
THR H2   H N N 276 
THR HA   H N N 277 
THR HB   H N N 278 
THR HG1  H N N 279 
THR HG21 H N N 280 
THR HG22 H N N 281 
THR HG23 H N N 282 
THR HXT  H N N 283 
TRP N    N N N 284 
TRP CA   C N S 285 
TRP C    C N N 286 
TRP O    O N N 287 
TRP CB   C N N 288 
TRP CG   C Y N 289 
TRP CD1  C Y N 290 
TRP CD2  C Y N 291 
TRP NE1  N Y N 292 
TRP CE2  C Y N 293 
TRP CE3  C Y N 294 
TRP CZ2  C Y N 295 
TRP CZ3  C Y N 296 
TRP CH2  C Y N 297 
TRP OXT  O N N 298 
TRP H    H N N 299 
TRP H2   H N N 300 
TRP HA   H N N 301 
TRP HB2  H N N 302 
TRP HB3  H N N 303 
TRP HD1  H N N 304 
TRP HE1  H N N 305 
TRP HE3  H N N 306 
TRP HZ2  H N N 307 
TRP HZ3  H N N 308 
TRP HH2  H N N 309 
TRP HXT  H N N 310 
VAL N    N N N 311 
VAL CA   C N S 312 
VAL C    C N N 313 
VAL O    O N N 314 
VAL CB   C N N 315 
VAL CG1  C N N 316 
VAL CG2  C N N 317 
VAL OXT  O N N 318 
VAL H    H N N 319 
VAL H2   H N N 320 
VAL HA   H N N 321 
VAL HB   H N N 322 
VAL HG11 H N N 323 
VAL HG12 H N N 324 
VAL HG13 H N N 325 
VAL HG21 H N N 326 
VAL HG22 H N N 327 
VAL HG23 H N N 328 
VAL HXT  H N N 329 
# 
loop_
_chem_comp_bond.comp_id 
_chem_comp_bond.atom_id_1 
_chem_comp_bond.atom_id_2 
_chem_comp_bond.value_order 
_chem_comp_bond.pdbx_aromatic_flag 
_chem_comp_bond.pdbx_stereo_config 
_chem_comp_bond.pdbx_ordinal 
ALA N   CA   sing N N 1   
ALA N   H    sing N N 2   
ALA N   H2   sing N N 3   
ALA CA  C    sing N N 4   
ALA CA  CB   sing N N 5   
ALA CA  HA   sing N N 6   
ALA C   O    doub N N 7   
ALA C   OXT  sing N N 8   
ALA CB  HB1  sing N N 9   
ALA CB  HB2  sing N N 10  
ALA CB  HB3  sing N N 11  
ALA OXT HXT  sing N N 12  
ARG N   CA   sing N N 13  
ARG N   H    sing N N 14  
ARG N   H2   sing N N 15  
ARG CA  C    sing N N 16  
ARG CA  CB   sing N N 17  
ARG CA  HA   sing N N 18  
ARG C   O    doub N N 19  
ARG C   OXT  sing N N 20  
ARG CB  CG   sing N N 21  
ARG CB  HB2  sing N N 22  
ARG CB  HB3  sing N N 23  
ARG CG  CD   sing N N 24  
ARG CG  HG2  sing N N 25  
ARG CG  HG3  sing N N 26  
ARG CD  NE   sing N N 27  
ARG CD  HD2  sing N N 28  
ARG CD  HD3  sing N N 29  
ARG NE  CZ   sing N N 30  
ARG NE  HE   sing N N 31  
ARG CZ  NH1  sing N N 32  
ARG CZ  NH2  doub N N 33  
ARG NH1 HH11 sing N N 34  
ARG NH1 HH12 sing N N 35  
ARG NH2 HH21 sing N N 36  
ARG NH2 HH22 sing N N 37  
ARG OXT HXT  sing N N 38  
ASN N   CA   sing N N 39  
ASN N   H    sing N N 40  
ASN N   H2   sing N N 41  
ASN CA  C    sing N N 42  
ASN CA  CB   sing N N 43  
ASN CA  HA   sing N N 44  
ASN C   O    doub N N 45  
ASN C   OXT  sing N N 46  
ASN CB  CG   sing N N 47  
ASN CB  HB2  sing N N 48  
ASN CB  HB3  sing N N 49  
ASN CG  OD1  doub N N 50  
ASN CG  ND2  sing N N 51  
ASN ND2 HD21 sing N N 52  
ASN ND2 HD22 sing N N 53  
ASN OXT HXT  sing N N 54  
ASP N   CA   sing N N 55  
ASP N   H    sing N N 56  
ASP N   H2   sing N N 57  
ASP CA  C    sing N N 58  
ASP CA  CB   sing N N 59  
ASP CA  HA   sing N N 60  
ASP C   O    doub N N 61  
ASP C   OXT  sing N N 62  
ASP CB  CG   sing N N 63  
ASP CB  HB2  sing N N 64  
ASP CB  HB3  sing N N 65  
ASP CG  OD1  doub N N 66  
ASP CG  OD2  sing N N 67  
ASP OD2 HD2  sing N N 68  
ASP OXT HXT  sing N N 69  
GLN N   CA   sing N N 70  
GLN N   H    sing N N 71  
GLN N   H2   sing N N 72  
GLN CA  C    sing N N 73  
GLN CA  CB   sing N N 74  
GLN CA  HA   sing N N 75  
GLN C   O    doub N N 76  
GLN C   OXT  sing N N 77  
GLN CB  CG   sing N N 78  
GLN CB  HB2  sing N N 79  
GLN CB  HB3  sing N N 80  
GLN CG  CD   sing N N 81  
GLN CG  HG2  sing N N 82  
GLN CG  HG3  sing N N 83  
GLN CD  OE1  doub N N 84  
GLN CD  NE2  sing N N 85  
GLN NE2 HE21 sing N N 86  
GLN NE2 HE22 sing N N 87  
GLN OXT HXT  sing N N 88  
GLU N   CA   sing N N 89  
GLU N   H    sing N N 90  
GLU N   H2   sing N N 91  
GLU CA  C    sing N N 92  
GLU CA  CB   sing N N 93  
GLU CA  HA   sing N N 94  
GLU C   O    doub N N 95  
GLU C   OXT  sing N N 96  
GLU CB  CG   sing N N 97  
GLU CB  HB2  sing N N 98  
GLU CB  HB3  sing N N 99  
GLU CG  CD   sing N N 100 
GLU CG  HG2  sing N N 101 
GLU CG  HG3  sing N N 102 
GLU CD  OE1  doub N N 103 
GLU CD  OE2  sing N N 104 
GLU OE2 HE2  sing N N 105 
GLU OXT HXT  sing N N 106 
GLY N   CA   sing N N 107 
GLY N   H    sing N N 108 
GLY N   H2   sing N N 109 
GLY CA  C    sing N N 110 
GLY CA  HA2  sing N N 111 
GLY CA  HA3  sing N N 112 
GLY C   O    doub N N 113 
GLY C   OXT  sing N N 114 
GLY OXT HXT  sing N N 115 
HIS N   CA   sing N N 116 
HIS N   H    sing N N 117 
HIS N   H2   sing N N 118 
HIS CA  C    sing N N 119 
HIS CA  CB   sing N N 120 
HIS CA  HA   sing N N 121 
HIS C   O    doub N N 122 
HIS C   OXT  sing N N 123 
HIS CB  CG   sing N N 124 
HIS CB  HB2  sing N N 125 
HIS CB  HB3  sing N N 126 
HIS CG  ND1  sing Y N 127 
HIS CG  CD2  doub Y N 128 
HIS ND1 CE1  doub Y N 129 
HIS ND1 HD1  sing N N 130 
HIS CD2 NE2  sing Y N 131 
HIS CD2 HD2  sing N N 132 
HIS CE1 NE2  sing Y N 133 
HIS CE1 HE1  sing N N 134 
HIS NE2 HE2  sing N N 135 
HIS OXT HXT  sing N N 136 
HOH O   H1   sing N N 137 
HOH O   H2   sing N N 138 
ILE N   CA   sing N N 139 
ILE N   H    sing N N 140 
ILE N   H2   sing N N 141 
ILE CA  C    sing N N 142 
ILE CA  CB   sing N N 143 
ILE CA  HA   sing N N 144 
ILE C   O    doub N N 145 
ILE C   OXT  sing N N 146 
ILE CB  CG1  sing N N 147 
ILE CB  CG2  sing N N 148 
ILE CB  HB   sing N N 149 
ILE CG1 CD1  sing N N 150 
ILE CG1 HG12 sing N N 151 
ILE CG1 HG13 sing N N 152 
ILE CG2 HG21 sing N N 153 
ILE CG2 HG22 sing N N 154 
ILE CG2 HG23 sing N N 155 
ILE CD1 HD11 sing N N 156 
ILE CD1 HD12 sing N N 157 
ILE CD1 HD13 sing N N 158 
ILE OXT HXT  sing N N 159 
LEU N   CA   sing N N 160 
LEU N   H    sing N N 161 
LEU N   H2   sing N N 162 
LEU CA  C    sing N N 163 
LEU CA  CB   sing N N 164 
LEU CA  HA   sing N N 165 
LEU C   O    doub N N 166 
LEU C   OXT  sing N N 167 
LEU CB  CG   sing N N 168 
LEU CB  HB2  sing N N 169 
LEU CB  HB3  sing N N 170 
LEU CG  CD1  sing N N 171 
LEU CG  CD2  sing N N 172 
LEU CG  HG   sing N N 173 
LEU CD1 HD11 sing N N 174 
LEU CD1 HD12 sing N N 175 
LEU CD1 HD13 sing N N 176 
LEU CD2 HD21 sing N N 177 
LEU CD2 HD22 sing N N 178 
LEU CD2 HD23 sing N N 179 
LEU OXT HXT  sing N N 180 
LYS N   CA   sing N N 181 
LYS N   H    sing N N 182 
LYS N   H2   sing N N 183 
LYS CA  C    sing N N 184 
LYS CA  CB   sing N N 185 
LYS CA  HA   sing N N 186 
LYS C   O    doub N N 187 
LYS C   OXT  sing N N 188 
LYS CB  CG   sing N N 189 
LYS CB  HB2  sing N N 190 
LYS CB  HB3  sing N N 191 
LYS CG  CD   sing N N 192 
LYS CG  HG2  sing N N 193 
LYS CG  HG3  sing N N 194 
LYS CD  CE   sing N N 195 
LYS CD  HD2  sing N N 196 
LYS CD  HD3  sing N N 197 
LYS CE  NZ   sing N N 198 
LYS CE  HE2  sing N N 199 
LYS CE  HE3  sing N N 200 
LYS NZ  HZ1  sing N N 201 
LYS NZ  HZ2  sing N N 202 
LYS NZ  HZ3  sing N N 203 
LYS OXT HXT  sing N N 204 
MET N   CA   sing N N 205 
MET N   H    sing N N 206 
MET N   H2   sing N N 207 
MET CA  C    sing N N 208 
MET CA  CB   sing N N 209 
MET CA  HA   sing N N 210 
MET C   O    doub N N 211 
MET C   OXT  sing N N 212 
MET CB  CG   sing N N 213 
MET CB  HB2  sing N N 214 
MET CB  HB3  sing N N 215 
MET CG  SD   sing N N 216 
MET CG  HG2  sing N N 217 
MET CG  HG3  sing N N 218 
MET SD  CE   sing N N 219 
MET CE  HE1  sing N N 220 
MET CE  HE2  sing N N 221 
MET CE  HE3  sing N N 222 
MET OXT HXT  sing N N 223 
PRO N   CA   sing N N 224 
PRO N   CD   sing N N 225 
PRO N   H    sing N N 226 
PRO CA  C    sing N N 227 
PRO CA  CB   sing N N 228 
PRO CA  HA   sing N N 229 
PRO C   O    doub N N 230 
PRO C   OXT  sing N N 231 
PRO CB  CG   sing N N 232 
PRO CB  HB2  sing N N 233 
PRO CB  HB3  sing N N 234 
PRO CG  CD   sing N N 235 
PRO CG  HG2  sing N N 236 
PRO CG  HG3  sing N N 237 
PRO CD  HD2  sing N N 238 
PRO CD  HD3  sing N N 239 
PRO OXT HXT  sing N N 240 
SER N   CA   sing N N 241 
SER N   H    sing N N 242 
SER N   H2   sing N N 243 
SER CA  C    sing N N 244 
SER CA  CB   sing N N 245 
SER CA  HA   sing N N 246 
SER C   O    doub N N 247 
SER C   OXT  sing N N 248 
SER CB  OG   sing N N 249 
SER CB  HB2  sing N N 250 
SER CB  HB3  sing N N 251 
SER OG  HG   sing N N 252 
SER OXT HXT  sing N N 253 
THR N   CA   sing N N 254 
THR N   H    sing N N 255 
THR N   H2   sing N N 256 
THR CA  C    sing N N 257 
THR CA  CB   sing N N 258 
THR CA  HA   sing N N 259 
THR C   O    doub N N 260 
THR C   OXT  sing N N 261 
THR CB  OG1  sing N N 262 
THR CB  CG2  sing N N 263 
THR CB  HB   sing N N 264 
THR OG1 HG1  sing N N 265 
THR CG2 HG21 sing N N 266 
THR CG2 HG22 sing N N 267 
THR CG2 HG23 sing N N 268 
THR OXT HXT  sing N N 269 
TRP N   CA   sing N N 270 
TRP N   H    sing N N 271 
TRP N   H2   sing N N 272 
TRP CA  C    sing N N 273 
TRP CA  CB   sing N N 274 
TRP CA  HA   sing N N 275 
TRP C   O    doub N N 276 
TRP C   OXT  sing N N 277 
TRP CB  CG   sing N N 278 
TRP CB  HB2  sing N N 279 
TRP CB  HB3  sing N N 280 
TRP CG  CD1  doub Y N 281 
TRP CG  CD2  sing Y N 282 
TRP CD1 NE1  sing Y N 283 
TRP CD1 HD1  sing N N 284 
TRP CD2 CE2  doub Y N 285 
TRP CD2 CE3  sing Y N 286 
TRP NE1 CE2  sing Y N 287 
TRP NE1 HE1  sing N N 288 
TRP CE2 CZ2  sing Y N 289 
TRP CE3 CZ3  doub Y N 290 
TRP CE3 HE3  sing N N 291 
TRP CZ2 CH2  doub Y N 292 
TRP CZ2 HZ2  sing N N 293 
TRP CZ3 CH2  sing Y N 294 
TRP CZ3 HZ3  sing N N 295 
TRP CH2 HH2  sing N N 296 
TRP OXT HXT  sing N N 297 
VAL N   CA   sing N N 298 
VAL N   H    sing N N 299 
VAL N   H2   sing N N 300 
VAL CA  C    sing N N 301 
VAL CA  CB   sing N N 302 
VAL CA  HA   sing N N 303 
VAL C   O    doub N N 304 
VAL C   OXT  sing N N 305 
VAL CB  CG1  sing N N 306 
VAL CB  CG2  sing N N 307 
VAL CB  HB   sing N N 308 
VAL CG1 HG11 sing N N 309 
VAL CG1 HG12 sing N N 310 
VAL CG1 HG13 sing N N 311 
VAL CG2 HG21 sing N N 312 
VAL CG2 HG22 sing N N 313 
VAL CG2 HG23 sing N N 314 
VAL OXT HXT  sing N N 315 
# 
loop_
_pdbx_audit_support.funding_organization 
_pdbx_audit_support.country 
_pdbx_audit_support.grant_number 
_pdbx_audit_support.ordinal 
'National Institutes of Health/National Institute Of Allergy and Infectious Diseases (NIH/NIAID)' 'United States' 'T32 AI007606' 1 
'National Institutes of Health/National Institute Of Allergy and Infectious Diseases (NIH/NIAID)' 'United States' 'R01 AI118016' 2 
'Burroughs Wellcome Fund'                                                                         'United States' 
'Investigators in the Pathogenesis of Infectious Disease Award' 3 
'National Institutes of Health/National Cancer Institute (NIH/NCI)'                               'United States' ACB-12002 4 
'National Institutes of Health/National Institute of General Medical Sciences (NIH/NIGMS)'        'United States' AGM-12006 5 
'Department of Energy (DOE, United States)'                                                       'United States' 
DE-AC02-06CH11357                                               6 
# 
_atom_sites.entry_id                    5TOH 
_atom_sites.fract_transf_matrix[1][1]   -0.00286575 
_atom_sites.fract_transf_matrix[1][2]   -0.00938366 
_atom_sites.fract_transf_matrix[1][3]   -0.00955596 
_atom_sites.fract_transf_matrix[2][1]   0.02721799 
_atom_sites.fract_transf_matrix[2][2]   0.00051948 
_atom_sites.fract_transf_matrix[2][3]   -0.00867256 
_atom_sites.fract_transf_matrix[3][1]   0.00155355 
_atom_sites.fract_transf_matrix[3][2]   -0.00869745 
_atom_sites.fract_transf_matrix[3][3]   0.00435469 
_atom_sites.fract_transf_vector[1]      -0.281969 
_atom_sites.fract_transf_vector[2]      0.081791 
_atom_sites.fract_transf_vector[3]      -0.145412 
# 
loop_
_atom_type.symbol 
C 
N 
O 
S 
# 
loop_
_atom_site.group_PDB 
_atom_site.id 
_atom_site.type_symbol 
_atom_site.label_atom_id 
_atom_site.label_alt_id 
_atom_site.label_comp_id 
_atom_site.label_asym_id 
_atom_site.label_entity_id 
_atom_site.label_seq_id 
_atom_site.pdbx_PDB_ins_code 
_atom_site.Cartn_x 
_atom_site.Cartn_y 
_atom_site.Cartn_z 
_atom_site.occupancy 
_atom_site.B_iso_or_equiv 
_atom_site.pdbx_formal_charge 
_atom_site.auth_seq_id 
_atom_site.auth_comp_id 
_atom_site.auth_asym_id 
_atom_site.auth_atom_id 
_atom_site.pdbx_PDB_model_num 
ATOM   1    N N   . GLY A 1 1  ? 4.349   30.823  27.860  1.00 49.34  ?  1   GLY A N   1 
ATOM   2    C CA  . GLY A 1 1  ? 5.728   31.217  28.120  1.00 49.03  ?  1   GLY A CA  1 
ATOM   3    C C   . GLY A 1 1  ? 6.554   30.088  28.693  1.00 51.86  ?  1   GLY A C   1 
ATOM   4    O O   . GLY A 1 1  ? 7.665   29.842  28.228  1.00 51.82  ?  1   GLY A O   1 
ATOM   5    N N   . ASP A 1 2  ? 6.034   29.420  29.738  1.00 47.03  ?  2   ASP A N   1 
ATOM   6    C CA  . ASP A 1 2  ? 6.631   28.193  30.282  1.00 45.14  ?  2   ASP A CA  1 
ATOM   7    C C   . ASP A 1 2  ? 6.107   27.068  29.421  1.00 44.32  ?  2   ASP A C   1 
ATOM   8    O O   . ASP A 1 2  ? 6.872   26.504  28.653  1.00 44.49  ?  2   ASP A O   1 
ATOM   9    C CB  . ASP A 1 2  ? 6.250   27.960  31.768  1.00 47.13  ?  2   ASP A CB  1 
ATOM   10   C CG  . ASP A 1 2  ? 7.044   28.774  32.779  1.00 61.15  ?  2   ASP A CG  1 
ATOM   11   O OD1 . ASP A 1 2  ? 7.918   28.187  33.457  1.00 62.56  ?  2   ASP A OD1 1 
ATOM   12   O OD2 . ASP A 1 2  ? 6.747   29.986  32.939  1.00 66.42  -1 2   ASP A OD2 1 
ATOM   13   N N   . ILE A 1 3  ? 4.791   26.790  29.494  1.00 37.09  ?  3   ILE A N   1 
ATOM   14   C CA  . ILE A 1 3  ? 4.159   25.676  28.782  1.00 35.15  ?  3   ILE A CA  1 
ATOM   15   C C   . ILE A 1 3  ? 4.112   25.899  27.259  1.00 35.55  ?  3   ILE A C   1 
ATOM   16   O O   . ILE A 1 3  ? 4.277   24.932  26.520  1.00 33.22  ?  3   ILE A O   1 
ATOM   17   C CB  . ILE A 1 3  ? 2.751   25.347  29.374  1.00 37.52  ?  3   ILE A CB  1 
ATOM   18   C CG1 . ILE A 1 3  ? 2.254   23.924  28.961  1.00 37.36  ?  3   ILE A CG1 1 
ATOM   19   C CG2 . ILE A 1 3  ? 1.705   26.404  28.972  1.00 37.07  ?  3   ILE A CG2 1 
ATOM   20   C CD1 . ILE A 1 3  ? 3.126   22.707  29.370  1.00 35.82  ?  3   ILE A CD1 1 
ATOM   21   N N   . ILE A 1 4  ? 3.916   27.158  26.798  1.00 31.73  ?  4   ILE A N   1 
ATOM   22   C CA  . ILE A 1 4  ? 3.875   27.473  25.361  1.00 31.43  ?  4   ILE A CA  1 
ATOM   23   C C   . ILE A 1 4  ? 5.257   27.196  24.758  1.00 35.82  ?  4   ILE A C   1 
ATOM   24   O O   . ILE A 1 4  ? 5.338   26.610  23.675  1.00 34.29  ?  4   ILE A O   1 
ATOM   25   C CB  . ILE A 1 4  ? 3.386   28.918  25.051  1.00 34.25  ?  4   ILE A CB  1 
ATOM   26   C CG1 . ILE A 1 4  ? 2.020   29.202  25.710  1.00 34.05  ?  4   ILE A CG1 1 
ATOM   27   C CG2 . ILE A 1 4  ? 3.273   29.148  23.540  1.00 35.71  ?  4   ILE A CG2 1 
ATOM   28   C CD1 . ILE A 1 4  ? 1.338   30.539  25.335  1.00 35.26  ?  4   ILE A CD1 1 
ATOM   29   N N   . TRP A 1 5  ? 6.337   27.577  25.475  1.00 33.98  ?  5   TRP A N   1 
ATOM   30   C CA  . TRP A 1 5  ? 7.694   27.283  25.032  1.00 34.77  ?  5   TRP A CA  1 
ATOM   31   C C   . TRP A 1 5  ? 7.955   25.783  24.936  1.00 34.43  ?  5   TRP A C   1 
ATOM   32   O O   . TRP A 1 5  ? 8.483   25.328  23.926  1.00 32.01  ?  5   TRP A O   1 
ATOM   33   C CB  . TRP A 1 5  ? 8.765   27.917  25.941  1.00 35.42  ?  5   TRP A CB  1 
ATOM   34   C CG  . TRP A 1 5  ? 10.125  27.719  25.358  1.00 38.15  ?  5   TRP A CG  1 
ATOM   35   C CD1 . TRP A 1 5  ? 11.063  26.793  25.733  1.00 41.36  ?  5   TRP A CD1 1 
ATOM   36   C CD2 . TRP A 1 5  ? 10.538  28.217  24.084  1.00 38.66  ?  5   TRP A CD2 1 
ATOM   37   N NE1 . TRP A 1 5  ? 12.077  26.745  24.797  1.00 41.38  ?  5   TRP A NE1 1 
ATOM   38   C CE2 . TRP A 1 5  ? 11.764  27.592  23.761  1.00 43.12  ?  5   TRP A CE2 1 
ATOM   39   C CE3 . TRP A 1 5  ? 9.992   29.145  23.188  1.00 40.36  ?  5   TRP A CE3 1 
ATOM   40   C CZ2 . TRP A 1 5  ? 12.467  27.903  22.592  1.00 42.85  ?  5   TRP A CZ2 1 
ATOM   41   C CZ3 . TRP A 1 5  ? 10.680  29.440  22.030  1.00 42.27  ?  5   TRP A CZ3 1 
ATOM   42   C CH2 . TRP A 1 5  ? 11.906  28.838  21.748  1.00 43.00  ?  5   TRP A CH2 1 
ATOM   43   N N   . ASP A 1 6  ? 7.616   25.036  25.994  1.00 29.56  ?  6   ASP A N   1 
ATOM   44   C CA  . ASP A 1 6  ? 7.856   23.600  26.057  1.00 28.80  ?  6   ASP A CA  1 
ATOM   45   C C   . ASP A 1 6  ? 7.159   22.858  24.899  1.00 29.55  ?  6   ASP A C   1 
ATOM   46   O O   . ASP A 1 6  ? 7.767   22.009  24.258  1.00 28.71  ?  6   ASP A O   1 
ATOM   47   C CB  . ASP A 1 6  ? 7.379   23.023  27.409  1.00 31.42  ?  6   ASP A CB  1 
ATOM   48   C CG  . ASP A 1 6  ? 8.153   23.499  28.632  1.00 47.33  ?  6   ASP A CG  1 
ATOM   49   O OD1 . ASP A 1 6  ? 9.346   23.851  28.483  1.00 50.42  ?  6   ASP A OD1 1 
ATOM   50   O OD2 . ASP A 1 6  ? 7.574   23.491  29.744  1.00 51.68  -1 6   ASP A OD2 1 
ATOM   51   N N   . GLN A 1 7  ? 5.894   23.197  24.634  1.00 23.86  ?  7   GLN A N   1 
ATOM   52   C CA  . GLN A 1 7  ? 5.117   22.648  23.522  1.00 21.78  ?  7   GLN A CA  1 
ATOM   53   C C   . GLN A 1 7  ? 5.770   22.879  22.169  1.00 25.54  ?  7   GLN A C   1 
ATOM   54   O O   . GLN A 1 7  ? 5.722   21.995  21.325  1.00 23.41  ?  7   GLN A O   1 
ATOM   55   C CB  . GLN A 1 7  ? 3.728   23.304  23.469  1.00 22.38  ?  7   GLN A CB  1 
ATOM   56   C CG  . GLN A 1 7  ? 2.786   22.855  24.543  1.00 24.96  ?  7   GLN A CG  1 
ATOM   57   C CD  . GLN A 1 7  ? 1.609   23.794  24.595  1.00 39.50  ?  7   GLN A CD  1 
ATOM   58   O OE1 . GLN A 1 7  ? 1.570   24.760  25.376  1.00 35.53  ?  7   GLN A OE1 1 
ATOM   59   N NE2 . GLN A 1 7  ? 0.644   23.567  23.730  1.00 25.16  ?  7   GLN A NE2 1 
ATOM   60   N N   . LEU A 1 8  ? 6.309   24.083  21.954  1.00 24.89  ?  8   LEU A N   1 
ATOM   61   C CA  . LEU A 1 8  ? 6.977   24.492  20.704  1.00 26.24  ?  8   LEU A CA  1 
ATOM   62   C C   . LEU A 1 8  ? 8.289   23.731  20.464  1.00 31.88  ?  8   LEU A C   1 
ATOM   63   O O   . LEU A 1 8  ? 8.590   23.376  19.325  1.00 32.04  ?  8   LEU A O   1 
ATOM   64   C CB  . LEU A 1 8  ? 7.218   26.019  20.705  1.00 26.34  ?  8   LEU A CB  1 
ATOM   65   C CG  . LEU A 1 8  ? 8.012   26.600  19.550  1.00 32.31  ?  8   LEU A CG  1 
ATOM   66   C CD1 . LEU A 1 8  ? 7.422   26.196  18.192  1.00 33.17  ?  8   LEU A CD1 1 
ATOM   67   C CD2 . LEU A 1 8  ? 8.081   28.094  19.671  1.00 36.03  ?  8   LEU A CD2 1 
ATOM   68   N N   . ILE A 1 9  ? 9.067   23.510  21.518  1.00 29.31  ?  9   ILE A N   1 
ATOM   69   C CA  . ILE A 1 9  ? 10.299  22.726  21.454  1.00 30.25  ?  9   ILE A CA  1 
ATOM   70   C C   . ILE A 1 9  ? 9.983   21.258  21.189  1.00 33.16  ?  9   ILE A C   1 
ATOM   71   O O   . ILE A 1 9  ? 10.642  20.633  20.361  1.00 33.53  ?  9   ILE A O   1 
ATOM   72   C CB  . ILE A 1 9  ? 11.157  22.961  22.748  1.00 34.75  ?  9   ILE A CB  1 
ATOM   73   C CG1 . ILE A 1 9  ? 11.941  24.278  22.636  1.00 36.60  ?  9   ILE A CG1 1 
ATOM   74   C CG2 . ILE A 1 9  ? 12.102  21.797  23.086  1.00 36.82  ?  9   ILE A CG2 1 
ATOM   75   C CD1 . ILE A 1 9  ? 12.937  24.405  21.404  1.00 46.02  ?  9   ILE A CD1 1 
ATOM   76   N N   . VAL A 1 10 ? 8.995   20.710  21.895  1.00 28.72  ?  10  VAL A N   1 
ATOM   77   C CA  . VAL A 1 10 ? 8.559   19.317  21.742  1.00 27.41  ?  10  VAL A CA  1 
ATOM   78   C C   . VAL A 1 10 ? 8.012   19.091  20.333  1.00 30.01  ?  10  VAL A C   1 
ATOM   79   O O   . VAL A 1 10 ? 8.414   18.141  19.672  1.00 29.46  ?  10  VAL A O   1 
ATOM   80   C CB  . VAL A 1 10 ? 7.561   18.939  22.882  1.00 30.99  ?  10  VAL A CB  1 
ATOM   81   C CG1 . VAL A 1 10 ? 6.778   17.680  22.567  1.00 31.54  ?  10  VAL A CG1 1 
ATOM   82   C CG2 . VAL A 1 10 ? 8.307   18.771  24.195  1.00 30.47  ?  10  VAL A CG2 1 
ATOM   83   N N   . LYS A 1 11 ? 7.107   19.963  19.880  1.00 25.95  ?  11  LYS A N   1 
ATOM   84   C CA  . LYS A 1 11 ? 6.508   19.893  18.545  1.00 25.35  ?  11  LYS A CA  1 
ATOM   85   C C   . LYS A 1 11 ? 7.543   19.975  17.426  1.00 29.11  ?  11  LYS A C   1 
ATOM   86   O O   . LYS A 1 11 ? 7.487   19.193  16.484  1.00 28.97  ?  11  LYS A O   1 
ATOM   87   C CB  . LYS A 1 11 ? 5.480   21.022  18.378  1.00 27.78  ?  11  LYS A CB  1 
ATOM   88   C CG  . LYS A 1 11 ? 4.875   21.132  16.997  1.00 42.81  ?  11  LYS A CG  1 
ATOM   89   C CD  . LYS A 1 11 ? 3.557   21.869  17.028  1.00 48.94  ?  11  LYS A CD  1 
ATOM   90   C CE  . LYS A 1 11 ? 2.936   22.012  15.662  1.00 53.43  ?  11  LYS A CE  1 
ATOM   91   N NZ  . LYS A 1 11 ? 1.527   21.569  15.663  1.00 52.66  1  11  LYS A NZ  1 
ATOM   92   N N   . ARG A 1 12 ? 8.462   20.945  17.513  1.00 24.83  ?  12  ARG A N   1 
ATOM   93   C CA  . ARG A 1 12 ? 9.486   21.154  16.491  1.00 23.44  ?  12  ARG A CA  1 
ATOM   94   C C   . ARG A 1 12 ? 10.472  19.997  16.399  1.00 25.51  ?  12  ARG A C   1 
ATOM   95   O O   . ARG A 1 12 ? 10.884  19.670  15.288  1.00 24.70  ?  12  ARG A O   1 
ATOM   96   C CB  . ARG A 1 12 ? 10.217  22.499  16.714  1.00 22.57  ?  12  ARG A CB  1 
ATOM   97   C CG  . ARG A 1 12 ? 11.320  22.845  15.695  1.00 30.95  ?  12  ARG A CG  1 
ATOM   98   C CD  . ARG A 1 12 ? 10.856  22.851  14.244  1.00 36.74  ?  12  ARG A CD  1 
ATOM   99   N NE  . ARG A 1 12 ? 11.961  23.102  13.322  1.00 38.70  ?  12  ARG A NE  1 
ATOM   100  C CZ  . ARG A 1 12 ? 12.433  24.299  12.986  1.00 50.52  ?  12  ARG A CZ  1 
ATOM   101  N NH1 . ARG A 1 12 ? 11.906  25.404  13.509  1.00 38.25  1  12  ARG A NH1 1 
ATOM   102  N NH2 . ARG A 1 12 ? 13.443  24.402  12.132  1.00 40.00  ?  12  ARG A NH2 1 
ATOM   103  N N   . THR A 1 13 ? 10.888  19.398  17.531  1.00 22.08  ?  13  THR A N   1 
ATOM   104  C CA  . THR A 1 13 ? 11.823  18.260  17.466  1.00 21.84  ?  13  THR A CA  1 
ATOM   105  C C   . THR A 1 13 ? 11.134  17.016  16.884  1.00 23.10  ?  13  THR A C   1 
ATOM   106  O O   . THR A 1 13 ? 11.757  16.310  16.096  1.00 22.51  ?  13  THR A O   1 
ATOM   107  C CB  . THR A 1 13 ? 12.516  17.987  18.799  1.00 31.97  ?  13  THR A CB  1 
ATOM   108  O OG1 . THR A 1 13 ? 11.584  17.417  19.711  1.00 37.64  ?  13  THR A OG1 1 
ATOM   109  C CG2 . THR A 1 13 ? 13.216  19.243  19.383  1.00 33.05  ?  13  THR A CG2 1 
ATOM   110  N N   . LEU A 1 14 ? 9.860   16.756  17.248  1.00 17.48  ?  14  LEU A N   1 
ATOM   111  C CA  . LEU A 1 14 ? 9.092   15.671  16.638  1.00 16.34  ?  14  LEU A CA  1 
ATOM   112  C C   . LEU A 1 14 ? 8.849   15.908  15.135  1.00 20.72  ?  14  LEU A C   1 
ATOM   113  O O   . LEU A 1 14 ? 9.101   15.012  14.341  1.00 20.58  ?  14  LEU A O   1 
ATOM   114  C CB  . LEU A 1 14 ? 7.753   15.476  17.349  1.00 15.97  ?  14  LEU A CB  1 
ATOM   115  C CG  . LEU A 1 14 ? 6.825   14.392  16.754  1.00 20.24  ?  14  LEU A CG  1 
ATOM   116  C CD1 . LEU A 1 14 ? 7.519   13.028  16.666  1.00 19.81  ?  14  LEU A CD1 1 
ATOM   117  C CD2 . LEU A 1 14 ? 5.548   14.266  17.563  1.00 23.66  ?  14  LEU A CD2 1 
ATOM   118  N N   . ALA A 1 15 ? 8.352   17.099  14.749  1.00 16.34  ?  15  ALA A N   1 
ATOM   119  C CA  . ALA A 1 15 ? 8.149   17.468  13.350  1.00 15.13  ?  15  ALA A CA  1 
ATOM   120  C C   . ALA A 1 15 ? 9.333   17.155  12.432  1.00 22.00  ?  15  ALA A C   1 
ATOM   121  O O   . ALA A 1 15 ? 9.111   16.762  11.303  1.00 23.57  ?  15  ALA A O   1 
ATOM   122  C CB  . ALA A 1 15 ? 7.813   18.932  13.249  1.00 15.14  ?  15  ALA A CB  1 
ATOM   123  N N   . ASP A 1 16 ? 10.564  17.310  12.900  1.00 19.39  ?  16  ASP A N   1 
ATOM   124  C CA  . ASP A 1 16 ? 11.762  17.014  12.111  1.00 19.91  ?  16  ASP A CA  1 
ATOM   125  C C   . ASP A 1 16 ? 12.125  15.519  12.104  1.00 23.37  ?  16  ASP A C   1 
ATOM   126  O O   . ASP A 1 16 ? 12.695  15.034  11.114  1.00 22.98  ?  16  ASP A O   1 
ATOM   127  C CB  . ASP A 1 16 ? 12.943  17.850  12.630  1.00 22.97  ?  16  ASP A CB  1 
ATOM   128  C CG  . ASP A 1 16 ? 12.732  19.353  12.523  1.00 41.93  ?  16  ASP A CG  1 
ATOM   129  O OD1 . ASP A 1 16 ? 12.040  19.794  11.565  1.00 43.56  ?  16  ASP A OD1 1 
ATOM   130  O OD2 . ASP A 1 16 ? 13.272  20.096  13.390  1.00 51.40  -1 16  ASP A OD2 1 
ATOM   131  N N   . LEU A 1 17 ? 11.815  14.787  13.203  1.00 19.05  ?  17  LEU A N   1 
ATOM   132  C CA  . LEU A 1 17 ? 11.875  13.318  13.209  1.00 18.25  ?  17  LEU A CA  1 
ATOM   133  C C   . LEU A 1 17 ? 10.876  12.703  12.208  1.00 21.94  ?  17  LEU A C   1 
ATOM   134  O O   . LEU A 1 17 ? 11.130  11.616  11.678  1.00 21.86  ?  17  LEU A O   1 
ATOM   135  C CB  . LEU A 1 17 ? 11.649  12.747  14.629  1.00 17.76  ?  17  LEU A CB  1 
ATOM   136  C CG  . LEU A 1 17 ? 12.782  12.969  15.635  1.00 21.30  ?  17  LEU A CG  1 
ATOM   137  C CD1 . LEU A 1 17 ? 12.337  12.683  17.036  1.00 20.91  ?  17  LEU A CD1 1 
ATOM   138  C CD2 . LEU A 1 17 ? 13.974  12.120  15.321  1.00 22.35  ?  17  LEU A CD2 1 
ATOM   139  N N   . LEU A 1 18 ? 9.758   13.410  11.931  1.00 18.72  ?  18  LEU A N   1 
ATOM   140  C CA  . LEU A 1 18 ? 8.714   12.958  11.009  1.00 17.89  ?  18  LEU A CA  1 
ATOM   141  C C   . LEU A 1 18 ? 8.968   13.267  9.538   1.00 24.48  ?  18  LEU A C   1 
ATOM   142  O O   . LEU A 1 18 ? 8.285   12.678  8.707   1.00 24.30  ?  18  LEU A O   1 
ATOM   143  C CB  . LEU A 1 18 ? 7.365   13.570  11.403  1.00 17.08  ?  18  LEU A CB  1 
ATOM   144  C CG  . LEU A 1 18 ? 6.784   13.166  12.738  1.00 20.27  ?  18  LEU A CG  1 
ATOM   145  C CD1 . LEU A 1 18 ? 5.470   13.865  12.952  1.00 20.09  ?  18  LEU A CD1 1 
ATOM   146  C CD2 . LEU A 1 18 ? 6.640   11.645  12.859  1.00 21.61  ?  18  LEU A CD2 1 
ATOM   147  N N   . ILE A 1 19 ? 9.891   14.201  9.203   1.00 23.24  ?  19  ILE A N   1 
ATOM   148  C CA  . ILE A 1 19 ? 10.207  14.587  7.810   1.00 22.91  ?  19  ILE A CA  1 
ATOM   149  C C   . ILE A 1 19 ? 10.454  13.336  6.908   1.00 27.40  ?  19  ILE A C   1 
ATOM   150  O O   . ILE A 1 19 ? 9.827   13.230  5.848   1.00 27.01  ?  19  ILE A O   1 
ATOM   151  C CB  . ILE A 1 19 ? 11.387  15.616  7.759   1.00 25.80  ?  19  ILE A CB  1 
ATOM   152  C CG1 . ILE A 1 19 ? 10.962  17.005  8.296   1.00 27.45  ?  19  ILE A CG1 1 
ATOM   153  C CG2 . ILE A 1 19 ? 12.009  15.721  6.360   1.00 26.44  ?  19  ILE A CG2 1 
ATOM   154  C CD1 . ILE A 1 19 ? 10.156  17.924  7.355   1.00 45.01  ?  19  ILE A CD1 1 
ATOM   155  N N   . PRO A 1 20 ? 11.407  12.438  7.278   1.00 22.97  ?  20  PRO A N   1 
ATOM   156  C CA  . PRO A 1 20 ? 11.524  11.130  6.591   1.00 22.01  ?  20  PRO A CA  1 
ATOM   157  C C   . PRO A 1 20 ? 10.282  10.228  6.621   1.00 27.72  ?  20  PRO A C   1 
ATOM   158  O O   . PRO A 1 20 ? 10.048  9.532   5.636   1.00 29.65  ?  20  PRO A O   1 
ATOM   159  C CB  . PRO A 1 20 ? 12.727  10.468  7.294   1.00 23.22  ?  20  PRO A CB  1 
ATOM   160  C CG  . PRO A 1 20 ? 13.000  11.262  8.483   1.00 27.54  ?  20  PRO A CG  1 
ATOM   161  C CD  . PRO A 1 20 ? 12.507  12.631  8.241   1.00 23.60  ?  20  PRO A CD  1 
ATOM   162  N N   . ILE A 1 21 ? 9.492   10.223  7.719   1.00 24.57  ?  21  ILE A N   1 
ATOM   163  C CA  . ILE A 1 21 ? 8.237   9.450   7.796   1.00 23.88  ?  21  ILE A CA  1 
ATOM   164  C C   . ILE A 1 21 ? 7.259   9.987   6.736   1.00 27.34  ?  21  ILE A C   1 
ATOM   165  O O   . ILE A 1 21 ? 6.631   9.203   6.035   1.00 25.54  ?  21  ILE A O   1 
ATOM   166  C CB  . ILE A 1 21 ? 7.603   9.461   9.237   1.00 26.88  ?  21  ILE A CB  1 
ATOM   167  C CG1 . ILE A 1 21 ? 8.230   8.414   10.172  1.00 27.32  ?  21  ILE A CG1 1 
ATOM   168  C CG2 . ILE A 1 21 ? 6.090   9.204   9.195   1.00 27.52  ?  21  ILE A CG2 1 
ATOM   169  C CD1 . ILE A 1 21 ? 9.667   8.250   10.152  1.00 38.76  ?  21  ILE A CD1 1 
ATOM   170  N N   . ASN A 1 22 ? 7.125   11.315  6.638   1.00 25.41  ?  22  ASN A N   1 
ATOM   171  C CA  . ASN A 1 22 ? 6.240   11.957  5.658   1.00 25.48  ?  22  ASN A CA  1 
ATOM   172  C C   . ASN A 1 22 ? 6.650   11.647  4.215   1.00 28.50  ?  22  ASN A C   1 
ATOM   173  O O   . ASN A 1 22 ? 5.782   11.408  3.374   1.00 27.77  ?  22  ASN A O   1 
ATOM   174  C CB  . ASN A 1 22 ? 6.200   13.477  5.874   1.00 27.45  ?  22  ASN A CB  1 
ATOM   175  C CG  . ASN A 1 22 ? 5.573   13.925  7.177   1.00 47.12  ?  22  ASN A CG  1 
ATOM   176  O OD1 . ASN A 1 22 ? 4.566   13.376  7.628   1.00 40.63  ?  22  ASN A OD1 1 
ATOM   177  N ND2 . ASN A 1 22 ? 6.100   14.997  7.766   1.00 39.65  ?  22  ASN A ND2 1 
ATOM   178  N N   . ARG A 1 23 ? 7.954   11.695  3.923   1.00 25.86  ?  23  ARG A N   1 
ATOM   179  C CA  . ARG A 1 23 ? 8.511   11.299  2.621   1.00 26.67  ?  23  ARG A CA  1 
ATOM   180  C C   . ARG A 1 23 ? 8.191   9.837   2.298   1.00 29.77  ?  23  ARG A C   1 
ATOM   181  O O   . ARG A 1 23 ? 7.697   9.553   1.208   1.00 30.14  ?  23  ARG A O   1 
ATOM   182  C CB  . ARG A 1 23 ? 10.038  11.530  2.605   1.00 31.95  ?  23  ARG A CB  1 
ATOM   183  C CG  . ARG A 1 23 ? 10.768  11.075  1.328   1.00 53.17  ?  23  ARG A CG  1 
ATOM   184  C CD  . ARG A 1 23 ? 10.578  12.019  0.154   1.00 72.90  ?  23  ARG A CD  1 
ATOM   185  N NE  . ARG A 1 23 ? 11.067  11.424  -1.095  1.00 90.47  ?  23  ARG A NE  1 
ATOM   186  C CZ  . ARG A 1 23 ? 12.346  11.327  -1.466  1.00 105.97 ?  23  ARG A CZ  1 
ATOM   187  N NH1 . ARG A 1 23 ? 13.315  11.807  -0.690  1.00 92.91  1  23  ARG A NH1 1 
ATOM   188  N NH2 . ARG A 1 23 ? 12.665  10.764  -2.627  1.00 94.30  ?  23  ARG A NH2 1 
ATOM   189  N N   . GLN A 1 24 ? 8.495   8.913   3.229   1.00 24.24  ?  24  GLN A N   1 
ATOM   190  C CA  . GLN A 1 24 ? 8.187   7.491   3.072   1.00 22.18  ?  24  GLN A CA  1 
ATOM   191  C C   . GLN A 1 24 ? 6.706   7.230   2.813   1.00 25.80  ?  24  GLN A C   1 
ATOM   192  O O   . GLN A 1 24 ? 6.386   6.364   2.006   1.00 27.19  ?  24  GLN A O   1 
ATOM   193  C CB  . GLN A 1 24 ? 8.617   6.710   4.315   1.00 23.80  ?  24  GLN A CB  1 
ATOM   194  C CG  . GLN A 1 24 ? 10.115  6.454   4.419   1.00 35.22  ?  24  GLN A CG  1 
ATOM   195  C CD  . GLN A 1 24 ? 10.479  5.772   5.725   1.00 53.19  ?  24  GLN A CD  1 
ATOM   196  O OE1 . GLN A 1 24 ? 10.009  6.143   6.813   1.00 45.06  ?  24  GLN A OE1 1 
ATOM   197  N NE2 . GLN A 1 24 ? 11.342  4.764   5.663   1.00 53.06  ?  24  GLN A NE2 1 
ATOM   198  N N   . ILE A 1 25 ? 5.811   7.942   3.512   1.00 22.17  ?  25  ILE A N   1 
ATOM   199  C CA  . ILE A 1 25 ? 4.353   7.813   3.355   1.00 21.96  ?  25  ILE A CA  1 
ATOM   200  C C   . ILE A 1 25 ? 3.894   8.320   1.997   1.00 27.60  ?  25  ILE A C   1 
ATOM   201  O O   . ILE A 1 25 ? 3.087   7.647   1.356   1.00 26.60  ?  25  ILE A O   1 
ATOM   202  C CB  . ILE A 1 25 ? 3.570   8.464   4.538   1.00 24.43  ?  25  ILE A CB  1 
ATOM   203  C CG1 . ILE A 1 25 ? 3.724   7.599   5.808   1.00 24.58  ?  25  ILE A CG1 1 
ATOM   204  C CG2 . ILE A 1 25 ? 2.083   8.649   4.210   1.00 25.06  ?  25  ILE A CG2 1 
ATOM   205  C CD1 . ILE A 1 25 ? 3.390   8.279   7.092   1.00 26.55  ?  25  ILE A CD1 1 
ATOM   206  N N   . SER A 1 26 ? 4.379   9.486   1.554   1.00 26.46  ?  26  SER A N   1 
ATOM   207  C CA  . SER A 1 26 ? 3.980   9.996   0.233   1.00 27.61  ?  26  SER A CA  1 
ATOM   208  C C   . SER A 1 26 ? 4.421   9.055   -0.916  1.00 32.67  ?  26  SER A C   1 
ATOM   209  O O   . SER A 1 26 ? 3.656   8.852   -1.861  1.00 34.11  ?  26  SER A O   1 
ATOM   210  C CB  . SER A 1 26 ? 4.477   11.427  0.025   1.00 31.76  ?  26  SER A CB  1 
ATOM   211  O OG  . SER A 1 26 ? 5.840   11.493  -0.355  1.00 42.20  ?  26  SER A OG  1 
ATOM   212  N N   . ASP A 1 27 ? 5.616   8.446   -0.804  1.00 28.81  ?  27  ASP A N   1 
ATOM   213  C CA  . ASP A 1 27 ? 6.123   7.498   -1.813  1.00 28.77  ?  27  ASP A CA  1 
ATOM   214  C C   . ASP A 1 27 ? 5.346   6.187   -1.820  1.00 30.34  ?  27  ASP A C   1 
ATOM   215  O O   . ASP A 1 27 ? 5.178   5.593   -2.885  1.00 31.55  ?  27  ASP A O   1 
ATOM   216  C CB  . ASP A 1 27 ? 7.618   7.207   -1.583  1.00 32.13  ?  27  ASP A CB  1 
ATOM   217  C CG  . ASP A 1 27 ? 8.556   8.399   -1.766  1.00 56.78  ?  27  ASP A CG  1 
ATOM   218  O OD1 . ASP A 1 27 ? 8.119   9.426   -2.357  1.00 60.87  ?  27  ASP A OD1 1 
ATOM   219  O OD2 . ASP A 1 27 ? 9.730   8.305   -1.330  1.00 63.84  -1 27  ASP A OD2 1 
ATOM   220  N N   . ILE A 1 28 ? 4.908   5.712   -0.635  1.00 24.72  ?  28  ILE A N   1 
ATOM   221  C CA  . ILE A 1 28 ? 3.998   4.565   -0.514  1.00 23.17  ?  28  ILE A CA  1 
ATOM   222  C C   . ILE A 1 28 ? 2.655   4.891   -1.162  1.00 29.32  ?  28  ILE A C   1 
ATOM   223  O O   . ILE A 1 28 ? 2.105   4.051   -1.861  1.00 29.18  ?  28  ILE A O   1 
ATOM   224  C CB  . ILE A 1 28 ? 3.805   4.135   0.964   1.00 24.32  ?  28  ILE A CB  1 
ATOM   225  C CG1 . ILE A 1 28 ? 5.070   3.489   1.517   1.00 23.54  ?  28  ILE A CG1 1 
ATOM   226  C CG2 . ILE A 1 28 ? 2.625   3.185   1.119   1.00 24.26  ?  28  ILE A CG2 1 
ATOM   227  C CD1 . ILE A 1 28 ? 5.194   3.564   3.043   1.00 26.26  ?  28  ILE A CD1 1 
ATOM   228  N N   . GLN A 1 29 ? 2.113   6.086   -0.896  1.00 28.32  ?  29  GLN A N   1 
ATOM   229  C CA  . GLN A 1 29 ? 0.793   6.474   -1.400  1.00 28.80  ?  29  GLN A CA  1 
ATOM   230  C C   . GLN A 1 29 ? 0.737   6.502   -2.925  1.00 33.70  ?  29  GLN A C   1 
ATOM   231  O O   . GLN A 1 29 ? -0.279  6.106   -3.501  1.00 33.26  ?  29  GLN A O   1 
ATOM   232  C CB  . GLN A 1 29 ? 0.368   7.831   -0.818  1.00 29.83  ?  29  GLN A CB  1 
ATOM   233  C CG  . GLN A 1 29 ? -0.149  7.715   0.609   1.00 40.96  ?  29  GLN A CG  1 
ATOM   234  C CD  . GLN A 1 29 ? -0.348  9.046   1.308   1.00 60.26  ?  29  GLN A CD  1 
ATOM   235  O OE1 . GLN A 1 29 ? 0.212   10.090  0.929   1.00 52.54  ?  29  GLN A OE1 1 
ATOM   236  N NE2 . GLN A 1 29 ? -1.138  9.030   2.374   1.00 54.41  ?  29  GLN A NE2 1 
ATOM   237  N N   . SER A 1 30 ? 1.829   6.946   -3.574  1.00 30.81  ?  30  SER A N   1 
ATOM   238  C CA  . SER A 1 30 ? 1.881   7.075   -5.032  1.00 30.82  ?  30  SER A CA  1 
ATOM   239  C C   . SER A 1 30 ? 2.057   5.709   -5.699  1.00 34.39  ?  30  SER A C   1 
ATOM   240  O O   . SER A 1 30 ? 1.396   5.420   -6.698  1.00 34.74  ?  30  SER A O   1 
ATOM   241  C CB  . SER A 1 30 ? 3.005   8.030   -5.433  1.00 36.41  ?  30  SER A CB  1 
ATOM   242  O OG  . SER A 1 30 ? 4.286   7.533   -5.073  1.00 50.67  ?  30  SER A OG  1 
ATOM   243  N N   . THR A 1 31 ? 2.958   4.874   -5.146  1.00 30.62  ?  31  THR A N   1 
ATOM   244  C CA  . THR A 1 31 ? 3.145   3.474   -5.565  1.00 29.48  ?  31  THR A CA  1 
ATOM   245  C C   . THR A 1 31 ? 1.867   2.653   -5.372  1.00 31.90  ?  31  THR A C   1 
ATOM   246  O O   . THR A 1 31 ? 1.539   1.842   -6.225  1.00 31.66  ?  31  THR A O   1 
ATOM   247  C CB  . THR A 1 31 ? 4.293   2.847   -4.760  1.00 34.59  ?  31  THR A CB  1 
ATOM   248  O OG1 . THR A 1 31 ? 5.488   3.598   -4.969  1.00 35.07  ?  31  THR A OG1 1 
ATOM   249  C CG2 . THR A 1 31 ? 4.525   1.389   -5.105  1.00 30.12  ?  31  THR A CG2 1 
ATOM   250  N N   . LEU A 1 32 ? 1.165   2.839   -4.249  1.00 28.20  ?  32  LEU A N   1 
ATOM   251  C CA  . LEU A 1 32 ? -0.069  2.108   -3.970  1.00 28.33  ?  32  LEU A CA  1 
ATOM   252  C C   . LEU A 1 32 ? -1.180  2.523   -4.933  1.00 33.62  ?  32  LEU A C   1 
ATOM   253  O O   . LEU A 1 32 ? -1.961  1.681   -5.357  1.00 31.45  ?  32  LEU A O   1 
ATOM   254  C CB  . LEU A 1 32 ? -0.489  2.335   -2.513  1.00 28.37  ?  32  LEU A CB  1 
ATOM   255  C CG  . LEU A 1 32 ? -1.708  1.579   -1.972  1.00 32.78  ?  32  LEU A CG  1 
ATOM   256  C CD1 . LEU A 1 32 ? -1.573  0.072   -2.157  1.00 32.69  ?  32  LEU A CD1 1 
ATOM   257  C CD2 . LEU A 1 32 ? -1.890  1.868   -0.516  1.00 34.41  ?  32  LEU A CD2 1 
ATOM   258  N N   . SER A 1 33 ? -1.242  3.818   -5.285  1.00 33.62  ?  33  SER A N   1 
ATOM   259  C CA  . SER A 1 33 ? -2.181  4.332   -6.289  1.00 34.25  ?  33  SER A CA  1 
ATOM   260  C C   . SER A 1 33 ? -1.888  3.759   -7.683  1.00 39.14  ?  33  SER A C   1 
ATOM   261  O O   . SER A 1 33 ? -2.816  3.460   -8.435  1.00 39.80  ?  33  SER A O   1 
ATOM   262  C CB  . SER A 1 33 ? -2.121  5.858   -6.332  1.00 38.58  ?  33  SER A CB  1 
ATOM   263  O OG  . SER A 1 33 ? -3.068  6.388   -7.246  1.00 51.81  ?  33  SER A OG  1 
ATOM   264  N N   . GLU A 1 34 ? -0.600  3.619   -8.024  1.00 35.37  ?  34  GLU A N   1 
ATOM   265  C CA  . GLU A 1 34 ? -0.155  3.045   -9.295  1.00 35.14  ?  34  GLU A CA  1 
ATOM   266  C C   . GLU A 1 34 ? -0.513  1.552   -9.382  1.00 37.95  ?  34  GLU A C   1 
ATOM   267  O O   . GLU A 1 34 ? -0.962  1.094   -10.432 1.00 37.59  ?  34  GLU A O   1 
ATOM   268  C CB  . GLU A 1 34 ? 1.365   3.261   -9.442  1.00 36.87  ?  34  GLU A CB  1 
ATOM   269  C CG  . GLU A 1 34 ? 1.963   2.838   -10.778 1.00 55.39  ?  34  GLU A CG  1 
ATOM   270  C CD  . GLU A 1 34 ? 3.482   2.775   -10.776 1.00 87.99  ?  34  GLU A CD  1 
ATOM   271  O OE1 . GLU A 1 34 ? 4.037   1.988   -11.578 1.00 88.79  ?  34  GLU A OE1 1 
ATOM   272  O OE2 . GLU A 1 34 ? 4.116   3.493   -9.964  1.00 81.68  -1 34  GLU A OE2 1 
ATOM   273  N N   . VAL A 1 35 ? -0.318  0.809   -8.277  1.00 33.85  ?  35  VAL A N   1 
ATOM   274  C CA  . VAL A 1 35 ? -0.624  -0.623  -8.182  1.00 33.26  ?  35  VAL A CA  1 
ATOM   275  C C   . VAL A 1 35 ? -2.137  -0.856  -8.291  1.00 36.59  ?  35  VAL A C   1 
ATOM   276  O O   . VAL A 1 35 ? -2.564  -1.798  -8.949  1.00 35.47  ?  35  VAL A O   1 
ATOM   277  C CB  . VAL A 1 35 ? -0.040  -1.231  -6.877  1.00 37.04  ?  35  VAL A CB  1 
ATOM   278  C CG1 . VAL A 1 35 ? -0.573  -2.635  -6.621  1.00 36.87  ?  35  VAL A CG1 1 
ATOM   279  C CG2 . VAL A 1 35 ? 1.484   -1.261  -6.921  1.00 37.17  ?  35  VAL A CG2 1 
ATOM   280  N N   . THR A 1 36 ? -2.938  -0.021  -7.624  1.00 33.86  ?  36  THR A N   1 
ATOM   281  C CA  . THR A 1 36 ? -4.404  -0.095  -7.683  1.00 33.68  ?  36  THR A CA  1 
ATOM   282  C C   . THR A 1 36 ? -4.922  0.104   -9.106  1.00 38.18  ?  36  THR A C   1 
ATOM   283  O O   . THR A 1 36 ? -5.886  -0.549  -9.493  1.00 37.78  ?  36  THR A O   1 
ATOM   284  C CB  . THR A 1 36 ? -5.020  0.919   -6.719  1.00 40.59  ?  36  THR A CB  1 
ATOM   285  O OG1 . THR A 1 36 ? -4.599  0.587   -5.406  1.00 39.24  ?  36  THR A OG1 1 
ATOM   286  C CG2 . THR A 1 36 ? -6.541  0.939   -6.768  1.00 43.04  ?  36  THR A CG2 1 
ATOM   287  N N   . THR A 1 37 ? -4.288  1.010   -9.871  1.00 35.45  ?  37  THR A N   1 
ATOM   288  C CA  . THR A 1 37 ? -4.617  1.252   -11.277 1.00 35.15  ?  37  THR A CA  1 
ATOM   289  C C   . THR A 1 37 ? -4.260  0.026   -12.137 1.00 39.91  ?  37  THR A C   1 
ATOM   290  O O   . THR A 1 37 ? -5.065  -0.379  -12.967 1.00 39.47  ?  37  THR A O   1 
ATOM   291  C CB  . THR A 1 37 ? -3.947  2.559   -11.754 1.00 38.39  ?  37  THR A CB  1 
ATOM   292  O OG1 . THR A 1 37 ? -4.607  3.650   -11.117 1.00 32.97  ?  37  THR A OG1 1 
ATOM   293  C CG2 . THR A 1 37 ? -4.012  2.739   -13.260 1.00 38.05  ?  37  THR A CG2 1 
ATOM   294  N N   . ARG A 1 38 ? -3.061  -0.554  -11.937 1.00 36.66  ?  38  ARG A N   1 
ATOM   295  C CA  . ARG A 1 38 ? -2.647  -1.771  -12.641 1.00 36.10  ?  38  ARG A CA  1 
ATOM   296  C C   . ARG A 1 38 ? -3.572  -2.963  -12.325 1.00 39.43  ?  38  ARG A C   1 
ATOM   297  O O   . ARG A 1 38 ? -3.944  -3.699  -13.240 1.00 38.46  ?  38  ARG A O   1 
ATOM   298  C CB  . ARG A 1 38 ? -1.165  -2.096  -12.349 1.00 36.46  ?  38  ARG A CB  1 
ATOM   299  C CG  . ARG A 1 38 ? -0.210  -1.225  -13.173 1.00 50.13  ?  38  ARG A CG  1 
ATOM   300  C CD  . ARG A 1 38 ? 1.210   -1.101  -12.634 1.00 64.59  ?  38  ARG A CD  1 
ATOM   301  N NE  . ARG A 1 38 ? 1.921   -2.382  -12.557 1.00 74.22  ?  38  ARG A NE  1 
ATOM   302  C CZ  . ARG A 1 38 ? 3.190   -2.519  -12.167 1.00 92.95  ?  38  ARG A CZ  1 
ATOM   303  N NH1 . ARG A 1 38 ? 3.907   -1.454  -11.813 1.00 83.97  1  38  ARG A NH1 1 
ATOM   304  N NH2 . ARG A 1 38 ? 3.752   -3.723  -12.129 1.00 79.31  ?  38  ARG A NH2 1 
ATOM   305  N N   . VAL A 1 39 ? -3.976  -3.122  -11.054 1.00 36.40  ?  39  VAL A N   1 
ATOM   306  C CA  . VAL A 1 39 ? -4.914  -4.174  -10.637 1.00 36.62  ?  39  VAL A CA  1 
ATOM   307  C C   . VAL A 1 39 ? -6.328  -3.932  -11.202 1.00 44.30  ?  39  VAL A C   1 
ATOM   308  O O   . VAL A 1 39 ? -6.991  -4.905  -11.551 1.00 43.94  ?  39  VAL A O   1 
ATOM   309  C CB  . VAL A 1 39 ? -4.892  -4.382  -9.096  1.00 39.28  ?  39  VAL A CB  1 
ATOM   310  C CG1 . VAL A 1 39 ? -6.044  -5.257  -8.604  1.00 38.39  ?  39  VAL A CG1 1 
ATOM   311  C CG2 . VAL A 1 39 ? -3.563  -4.991  -8.669  1.00 38.97  ?  39  VAL A CG2 1 
ATOM   312  N N   . HIS A 1 40 ? -6.787  -2.681  -11.326 1.00 43.54  ?  40  HIS A N   1 
ATOM   313  C CA  . HIS A 1 40 ? -8.094  -2.430  -11.950 1.00 44.96  ?  40  HIS A CA  1 
ATOM   314  C C   . HIS A 1 40 ? -8.089  -2.845  -13.441 1.00 47.89  ?  40  HIS A C   1 
ATOM   315  O O   . HIS A 1 40 ? -9.035  -3.476  -13.899 1.00 47.06  ?  40  HIS A O   1 
ATOM   316  C CB  . HIS A 1 40 ? -8.507  -0.954  -11.799 1.00 47.33  ?  40  HIS A CB  1 
ATOM   317  C CG  . HIS A 1 40 ? -9.991  -0.730  -11.844 1.00 52.20  ?  40  HIS A CG  1 
ATOM   318  N ND1 . HIS A 1 40 ? -10.610 -0.178  -12.958 1.00 54.68  ?  40  HIS A ND1 1 
ATOM   319  C CD2 . HIS A 1 40 ? -10.933 -0.988  -10.906 1.00 54.75  ?  40  HIS A CD2 1 
ATOM   320  C CE1 . HIS A 1 40 ? -11.901 -0.123  -12.664 1.00 54.30  ?  40  HIS A CE1 1 
ATOM   321  N NE2 . HIS A 1 40 ? -12.141 -0.592  -11.435 1.00 54.64  ?  40  HIS A NE2 1 
ATOM   322  N N   . GLU A 1 41 ? -7.007  -2.531  -14.178 1.00 44.19  ?  41  GLU A N   1 
ATOM   323  C CA  . GLU A 1 41 ? -6.880  -2.877  -15.604 1.00 43.42  ?  41  GLU A CA  1 
ATOM   324  C C   . GLU A 1 41 ? -6.830  -4.383  -15.820 1.00 44.66  ?  41  GLU A C   1 
ATOM   325  O O   . GLU A 1 41 ? -7.337  -4.875  -16.828 1.00 43.45  ?  41  GLU A O   1 
ATOM   326  C CB  . GLU A 1 41 ? -5.615  -2.246  -16.222 1.00 45.20  ?  41  GLU A CB  1 
ATOM   327  C CG  . GLU A 1 41 ? -5.615  -0.727  -16.271 1.00 63.23  ?  41  GLU A CG  1 
ATOM   328  C CD  . GLU A 1 41 ? -6.779  -0.120  -17.026 1.00 101.07 ?  41  GLU A CD  1 
ATOM   329  O OE1 . GLU A 1 41 ? -7.511  0.700   -16.427 1.00 102.04 ?  41  GLU A OE1 1 
ATOM   330  O OE2 . GLU A 1 41 ? -7.002  -0.519  -18.193 1.00 101.87 -1 41  GLU A OE2 1 
ATOM   331  N N   . ILE A 1 42 ? -6.190  -5.108  -14.895 1.00 39.97  ?  42  ILE A N   1 
ATOM   332  C CA  . ILE A 1 42 ? -6.174  -6.572  -14.922 1.00 38.96  ?  42  ILE A CA  1 
ATOM   333  C C   . ILE A 1 42 ? -7.587  -7.146  -14.709 1.00 44.04  ?  42  ILE A C   1 
ATOM   334  O O   . ILE A 1 42 ? -7.936  -8.138  -15.341 1.00 43.37  ?  42  ILE A O   1 
ATOM   335  C CB  . ILE A 1 42 ? -5.171  -7.126  -13.880 1.00 41.29  ?  42  ILE A CB  1 
ATOM   336  C CG1 . ILE A 1 42 ? -3.721  -6.813  -14.292 1.00 41.14  ?  42  ILE A CG1 1 
ATOM   337  C CG2 . ILE A 1 42 ? -5.355  -8.623  -13.693 1.00 42.06  ?  42  ILE A CG2 1 
ATOM   338  C CD1 . ILE A 1 42 ? -2.724  -6.787  -13.135 1.00 48.00  ?  42  ILE A CD1 1 
ATOM   339  N N   . GLU A 1 43 ? -8.375  -6.555  -13.802 1.00 41.70  ?  43  GLU A N   1 
ATOM   340  C CA  . GLU A 1 43 ? -9.745  -7.005  -13.546 1.00 41.95  ?  43  GLU A CA  1 
ATOM   341  C C   . GLU A 1 43 ? -10.670 -6.812  -14.752 1.00 49.35  ?  43  GLU A C   1 
ATOM   342  O O   . GLU A 1 43 ? -11.523 -7.664  -14.998 1.00 48.43  ?  43  GLU A O   1 
ATOM   343  C CB  . GLU A 1 43 ? -10.322 -6.322  -12.301 1.00 43.13  ?  43  GLU A CB  1 
ATOM   344  C CG  . GLU A 1 43 ? -9.706  -6.863  -11.025 1.00 54.33  ?  43  GLU A CG  1 
ATOM   345  C CD  . GLU A 1 43 ? -10.159 -6.227  -9.724  1.00 69.98  ?  43  GLU A CD  1 
ATOM   346  O OE1 . GLU A 1 43 ? -10.541 -5.035  -9.730  1.00 54.34  ?  43  GLU A OE1 1 
ATOM   347  O OE2 . GLU A 1 43 ? -10.095 -6.922  -8.684  1.00 64.92  -1 43  GLU A OE2 1 
ATOM   348  N N   . ARG A 1 44 ? -10.511 -5.704  -15.496 1.00 48.87  ?  44  ARG A N   1 
ATOM   349  C CA  . ARG A 1 44 ? -11.305 -5.459  -16.698 1.00 49.43  ?  44  ARG A CA  1 
ATOM   350  C C   . ARG A 1 44 ? -10.895 -6.432  -17.793 1.00 56.29  ?  44  ARG A C   1 
ATOM   351  O O   . ARG A 1 44 ? -11.766 -7.027  -18.424 1.00 56.36  ?  44  ARG A O   1 
ATOM   352  C CB  . ARG A 1 44 ? -11.168 -4.003  -17.175 1.00 49.38  ?  44  ARG A CB  1 
ATOM   353  C CG  . ARG A 1 44 ? -11.731 -2.989  -16.182 1.00 65.80  ?  44  ARG A CG  1 
ATOM   354  C CD  . ARG A 1 44 ? -12.345 -1.781  -16.865 1.00 81.69  ?  44  ARG A CD  1 
ATOM   355  N NE  . ARG A 1 44 ? -11.389 -1.121  -17.754 1.00 94.89  ?  44  ARG A NE  1 
ATOM   356  C CZ  . ARG A 1 44 ? -10.454 -0.245  -17.381 1.00 109.63 ?  44  ARG A CZ  1 
ATOM   357  N NH1 . ARG A 1 44 ? -10.328 0.107   -16.103 1.00 91.11  1  44  ARG A NH1 1 
ATOM   358  N NH2 . ARG A 1 44 ? -9.639  0.287   -18.283 1.00 99.83  ?  44  ARG A NH2 1 
ATOM   359  N N   . GLN A 1 45 ? -9.578  -6.619  -17.996 1.00 54.38  ?  45  GLN A N   1 
ATOM   360  C CA  . GLN A 1 45 ? -9.029  -7.575  -18.971 1.00 54.79  ?  45  GLN A CA  1 
ATOM   361  C C   . GLN A 1 45 ? -9.513  -9.007  -18.697 1.00 61.65  ?  45  GLN A C   1 
ATOM   362  O O   . GLN A 1 45 ? -9.895  -9.723  -19.625 1.00 60.87  ?  45  GLN A O   1 
ATOM   363  C CB  . GLN A 1 45 ? -7.486  -7.521  -18.961 1.00 55.60  ?  45  GLN A CB  1 
ATOM   364  C CG  . GLN A 1 45 ? -6.820  -8.378  -20.034 1.00 69.36  ?  45  GLN A CG  1 
ATOM   365  C CD  . GLN A 1 45 ? -5.356  -8.054  -20.225 1.00 87.05  ?  45  GLN A CD  1 
ATOM   366  O OE1 . GLN A 1 45 ? -4.757  -7.271  -19.473 1.00 84.65  ?  45  GLN A OE1 1 
ATOM   367  N NE2 . GLN A 1 45 ? -4.740  -8.665  -21.238 1.00 73.01  ?  45  GLN A NE2 1 
ATOM   368  N N   . LEU A 1 46 ? -9.515  -9.398  -17.418 1.00 60.94  ?  46  LEU A N   1 
ATOM   369  C CA  . LEU A 1 46 ? -9.863  -10.745 -16.973 1.00 62.23  ?  46  LEU A CA  1 
ATOM   370  C C   . LEU A 1 46 ? -11.378 -10.997 -17.007 1.00 70.76  ?  46  LEU A C   1 
ATOM   371  O O   . LEU A 1 46 ? -11.786 -12.149 -17.084 1.00 70.43  ?  46  LEU A O   1 
ATOM   372  C CB  . LEU A 1 46 ? -9.293  -10.944 -15.563 1.00 62.26  ?  46  LEU A CB  1 
ATOM   373  C CG  . LEU A 1 46 ? -9.363  -12.305 -14.907 1.00 66.87  ?  46  LEU A CG  1 
ATOM   374  C CD1 . LEU A 1 46 ? -8.513  -13.322 -15.644 1.00 67.00  ?  46  LEU A CD1 1 
ATOM   375  C CD2 . LEU A 1 46 ? -8.873  -12.195 -13.484 1.00 69.11  ?  46  LEU A CD2 1 
ATOM   376  N N   . HIS A 1 47 ? -12.207 -9.937  -16.946 1.00 71.08  ?  47  HIS A N   1 
ATOM   377  C CA  . HIS A 1 47 ? -13.664 -10.040 -17.091 1.00 72.80  ?  47  HIS A CA  1 
ATOM   378  C C   . HIS A 1 47 ? -14.080 -10.333 -18.551 1.00 78.08  ?  47  HIS A C   1 
ATOM   379  O O   . HIS A 1 47 ? -15.083 -11.011 -18.770 1.00 77.58  ?  47  HIS A O   1 
ATOM   380  C CB  . HIS A 1 47 ? -14.348 -8.769  -16.544 1.00 74.42  ?  47  HIS A CB  1 
ATOM   381  C CG  . HIS A 1 47 ? -15.847 -8.816  -16.572 1.00 78.69  ?  47  HIS A CG  1 
ATOM   382  N ND1 . HIS A 1 47 ? -16.576 -9.427  -15.556 1.00 80.87  ?  47  HIS A ND1 1 
ATOM   383  C CD2 . HIS A 1 47 ? -16.708 -8.323  -17.488 1.00 81.04  ?  47  HIS A CD2 1 
ATOM   384  C CE1 . HIS A 1 47 ? -17.850 -9.291  -15.892 1.00 80.55  ?  47  HIS A CE1 1 
ATOM   385  N NE2 . HIS A 1 47 ? -17.978 -8.639  -17.051 1.00 80.97  ?  47  HIS A NE2 1 
ATOM   386  N N   . GLU A 1 48 ? -13.268 -9.891  -19.551 1.00 75.68  ?  48  GLU A N   1 
ATOM   387  C CA  . GLU A 1 48 ? -13.509 -10.188 -20.974 1.00 75.96  ?  48  GLU A CA  1 
ATOM   388  C C   . GLU A 1 48 ? -13.236 -11.660 -21.357 1.00 81.42  ?  48  GLU A C   1 
ATOM   389  O O   . GLU A 1 48 ? -13.519 -12.031 -22.497 1.00 80.94  ?  48  GLU A O   1 
ATOM   390  C CB  . GLU A 1 48 ? -12.661 -9.275  -21.896 1.00 77.21  ?  48  GLU A CB  1 
ATOM   391  C CG  . GLU A 1 48 ? -12.811 -7.775  -21.696 1.00 86.71  ?  48  GLU A CG  1 
ATOM   392  C CD  . GLU A 1 48 ? -14.207 -7.248  -21.418 1.00 105.46 ?  48  GLU A CD  1 
ATOM   393  O OE1 . GLU A 1 48 ? -15.146 -7.634  -22.152 1.00 94.26  ?  48  GLU A OE1 1 
ATOM   394  O OE2 . GLU A 1 48 ? -14.356 -6.423  -20.488 1.00 100.51 -1 48  GLU A OE2 1 
ATOM   395  N N   . ILE A 1 49 ? -12.657 -12.477 -20.450 1.00 79.42  ?  49  ILE A N   1 
ATOM   396  C CA  . ILE A 1 49 ? -12.401 -13.901 -20.695 1.00 80.14  ?  49  ILE A CA  1 
ATOM   397  C C   . ILE A 1 49 ? -12.931 -14.840 -19.574 1.00 86.67  ?  49  ILE A C   1 
ATOM   398  O O   . ILE A 1 49 ? -12.835 -16.056 -19.744 1.00 86.18  ?  49  ILE A O   1 
ATOM   399  C CB  . ILE A 1 49 ? -10.879 -14.131 -20.978 1.00 83.07  ?  49  ILE A CB  1 
ATOM   400  C CG1 . ILE A 1 49 ? -9.990  -13.847 -19.736 1.00 82.92  ?  49  ILE A CG1 1 
ATOM   401  C CG2 . ILE A 1 49 ? -10.425 -13.289 -22.178 1.00 84.20  ?  49  ILE A CG2 1 
ATOM   402  C CD1 . ILE A 1 49 ? -8.498  -13.903 -19.991 1.00 85.90  ?  49  ILE A CD1 1 
ATOM   403  N N   . THR A 1 50 ? -13.519 -14.307 -18.472 1.00 85.40  ?  50  THR A N   1 
ATOM   404  C CA  . THR A 1 50 ? -13.922 -15.138 -17.330 1.00 86.32  ?  50  THR A CA  1 
ATOM   405  C C   . THR A 1 50 ? -15.190 -15.987 -17.596 1.00 93.69  ?  50  THR A C   1 
ATOM   406  O O   . THR A 1 50 ? -15.312 -17.024 -16.940 1.00 93.89  ?  50  THR A O   1 
ATOM   407  C CB  . THR A 1 50 ? -14.046 -14.315 -16.019 1.00 92.25  ?  50  THR A CB  1 
ATOM   408  O OG1 . THR A 1 50 ? -13.965 -15.205 -14.906 1.00 92.17  ?  50  THR A OG1 1 
ATOM   409  C CG2 . THR A 1 50 ? -15.321 -13.463 -15.928 1.00 89.23  ?  50  THR A CG2 1 
ATOM   410  N N   . PRO A 1 51 ? -16.156 -15.616 -18.481 1.00 91.92  ?  51  PRO A N   1 
ATOM   411  C CA  . PRO A 1 51 ? -17.283 -16.538 -18.743 1.00 91.91  ?  51  PRO A CA  1 
ATOM   412  C C   . PRO A 1 51 ? -16.847 -17.854 -19.403 1.00 95.57  ?  51  PRO A C   1 
ATOM   413  O O   . PRO A 1 51 ? -16.284 -17.836 -20.502 1.00 94.81  ?  51  PRO A O   1 
ATOM   414  C CB  . PRO A 1 51 ? -18.230 -15.720 -19.637 1.00 93.75  ?  51  PRO A CB  1 
ATOM   415  C CG  . PRO A 1 51 ? -17.780 -14.308 -19.506 1.00 98.37  ?  51  PRO A CG  1 
ATOM   416  C CD  . PRO A 1 51 ? -16.311 -14.364 -19.247 1.00 93.83  ?  51  PRO A CD  1 
ATOM   417  N N   . VAL A 1 52 ? -17.111 -18.992 -18.706 1.00 92.00  ?  52  VAL A N   1 
ATOM   418  C CA  . VAL A 1 52 ? -16.786 -20.374 -19.095 1.00 117.78 ?  52  VAL A CA  1 
ATOM   419  C C   . VAL A 1 52 ? -15.402 -20.490 -19.779 1.00 136.24 ?  52  VAL A C   1 
ATOM   420  O O   . VAL A 1 52 ? -15.285 -20.578 -21.000 1.00 93.48  ?  52  VAL A O   1 
ATOM   421  C CB  . VAL A 1 52 ? -17.918 -21.063 -19.918 1.00 121.63 ?  52  VAL A CB  1 
ATOM   422  C CG1 . VAL A 1 52 ? -19.063 -21.495 -19.005 1.00 121.34 ?  52  VAL A CG1 1 
ATOM   423  C CG2 . VAL A 1 52 ? -18.449 -20.176 -21.046 1.00 121.47 ?  52  VAL A CG2 1 
ATOM   424  N N   . GLY B 1 1  ? 24.799  23.840  26.453  1.00 57.75  ?  1   GLY B N   1 
ATOM   425  C CA  . GLY B 1 1  ? 23.434  23.444  26.136  1.00 56.87  ?  1   GLY B CA  1 
ATOM   426  C C   . GLY B 1 1  ? 22.475  23.550  27.307  1.00 58.98  ?  1   GLY B C   1 
ATOM   427  O O   . GLY B 1 1  ? 22.562  22.771  28.262  1.00 58.47  ?  1   GLY B O   1 
ATOM   428  N N   . ASP B 1 2  ? 21.555  24.530  27.232  1.00 53.97  ?  2   ASP B N   1 
ATOM   429  C CA  . ASP B 1 2  ? 20.456  24.736  28.180  1.00 52.66  ?  2   ASP B CA  1 
ATOM   430  C C   . ASP B 1 2  ? 19.207  24.159  27.481  1.00 52.29  ?  2   ASP B C   1 
ATOM   431  O O   . ASP B 1 2  ? 18.851  23.014  27.767  1.00 50.99  ?  2   ASP B O   1 
ATOM   432  C CB  . ASP B 1 2  ? 20.344  26.249  28.530  1.00 54.93  ?  2   ASP B CB  1 
ATOM   433  C CG  . ASP B 1 2  ? 19.280  26.670  29.540  1.00 65.34  ?  2   ASP B CG  1 
ATOM   434  O OD1 . ASP B 1 2  ? 19.637  27.367  30.523  1.00 65.13  ?  2   ASP B OD1 1 
ATOM   435  O OD2 . ASP B 1 2  ? 18.083  26.404  29.291  1.00 73.58  -1 2   ASP B OD2 1 
ATOM   436  N N   . ILE B 1 3  ? 18.592  24.896  26.528  1.00 46.75  ?  3   ILE B N   1 
ATOM   437  C CA  . ILE B 1 3  ? 17.509  24.340  25.725  1.00 45.99  ?  3   ILE B CA  1 
ATOM   438  C C   . ILE B 1 3  ? 18.058  23.366  24.666  1.00 47.91  ?  3   ILE B C   1 
ATOM   439  O O   . ILE B 1 3  ? 17.301  22.507  24.226  1.00 48.15  ?  3   ILE B O   1 
ATOM   440  C CB  . ILE B 1 3  ? 16.530  25.403  25.129  1.00 49.30  ?  3   ILE B CB  1 
ATOM   441  C CG1 . ILE B 1 3  ? 17.165  26.325  24.049  1.00 49.61  ?  3   ILE B CG1 1 
ATOM   442  C CG2 . ILE B 1 3  ? 15.910  26.227  26.248  1.00 50.18  ?  3   ILE B CG2 1 
ATOM   443  C CD1 . ILE B 1 3  ? 16.147  26.872  23.047  1.00 48.37  ?  3   ILE B CD1 1 
ATOM   444  N N   . ILE B 1 4  ? 19.364  23.448  24.304  1.00 42.31  ?  4   ILE B N   1 
ATOM   445  C CA  . ILE B 1 4  ? 19.973  22.546  23.302  1.00 41.34  ?  4   ILE B CA  1 
ATOM   446  C C   . ILE B 1 4  ? 20.149  21.138  23.907  1.00 45.51  ?  4   ILE B C   1 
ATOM   447  O O   . ILE B 1 4  ? 19.992  20.142  23.199  1.00 43.64  ?  4   ILE B O   1 
ATOM   448  C CB  . ILE B 1 4  ? 21.318  23.097  22.727  1.00 43.31  ?  4   ILE B CB  1 
ATOM   449  C CG1 . ILE B 1 4  ? 21.152  24.523  22.188  1.00 42.88  ?  4   ILE B CG1 1 
ATOM   450  C CG2 . ILE B 1 4  ? 21.853  22.187  21.612  1.00 44.14  ?  4   ILE B CG2 1 
ATOM   451  C CD1 . ILE B 1 4  ? 22.399  25.136  21.735  1.00 47.15  ?  4   ILE B CD1 1 
ATOM   452  N N   . TRP B 1 5  ? 20.477  21.057  25.204  1.00 43.82  ?  5   TRP B N   1 
ATOM   453  C CA  . TRP B 1 5  ? 20.582  19.770  25.883  1.00 45.06  ?  5   TRP B CA  1 
ATOM   454  C C   . TRP B 1 5  ? 19.196  19.112  26.043  1.00 45.23  ?  5   TRP B C   1 
ATOM   455  O O   . TRP B 1 5  ? 19.070  17.905  25.858  1.00 44.37  ?  5   TRP B O   1 
ATOM   456  C CB  . TRP B 1 5  ? 21.288  19.938  27.245  1.00 45.56  ?  5   TRP B CB  1 
ATOM   457  C CG  . TRP B 1 5  ? 21.528  18.644  27.971  1.00 47.86  ?  5   TRP B CG  1 
ATOM   458  C CD1 . TRP B 1 5  ? 21.050  18.295  29.201  1.00 51.08  ?  5   TRP B CD1 1 
ATOM   459  C CD2 . TRP B 1 5  ? 22.251  17.501  27.479  1.00 48.18  ?  5   TRP B CD2 1 
ATOM   460  N NE1 . TRP B 1 5  ? 21.491  17.034  29.540  1.00 51.01  ?  5   TRP B NE1 1 
ATOM   461  C CE2 . TRP B 1 5  ? 22.216  16.516  28.493  1.00 52.64  ?  5   TRP B CE2 1 
ATOM   462  C CE3 . TRP B 1 5  ? 22.941  17.219  26.284  1.00 49.76  ?  5   TRP B CE3 1 
ATOM   463  C CZ2 . TRP B 1 5  ? 22.816  15.257  28.335  1.00 52.31  ?  5   TRP B CZ2 1 
ATOM   464  C CZ3 . TRP B 1 5  ? 23.528  15.970  26.125  1.00 51.59  ?  5   TRP B CZ3 1 
ATOM   465  C CH2 . TRP B 1 5  ? 23.464  15.005  27.140  1.00 52.36  ?  5   TRP B CH2 1 
ATOM   466  N N   . ASP B 1 6  ? 18.170  19.911  26.366  1.00 39.17  ?  6   ASP B N   1 
ATOM   467  C CA  . ASP B 1 6  ? 16.785  19.446  26.510  1.00 37.83  ?  6   ASP B CA  1 
ATOM   468  C C   . ASP B 1 6  ? 16.233  18.896  25.184  1.00 36.45  ?  6   ASP B C   1 
ATOM   469  O O   . ASP B 1 6  ? 15.615  17.829  25.170  1.00 35.45  ?  6   ASP B O   1 
ATOM   470  C CB  . ASP B 1 6  ? 15.877  20.597  27.025  1.00 39.99  ?  6   ASP B CB  1 
ATOM   471  C CG  . ASP B 1 6  ? 16.191  21.092  28.428  1.00 54.79  ?  6   ASP B CG  1 
ATOM   472  O OD1 . ASP B 1 6  ? 16.751  20.307  29.226  1.00 58.07  ?  6   ASP B OD1 1 
ATOM   473  O OD2 . ASP B 1 6  ? 15.865  22.259  28.731  1.00 58.65  -1 6   ASP B OD2 1 
ATOM   474  N N   . GLN B 1 7  ? 16.459  19.632  24.079  1.00 29.61  ?  7   GLN B N   1 
ATOM   475  C CA  . GLN B 1 7  ? 16.087  19.204  22.726  1.00 27.43  ?  7   GLN B CA  1 
ATOM   476  C C   . GLN B 1 7  ? 16.691  17.863  22.348  1.00 30.49  ?  7   GLN B C   1 
ATOM   477  O O   . GLN B 1 7  ? 16.008  17.070  21.715  1.00 30.25  ?  7   GLN B O   1 
ATOM   478  C CB  . GLN B 1 7  ? 16.481  20.253  21.685  1.00 27.78  ?  7   GLN B CB  1 
ATOM   479  C CG  . GLN B 1 7  ? 15.628  21.499  21.715  1.00 32.55  ?  7   GLN B CG  1 
ATOM   480  C CD  . GLN B 1 7  ? 16.271  22.606  20.939  1.00 46.26  ?  7   GLN B CD  1 
ATOM   481  O OE1 . GLN B 1 7  ? 16.963  23.465  21.478  1.00 42.81  ?  7   GLN B OE1 1 
ATOM   482  N NE2 . GLN B 1 7  ? 16.087  22.597  19.646  1.00 36.00  ?  7   GLN B NE2 1 
ATOM   483  N N   . LEU B 1 8  ? 17.955  17.597  22.718  1.00 27.44  ?  8   LEU B N   1 
ATOM   484  C CA  . LEU B 1 8  ? 18.634  16.339  22.373  1.00 28.07  ?  8   LEU B CA  1 
ATOM   485  C C   . LEU B 1 8  ? 18.155  15.130  23.184  1.00 31.18  ?  8   LEU B C   1 
ATOM   486  O O   . LEU B 1 8  ? 18.208  14.003  22.691  1.00 29.44  ?  8   LEU B O   1 
ATOM   487  C CB  . LEU B 1 8  ? 20.156  16.497  22.508  1.00 28.83  ?  8   LEU B CB  1 
ATOM   488  C CG  . LEU B 1 8  ? 20.846  17.354  21.439  1.00 34.88  ?  8   LEU B CG  1 
ATOM   489  C CD1 . LEU B 1 8  ? 22.308  17.517  21.758  1.00 35.88  ?  8   LEU B CD1 1 
ATOM   490  C CD2 . LEU B 1 8  ? 20.696  16.743  20.040  1.00 38.19  ?  8   LEU B CD2 1 
ATOM   491  N N   . ILE B 1 9  ? 17.724  15.352  24.423  1.00 28.95  ?  9   ILE B N   1 
ATOM   492  C CA  . ILE B 1 9  ? 17.121  14.295  25.245  1.00 29.40  ?  9   ILE B CA  1 
ATOM   493  C C   . ILE B 1 9  ? 15.682  13.999  24.794  1.00 32.24  ?  9   ILE B C   1 
ATOM   494  O O   . ILE B 1 9  ? 15.270  12.840  24.779  1.00 31.30  ?  9   ILE B O   1 
ATOM   495  C CB  . ILE B 1 9  ? 17.161  14.689  26.741  1.00 33.10  ?  9   ILE B CB  1 
ATOM   496  C CG1 . ILE B 1 9  ? 18.601  14.844  27.245  1.00 34.07  ?  9   ILE B CG1 1 
ATOM   497  C CG2 . ILE B 1 9  ? 16.423  13.634  27.572  1.00 34.38  ?  9   ILE B CG2 1 
ATOM   498  C CD1 . ILE B 1 9  ? 18.710  15.724  28.498  1.00 48.25  ?  9   ILE B CD1 1 
ATOM   499  N N   . VAL B 1 10 ? 14.904  15.056  24.504  1.00 28.72  ?  10  VAL B N   1 
ATOM   500  C CA  . VAL B 1 10 ? 13.558  14.928  23.954  1.00 28.20  ?  10  VAL B CA  1 
ATOM   501  C C   . VAL B 1 10 ? 13.605  14.214  22.602  1.00 31.48  ?  10  VAL B C   1 
ATOM   502  O O   . VAL B 1 10 ? 12.822  13.299  22.385  1.00 31.72  ?  10  VAL B O   1 
ATOM   503  C CB  . VAL B 1 10 ? 12.869  16.317  23.881  1.00 32.52  ?  10  VAL B CB  1 
ATOM   504  C CG1 . VAL B 1 10 ? 11.665  16.324  22.947  1.00 32.68  ?  10  VAL B CG1 1 
ATOM   505  C CG2 . VAL B 1 10 ? 12.466  16.777  25.272  1.00 32.54  ?  10  VAL B CG2 1 
ATOM   506  N N   . LYS B 1 11 ? 14.527  14.619  21.714  1.00 27.31  ?  11  LYS B N   1 
ATOM   507  C CA  . LYS B 1 11 ? 14.744  14.009  20.406  1.00 27.39  ?  11  LYS B CA  1 
ATOM   508  C C   . LYS B 1 11 ? 15.054  12.524  20.496  1.00 33.44  ?  11  LYS B C   1 
ATOM   509  O O   . LYS B 1 11 ? 14.469  11.743  19.762  1.00 32.67  ?  11  LYS B O   1 
ATOM   510  C CB  . LYS B 1 11 ? 15.882  14.729  19.679  1.00 29.14  ?  11  LYS B CB  1 
ATOM   511  C CG  . LYS B 1 11 ? 16.315  14.083  18.369  1.00 24.71  ?  11  LYS B CG  1 
ATOM   512  C CD  . LYS B 1 11 ? 17.078  15.073  17.508  1.00 26.23  ?  11  LYS B CD  1 
ATOM   513  C CE  . LYS B 1 11 ? 17.593  14.447  16.242  1.00 42.91  ?  11  LYS B CE  1 
ATOM   514  N NZ  . LYS B 1 11 ? 17.238  15.259  15.058  1.00 59.66  1  11  LYS B NZ  1 
ATOM   515  N N   . ARG B 1 12 ? 15.976  12.136  21.377  1.00 33.61  ?  12  ARG B N   1 
ATOM   516  C CA  . ARG B 1 12 ? 16.327  10.722  21.559  1.00 34.54  ?  12  ARG B CA  1 
ATOM   517  C C   . ARG B 1 12 ? 15.151  9.919   22.163  1.00 37.54  ?  12  ARG B C   1 
ATOM   518  O O   . ARG B 1 12 ? 14.974  8.757   21.803  1.00 38.27  ?  12  ARG B O   1 
ATOM   519  C CB  . ARG B 1 12 ? 17.602  10.585  22.426  1.00 38.52  ?  12  ARG B CB  1 
ATOM   520  C CG  . ARG B 1 12 ? 18.046  9.137   22.724  1.00 58.54  ?  12  ARG B CG  1 
ATOM   521  C CD  . ARG B 1 12 ? 18.267  8.272   21.483  1.00 80.51  ?  12  ARG B CD  1 
ATOM   522  N NE  . ARG B 1 12 ? 18.597  6.889   21.837  1.00 97.05  ?  12  ARG B NE  1 
ATOM   523  C CZ  . ARG B 1 12 ? 19.804  6.440   22.184  1.00 114.05 ?  12  ARG B CZ  1 
ATOM   524  N NH1 . ARG B 1 12 ? 20.846  7.267   22.229  1.00 101.67 1  12  ARG B NH1 1 
ATOM   525  N NH2 . ARG B 1 12 ? 19.979  5.159   22.488  1.00 102.08 ?  12  ARG B NH2 1 
ATOM   526  N N   . THR B 1 13 ? 14.336  10.534  23.042  1.00 31.54  ?  13  THR B N   1 
ATOM   527  C CA  . THR B 1 13 ? 13.152  9.871   23.602  1.00 30.44  ?  13  THR B CA  1 
ATOM   528  C C   . THR B 1 13 ? 12.094  9.648   22.531  1.00 32.05  ?  13  THR B C   1 
ATOM   529  O O   . THR B 1 13 ? 11.548  8.558   22.439  1.00 32.00  ?  13  THR B O   1 
ATOM   530  C CB  . THR B 1 13 ? 12.605  10.678  24.786  1.00 40.79  ?  13  THR B CB  1 
ATOM   531  O OG1 . THR B 1 13 ? 13.563  10.622  25.846  1.00 44.96  ?  13  THR B OG1 1 
ATOM   532  C CG2 . THR B 1 13 ? 11.260  10.160  25.290  1.00 37.24  ?  13  THR B CG2 1 
ATOM   533  N N   . LEU B 1 14 ? 11.777  10.703  21.770  1.00 27.20  ?  14  LEU B N   1 
ATOM   534  C CA  . LEU B 1 14 ? 10.808  10.668  20.677  1.00 26.37  ?  14  LEU B CA  1 
ATOM   535  C C   . LEU B 1 14 ? 11.209  9.695   19.568  1.00 30.18  ?  14  LEU B C   1 
ATOM   536  O O   . LEU B 1 14 ? 10.343  9.018   19.025  1.00 28.33  ?  14  LEU B O   1 
ATOM   537  C CB  . LEU B 1 14 ? 10.625  12.072  20.076  1.00 26.03  ?  14  LEU B CB  1 
ATOM   538  C CG  . LEU B 1 14 ? 9.865   13.086  20.933  1.00 29.71  ?  14  LEU B CG  1 
ATOM   539  C CD1 . LEU B 1 14 ? 10.121  14.495  20.443  1.00 30.98  ?  14  LEU B CD1 1 
ATOM   540  C CD2 . LEU B 1 14 ? 8.374   12.811  20.942  1.00 27.50  ?  14  LEU B CD2 1 
ATOM   541  N N   . ALA B 1 15 ? 12.506  9.630   19.222  1.00 27.62  ?  15  ALA B N   1 
ATOM   542  C CA  . ALA B 1 15 ? 12.984  8.717   18.181  1.00 27.86  ?  15  ALA B CA  1 
ATOM   543  C C   . ALA B 1 15 ? 12.733  7.250   18.560  1.00 34.50  ?  15  ALA B C   1 
ATOM   544  O O   . ALA B 1 15 ? 12.352  6.452   17.698  1.00 35.08  ?  15  ALA B O   1 
ATOM   545  C CB  . ALA B 1 15 ? 14.466  8.948   17.923  1.00 28.53  ?  15  ALA B CB  1 
ATOM   546  N N   . ASP B 1 16 ? 12.911  6.904   19.847  1.00 32.38  ?  16  ASP B N   1 
ATOM   547  C CA  . ASP B 1 16 ? 12.698  5.532   20.311  1.00 32.69  ?  16  ASP B CA  1 
ATOM   548  C C   . ASP B 1 16 ? 11.206  5.189   20.432  1.00 34.74  ?  16  ASP B C   1 
ATOM   549  O O   . ASP B 1 16 ? 10.842  4.037   20.214  1.00 34.60  ?  16  ASP B O   1 
ATOM   550  C CB  . ASP B 1 16 ? 13.441  5.282   21.635  1.00 35.62  ?  16  ASP B CB  1 
ATOM   551  C CG  . ASP B 1 16 ? 14.957  5.463   21.552  1.00 57.79  ?  16  ASP B CG  1 
ATOM   552  O OD1 . ASP B 1 16 ? 15.543  5.162   20.471  1.00 59.72  ?  16  ASP B OD1 1 
ATOM   553  O OD2 . ASP B 1 16 ? 15.563  5.884   22.572  1.00 68.00  -1 16  ASP B OD2 1 
ATOM   554  N N   . LEU B 1 17 ? 10.341  6.173   20.757  1.00 29.89  ?  17  LEU B N   1 
ATOM   555  C CA  . LEU B 1 17 ? 8.883   5.969   20.787  1.00 28.81  ?  17  LEU B CA  1 
ATOM   556  C C   . LEU B 1 17 ? 8.241   5.917   19.383  1.00 29.90  ?  17  LEU B C   1 
ATOM   557  O O   . LEU B 1 17 ? 7.100   5.480   19.269  1.00 28.78  ?  17  LEU B O   1 
ATOM   558  C CB  . LEU B 1 17 ? 8.197   7.063   21.618  1.00 29.04  ?  17  LEU B CB  1 
ATOM   559  C CG  . LEU B 1 17 ? 8.613   7.145   23.099  1.00 34.64  ?  17  LEU B CG  1 
ATOM   560  C CD1 . LEU B 1 17 ? 8.482   8.567   23.640  1.00 33.99  ?  17  LEU B CD1 1 
ATOM   561  C CD2 . LEU B 1 17 ? 7.804   6.179   23.955  1.00 39.00  ?  17  LEU B CD2 1 
ATOM   562  N N   . LEU B 1 18 ? 8.950   6.378   18.332  1.00 25.23  ?  18  LEU B N   1 
ATOM   563  C CA  . LEU B 1 18 ? 8.475   6.307   16.948  1.00 25.21  ?  18  LEU B CA  1 
ATOM   564  C C   . LEU B 1 18 ? 8.780   4.957   16.279  1.00 31.62  ?  18  LEU B C   1 
ATOM   565  O O   . LEU B 1 18 ? 8.417   4.781   15.123  1.00 30.63  ?  18  LEU B O   1 
ATOM   566  C CB  . LEU B 1 18 ? 9.109   7.431   16.095  1.00 25.21  ?  18  LEU B CB  1 
ATOM   567  C CG  . LEU B 1 18 ? 8.562   8.860   16.214  1.00 28.99  ?  18  LEU B CG  1 
ATOM   568  C CD1 . LEU B 1 18 ? 9.413   9.804   15.380  1.00 28.35  ?  18  LEU B CD1 1 
ATOM   569  C CD2 . LEU B 1 18 ? 7.091   8.957   15.763  1.00 30.10  ?  18  LEU B CD2 1 
ATOM   570  N N   . ILE B 1 19 ? 9.433   4.004   16.980  1.00 31.29  ?  19  ILE B N   1 
ATOM   571  C CA  . ILE B 1 19 ? 9.802   2.701   16.409  1.00 31.35  ?  19  ILE B CA  1 
ATOM   572  C C   . ILE B 1 19 ? 8.571   1.936   15.893  1.00 36.84  ?  19  ILE B C   1 
ATOM   573  O O   . ILE B 1 19 ? 8.664   1.369   14.806  1.00 36.06  ?  19  ILE B O   1 
ATOM   574  C CB  . ILE B 1 19 ? 10.681  1.860   17.386  1.00 34.45  ?  19  ILE B CB  1 
ATOM   575  C CG1 . ILE B 1 19 ? 12.058  2.542   17.612  1.00 34.88  ?  19  ILE B CG1 1 
ATOM   576  C CG2 . ILE B 1 19 ? 10.902  0.433   16.846  1.00 35.75  ?  19  ILE B CG2 1 
ATOM   577  C CD1 . ILE B 1 19 ? 12.861  1.994   18.778  1.00 43.14  ?  19  ILE B CD1 1 
ATOM   578  N N   . PRO B 1 20 ? 7.421   1.868   16.597  1.00 35.27  ?  20  PRO B N   1 
ATOM   579  C CA  . PRO B 1 20 ? 6.232   1.283   15.951  1.00 35.15  ?  20  PRO B CA  1 
ATOM   580  C C   . PRO B 1 20 ? 5.843   1.901   14.599  1.00 37.55  ?  20  PRO B C   1 
ATOM   581  O O   . PRO B 1 20 ? 5.420   1.143   13.734  1.00 38.33  ?  20  PRO B O   1 
ATOM   582  C CB  . PRO B 1 20 ? 5.118   1.441   17.003  1.00 37.16  ?  20  PRO B CB  1 
ATOM   583  C CG  . PRO B 1 20 ? 5.643   2.346   18.014  1.00 41.71  ?  20  PRO B CG  1 
ATOM   584  C CD  . PRO B 1 20 ? 7.134   2.235   17.997  1.00 37.08  ?  20  PRO B CD  1 
ATOM   585  N N   . ILE B 1 21 ? 5.988   3.235   14.400  1.00 32.02  ?  21  ILE B N   1 
ATOM   586  C CA  . ILE B 1 21 ? 5.714   3.873   13.095  1.00 31.16  ?  21  ILE B CA  1 
ATOM   587  C C   . ILE B 1 21 ? 6.693   3.316   12.051  1.00 33.24  ?  21  ILE B C   1 
ATOM   588  O O   . ILE B 1 21 ? 6.280   2.980   10.945  1.00 32.30  ?  21  ILE B O   1 
ATOM   589  C CB  . ILE B 1 21 ? 5.762   5.444   13.152  1.00 34.34  ?  21  ILE B CB  1 
ATOM   590  C CG1 . ILE B 1 21 ? 4.449   6.061   13.662  1.00 34.85  ?  21  ILE B CG1 1 
ATOM   591  C CG2 . ILE B 1 21 ? 6.062   6.055   11.776  1.00 35.15  ?  21  ILE B CG2 1 
ATOM   592  C CD1 . ILE B 1 21 ? 3.799   5.429   14.797  1.00 45.75  ?  21  ILE B CD1 1 
ATOM   593  N N   . ASN B 1 22 ? 7.983   3.240   12.404  1.00 29.12  ?  22  ASN B N   1 
ATOM   594  C CA  . ASN B 1 22 ? 9.025   2.721   11.511  1.00 28.83  ?  22  ASN B CA  1 
ATOM   595  C C   . ASN B 1 22 ? 8.779   1.262   11.170  1.00 32.79  ?  22  ASN B C   1 
ATOM   596  O O   . ASN B 1 22 ? 8.991   0.870   10.027  1.00 31.94  ?  22  ASN B O   1 
ATOM   597  C CB  . ASN B 1 22 ? 10.418  2.876   12.148  1.00 27.32  ?  22  ASN B CB  1 
ATOM   598  C CG  . ASN B 1 22 ? 10.877  4.303   12.338  1.00 40.26  ?  22  ASN B CG  1 
ATOM   599  O OD1 . ASN B 1 22 ? 10.667  5.169   11.477  1.00 34.70  ?  22  ASN B OD1 1 
ATOM   600  N ND2 . ASN B 1 22 ? 11.600  4.559   13.426  1.00 30.56  ?  22  ASN B ND2 1 
ATOM   601  N N   . ARG B 1 23 ? 8.343   0.463   12.173  1.00 30.70  ?  23  ARG B N   1 
ATOM   602  C CA  . ARG B 1 23 ? 8.007   -0.954  11.985  1.00 30.83  ?  23  ARG B CA  1 
ATOM   603  C C   . ARG B 1 23 ? 6.818   -1.105  11.028  1.00 33.72  ?  23  ARG B C   1 
ATOM   604  O O   . ARG B 1 23 ? 6.906   -1.892  10.083  1.00 33.84  ?  23  ARG B O   1 
ATOM   605  C CB  . ARG B 1 23 ? 7.714   -1.654  13.333  1.00 32.15  ?  23  ARG B CB  1 
ATOM   606  C CG  . ARG B 1 23 ? 8.974   -2.032  14.129  1.00 48.20  ?  23  ARG B CG  1 
ATOM   607  C CD  . ARG B 1 23 ? 8.727   -3.137  15.158  1.00 66.92  ?  23  ARG B CD  1 
ATOM   608  N NE  . ARG B 1 23 ? 8.019   -2.663  16.359  1.00 79.40  ?  23  ARG B NE  1 
ATOM   609  C CZ  . ARG B 1 23 ? 8.563   -2.418  17.555  1.00 95.49  ?  23  ARG B CZ  1 
ATOM   610  N NH1 . ARG B 1 23 ? 9.870   -2.589  17.756  1.00 80.24  1  23  ARG B NH1 1 
ATOM   611  N NH2 . ARG B 1 23 ? 7.805   -1.989  18.560  1.00 83.14  ?  23  ARG B NH2 1 
ATOM   612  N N   . GLN B 1 24 ? 5.722   -0.335  11.263  1.00 28.32  ?  24  GLN B N   1 
ATOM   613  C CA  . GLN B 1 24 ? 4.536   -0.304  10.396  1.00 26.88  ?  24  GLN B CA  1 
ATOM   614  C C   . GLN B 1 24 ? 4.879   0.079   8.954   1.00 31.53  ?  24  GLN B C   1 
ATOM   615  O O   . GLN B 1 24 ? 4.336   -0.520  8.033   1.00 31.71  ?  24  GLN B O   1 
ATOM   616  C CB  . GLN B 1 24 ? 3.485   0.672   10.933  1.00 27.44  ?  24  GLN B CB  1 
ATOM   617  C CG  . GLN B 1 24 ? 2.694   0.150   12.119  1.00 41.71  ?  24  GLN B CG  1 
ATOM   618  C CD  . GLN B 1 24 ? 1.766   1.205   12.693  1.00 65.86  ?  24  GLN B CD  1 
ATOM   619  O OE1 . GLN B 1 24 ? 2.151   2.355   12.915  1.00 65.29  ?  24  GLN B OE1 1 
ATOM   620  N NE2 . GLN B 1 24 ? 0.532   0.836   13.002  1.00 58.25  ?  24  GLN B NE2 1 
ATOM   621  N N   . ILE B 1 25 ? 5.757   1.077   8.759   1.00 27.94  ?  25  ILE B N   1 
ATOM   622  C CA  . ILE B 1 25 ? 6.186   1.541   7.430   1.00 27.14  ?  25  ILE B CA  1 
ATOM   623  C C   . ILE B 1 25 ? 7.031   0.489   6.725   1.00 33.85  ?  25  ILE B C   1 
ATOM   624  O O   . ILE B 1 25 ? 6.817   0.240   5.542   1.00 33.99  ?  25  ILE B O   1 
ATOM   625  C CB  . ILE B 1 25 ? 6.888   2.929   7.502   1.00 29.04  ?  25  ILE B CB  1 
ATOM   626  C CG1 . ILE B 1 25 ? 5.851   4.032   7.810   1.00 28.86  ?  25  ILE B CG1 1 
ATOM   627  C CG2 . ILE B 1 25 ? 7.631   3.250   6.197   1.00 29.07  ?  25  ILE B CG2 1 
ATOM   628  C CD1 . ILE B 1 25 ? 6.426   5.322   8.317   1.00 36.22  ?  25  ILE B CD1 1 
ATOM   629  N N   . SER B 1 26 ? 7.993   -0.110  7.439   1.00 32.73  ?  26  SER B N   1 
ATOM   630  C CA  . SER B 1 26 ? 8.837   -1.196  6.918   1.00 33.19  ?  26  SER B CA  1 
ATOM   631  C C   . SER B 1 26 ? 7.986   -2.362  6.392   1.00 36.02  ?  26  SER B C   1 
ATOM   632  O O   . SER B 1 26 ? 8.226   -2.844  5.295   1.00 35.60  ?  26  SER B O   1 
ATOM   633  C CB  . SER B 1 26 ? 9.796   -1.695  8.004   1.00 38.35  ?  26  SER B CB  1 
ATOM   634  O OG  . SER B 1 26 ? 10.515  -2.851  7.599   1.00 54.32  ?  26  SER B OG  1 
ATOM   635  N N   . ASP B 1 27 ? 6.976   -2.773  7.168   1.00 32.02  ?  27  ASP B N   1 
ATOM   636  C CA  . ASP B 1 27 ? 6.089   -3.892  6.842   1.00 31.29  ?  27  ASP B CA  1 
ATOM   637  C C   . ASP B 1 27 ? 5.167   -3.576  5.665   1.00 31.98  ?  27  ASP B C   1 
ATOM   638  O O   . ASP B 1 27 ? 4.855   -4.479  4.893   1.00 30.89  ?  27  ASP B O   1 
ATOM   639  C CB  . ASP B 1 27 ? 5.240   -4.303  8.065   1.00 33.72  ?  27  ASP B CB  1 
ATOM   640  C CG  . ASP B 1 27 ? 6.023   -4.853  9.252   1.00 50.73  ?  27  ASP B CG  1 
ATOM   641  O OD1 . ASP B 1 27 ? 7.226   -5.188  9.076   1.00 52.18  ?  27  ASP B OD1 1 
ATOM   642  O OD2 . ASP B 1 27 ? 5.442   -4.931  10.363  1.00 60.09  -1 27  ASP B OD2 1 
ATOM   643  N N   . ILE B 1 28 ? 4.698   -2.316  5.551   1.00 27.05  ?  28  ILE B N   1 
ATOM   644  C CA  . ILE B 1 28 ? 3.955   -1.841  4.375   1.00 26.27  ?  28  ILE B CA  1 
ATOM   645  C C   . ILE B 1 28 ? 4.842   -1.887  3.134   1.00 31.30  ?  28  ILE B C   1 
ATOM   646  O O   . ILE B 1 28 ? 4.383   -2.319  2.079   1.00 30.30  ?  28  ILE B O   1 
ATOM   647  C CB  . ILE B 1 28 ? 3.395   -0.411  4.590   1.00 28.56  ?  28  ILE B CB  1 
ATOM   648  C CG1 . ILE B 1 28 ? 2.251   -0.420  5.608   1.00 29.16  ?  28  ILE B CG1 1 
ATOM   649  C CG2 . ILE B 1 28 ? 2.922   0.200   3.280   1.00 28.14  ?  28  ILE B CG2 1 
ATOM   650  C CD1 . ILE B 1 28 ? 2.036   0.934   6.325   1.00 28.37  ?  28  ILE B CD1 1 
ATOM   651  N N   . GLN B 1 29 ? 6.092   -1.409  3.253   1.00 28.40  ?  29  GLN B N   1 
ATOM   652  C CA  . GLN B 1 29 ? 7.009   -1.335  2.112   1.00 27.98  ?  29  GLN B CA  1 
ATOM   653  C C   . GLN B 1 29 ? 7.318   -2.713  1.521   1.00 31.61  ?  29  GLN B C   1 
ATOM   654  O O   . GLN B 1 29 ? 7.416   -2.837  0.299   1.00 31.58  ?  29  GLN B O   1 
ATOM   655  C CB  . GLN B 1 29 ? 8.307   -0.617  2.508   1.00 28.90  ?  29  GLN B CB  1 
ATOM   656  C CG  . GLN B 1 29 ? 8.147   0.896   2.573   1.00 40.50  ?  29  GLN B CG  1 
ATOM   657  C CD  . GLN B 1 29 ? 9.323   1.623   3.201   1.00 50.48  ?  29  GLN B CD  1 
ATOM   658  O OE1 . GLN B 1 29 ? 10.144  1.053   3.928   1.00 42.40  ?  29  GLN B OE1 1 
ATOM   659  N NE2 . GLN B 1 29 ? 9.415   2.921   2.949   1.00 41.05  ?  29  GLN B NE2 1 
ATOM   660  N N   . SER B 1 30 ? 7.443   -3.741  2.379   1.00 28.18  ?  30  SER B N   1 
ATOM   661  C CA  . SER B 1 30 ? 7.800   -5.092  1.952   1.00 28.86  ?  30  SER B CA  1 
ATOM   662  C C   . SER B 1 30 ? 6.595   -5.789  1.313   1.00 33.46  ?  30  SER B C   1 
ATOM   663  O O   . SER B 1 30 ? 6.753   -6.442  0.284   1.00 32.87  ?  30  SER B O   1 
ATOM   664  C CB  . SER B 1 30 ? 8.335   -5.906  3.130   1.00 33.19  ?  30  SER B CB  1 
ATOM   665  O OG  . SER B 1 30 ? 7.349   -6.119  4.127   1.00 43.46  ?  30  SER B OG  1 
ATOM   666  N N   . THR B 1 31 ? 5.401   -5.661  1.937   1.00 30.29  ?  31  THR B N   1 
ATOM   667  C CA  . THR B 1 31 ? 4.124   -6.136  1.390   1.00 29.61  ?  31  THR B CA  1 
ATOM   668  C C   . THR B 1 31 ? 3.807   -5.473  0.051   1.00 34.87  ?  31  THR B C   1 
ATOM   669  O O   . THR B 1 31 ? 3.335   -6.145  -0.858  1.00 33.92  ?  31  THR B O   1 
ATOM   670  C CB  . THR B 1 31 ? 2.993   -5.866  2.382   1.00 35.21  ?  31  THR B CB  1 
ATOM   671  O OG1 . THR B 1 31 ? 3.277   -6.537  3.605   1.00 37.95  ?  31  THR B OG1 1 
ATOM   672  C CG2 . THR B 1 31 ? 1.635   -6.309  1.862   1.00 33.70  ?  31  THR B CG2 1 
ATOM   673  N N   . LEU B 1 32 ? 4.038   -4.160  -0.062  1.00 32.93  ?  32  LEU B N   1 
ATOM   674  C CA  . LEU B 1 32 ? 3.769   -3.430  -1.297  1.00 33.25  ?  32  LEU B CA  1 
ATOM   675  C C   . LEU B 1 32 ? 4.718   -3.875  -2.415  1.00 38.23  ?  32  LEU B C   1 
ATOM   676  O O   . LEU B 1 32 ? 4.300   -3.979  -3.564  1.00 37.60  ?  32  LEU B O   1 
ATOM   677  C CB  . LEU B 1 32 ? 3.877   -1.918  -1.035  1.00 33.11  ?  32  LEU B CB  1 
ATOM   678  C CG  . LEU B 1 32 ? 3.540   -0.956  -2.176  1.00 37.67  ?  32  LEU B CG  1 
ATOM   679  C CD1 . LEU B 1 32 ? 2.144   -1.211  -2.738  1.00 38.78  ?  32  LEU B CD1 1 
ATOM   680  C CD2 . LEU B 1 32 ? 3.608   0.455   -1.681  1.00 39.04  ?  32  LEU B CD2 1 
ATOM   681  N N   . SER B 1 33 ? 5.988   -4.143  -2.074  1.00 36.35  ?  33  SER B N   1 
ATOM   682  C CA  . SER B 1 33 ? 6.973   -4.686  -3.018  1.00 36.45  ?  33  SER B CA  1 
ATOM   683  C C   . SER B 1 33 ? 6.593   -6.107  -3.484  1.00 39.60  ?  33  SER B C   1 
ATOM   684  O O   . SER B 1 33 ? 6.782   -6.446  -4.650  1.00 38.72  ?  33  SER B O   1 
ATOM   685  C CB  . SER B 1 33 ? 8.357   -4.708  -2.373  1.00 40.38  ?  33  SER B CB  1 
ATOM   686  O OG  . SER B 1 33 ? 9.346   -5.158  -3.283  1.00 51.08  ?  33  SER B OG  1 
ATOM   687  N N   . GLU B 1 34 ? 6.065   -6.923  -2.570  1.00 36.75  ?  34  GLU B N   1 
ATOM   688  C CA  . GLU B 1 34 ? 5.613   -8.279  -2.854  1.00 37.10  ?  34  GLU B CA  1 
ATOM   689  C C   . GLU B 1 34 ? 4.383   -8.267  -3.779  1.00 40.86  ?  34  GLU B C   1 
ATOM   690  O O   . GLU B 1 34 ? 4.335   -9.079  -4.699  1.00 41.14  ?  34  GLU B O   1 
ATOM   691  C CB  . GLU B 1 34 ? 5.296   -9.004  -1.529  1.00 38.98  ?  34  GLU B CB  1 
ATOM   692  C CG  . GLU B 1 34 ? 4.956   -10.482 -1.639  1.00 57.18  ?  34  GLU B CG  1 
ATOM   693  C CD  . GLU B 1 34 ? 4.362   -11.070 -0.370  1.00 97.02  ?  34  GLU B CD  1 
ATOM   694  O OE1 . GLU B 1 34 ? 3.575   -12.039 -0.476  1.00 101.16 ?  34  GLU B OE1 1 
ATOM   695  O OE2 . GLU B 1 34 ? 4.665   -10.550 0.730   1.00 97.24  -1 34  GLU B OE2 1 
ATOM   696  N N   . VAL B 1 35 ? 3.372   -7.404  -3.530  1.00 35.82  ?  35  VAL B N   1 
ATOM   697  C CA  . VAL B 1 35 ? 2.216   -7.346  -4.439  1.00 34.74  ?  35  VAL B CA  1 
ATOM   698  C C   . VAL B 1 35 ? 2.620   -6.794  -5.804  1.00 36.23  ?  35  VAL B C   1 
ATOM   699  O O   . VAL B 1 35 ? 2.151   -7.317  -6.809  1.00 34.24  ?  35  VAL B O   1 
ATOM   700  C CB  . VAL B 1 35 ? 0.939   -6.646  -3.898  1.00 39.01  ?  35  VAL B CB  1 
ATOM   701  C CG1 . VAL B 1 35 ? 0.406   -7.354  -2.665  1.00 39.33  ?  35  VAL B CG1 1 
ATOM   702  C CG2 . VAL B 1 35 ? 1.157   -5.169  -3.621  1.00 38.78  ?  35  VAL B CG2 1 
ATOM   703  N N   . THR B 1 36 ? 3.493   -5.771  -5.862  1.00 32.97  ?  36  THR B N   1 
ATOM   704  C CA  . THR B 1 36 ? 3.960   -5.258  -7.156  1.00 33.18  ?  36  THR B CA  1 
ATOM   705  C C   . THR B 1 36 ? 4.592   -6.367  -8.011  1.00 38.39  ?  36  THR B C   1 
ATOM   706  O O   . THR B 1 36 ? 4.412   -6.380  -9.227  1.00 38.65  ?  36  THR B O   1 
ATOM   707  C CB  . THR B 1 36 ? 4.923   -4.094  -6.941  1.00 39.41  ?  36  THR B CB  1 
ATOM   708  O OG1 . THR B 1 36 ? 4.220   -3.061  -6.252  1.00 39.43  ?  36  THR B OG1 1 
ATOM   709  C CG2 . THR B 1 36 ? 5.484   -3.553  -8.247  1.00 37.43  ?  36  THR B CG2 1 
ATOM   710  N N   . THR B 1 37 ? 5.327   -7.287  -7.372  1.00 35.50  ?  37  THR B N   1 
ATOM   711  C CA  . THR B 1 37 ? 5.920   -8.452  -8.032  1.00 35.10  ?  37  THR B CA  1 
ATOM   712  C C   . THR B 1 37 ? 4.829   -9.437  -8.500  1.00 39.34  ?  37  THR B C   1 
ATOM   713  O O   . THR B 1 37 ? 4.898   -9.923  -9.623  1.00 39.38  ?  37  THR B O   1 
ATOM   714  C CB  . THR B 1 37 ? 6.973   -9.097  -7.104  1.00 41.43  ?  37  THR B CB  1 
ATOM   715  O OG1 . THR B 1 37 ? 8.090   -8.209  -7.028  1.00 42.05  ?  37  THR B OG1 1 
ATOM   716  C CG2 . THR B 1 37 ? 7.437   -10.465 -7.584  1.00 40.51  ?  37  THR B CG2 1 
ATOM   717  N N   . ARG B 1 38 ? 3.841   -9.732  -7.644  1.00 35.94  ?  38  ARG B N   1 
ATOM   718  C CA  . ARG B 1 38 ? 2.709   -10.585 -8.002  1.00 35.76  ?  38  ARG B CA  1 
ATOM   719  C C   . ARG B 1 38 ? 1.883   -9.982  -9.156  1.00 40.77  ?  38  ARG B C   1 
ATOM   720  O O   . ARG B 1 38 ? 1.509   -10.710 -10.071 1.00 40.76  ?  38  ARG B O   1 
ATOM   721  C CB  . ARG B 1 38 ? 1.828   -10.876 -6.772  1.00 37.19  ?  38  ARG B CB  1 
ATOM   722  C CG  . ARG B 1 38 ? 2.419   -11.971 -5.881  1.00 52.87  ?  38  ARG B CG  1 
ATOM   723  C CD  . ARG B 1 38 ? 1.914   -11.994 -4.442  1.00 67.92  ?  38  ARG B CD  1 
ATOM   724  N NE  . ARG B 1 38 ? 0.466   -12.193 -4.309  1.00 79.34  ?  38  ARG B NE  1 
ATOM   725  C CZ  . ARG B 1 38 ? -0.186  -12.284 -3.148  1.00 98.52  ?  38  ARG B CZ  1 
ATOM   726  N NH1 . ARG B 1 38 ? 0.474   -12.202 -1.996  1.00 87.23  1  38  ARG B NH1 1 
ATOM   727  N NH2 . ARG B 1 38 ? -1.502  -12.460 -3.130  1.00 86.84  ?  38  ARG B NH2 1 
ATOM   728  N N   . VAL B 1 39 ? 1.624   -8.664  -9.111  1.00 38.04  ?  39  VAL B N   1 
ATOM   729  C CA  . VAL B 1 39 ? 0.962   -7.908  -10.179 1.00 38.11  ?  39  VAL B CA  1 
ATOM   730  C C   . VAL B 1 39 ? 1.769   -7.937  -11.485 1.00 44.89  ?  39  VAL B C   1 
ATOM   731  O O   . VAL B 1 39 ? 1.163   -8.022  -12.540 1.00 44.14  ?  39  VAL B O   1 
ATOM   732  C CB  . VAL B 1 39 ? 0.600   -6.460  -9.727  1.00 41.04  ?  39  VAL B CB  1 
ATOM   733  C CG1 . VAL B 1 39 ? 0.183   -5.584  -10.905 1.00 40.75  ?  39  VAL B CG1 1 
ATOM   734  C CG2 . VAL B 1 39 ? -0.508  -6.485  -8.678  1.00 40.59  ?  39  VAL B CG2 1 
ATOM   735  N N   . HIS B 1 40 ? 3.108   -7.867  -11.424 1.00 44.44  ?  40  HIS B N   1 
ATOM   736  C CA  . HIS B 1 40 ? 3.978   -7.954  -12.614 1.00 45.41  ?  40  HIS B CA  1 
ATOM   737  C C   . HIS B 1 40 ? 3.876   -9.324  -13.316 1.00 46.76  ?  40  HIS B C   1 
ATOM   738  O O   . HIS B 1 40 ? 3.823   -9.387  -14.546 1.00 44.69  ?  40  HIS B O   1 
ATOM   739  C CB  . HIS B 1 40 ? 5.444   -7.678  -12.218 1.00 47.81  ?  40  HIS B CB  1 
ATOM   740  C CG  . HIS B 1 40 ? 6.349   -7.420  -13.378 1.00 52.82  ?  40  HIS B CG  1 
ATOM   741  N ND1 . HIS B 1 40 ? 6.594   -6.132  -13.831 1.00 55.50  ?  40  HIS B ND1 1 
ATOM   742  C CD2 . HIS B 1 40 ? 7.057   -8.293  -14.133 1.00 55.67  ?  40  HIS B CD2 1 
ATOM   743  C CE1 . HIS B 1 40 ? 7.430   -6.264  -14.851 1.00 55.42  ?  40  HIS B CE1 1 
ATOM   744  N NE2 . HIS B 1 40 ? 7.733   -7.548  -15.071 1.00 55.74  ?  40  HIS B NE2 1 
ATOM   745  N N   . GLU B 1 41 ? 3.860   -10.411 -12.532 1.00 43.06  ?  41  GLU B N   1 
ATOM   746  C CA  . GLU B 1 41 ? 3.750   -11.766 -13.061 1.00 42.28  ?  41  GLU B CA  1 
ATOM   747  C C   . GLU B 1 41 ? 2.386   -12.031 -13.689 1.00 44.12  ?  41  GLU B C   1 
ATOM   748  O O   . GLU B 1 41 ? 2.311   -12.750 -14.697 1.00 44.18  ?  41  GLU B O   1 
ATOM   749  C CB  . GLU B 1 41 ? 4.054   -12.821 -11.978 1.00 44.02  ?  41  GLU B CB  1 
ATOM   750  C CG  . GLU B 1 41 ? 5.537   -13.096 -11.811 1.00 59.49  ?  41  GLU B CG  1 
ATOM   751  C CD  . GLU B 1 41 ? 6.129   -13.959 -12.912 1.00 91.22  ?  41  GLU B CD  1 
ATOM   752  O OE1 . GLU B 1 41 ? 6.972   -13.446 -13.684 1.00 91.64  ?  41  GLU B OE1 1 
ATOM   753  O OE2 . GLU B 1 41 ? 5.722   -15.139 -13.025 1.00 87.17  -1 41  GLU B OE2 1 
ATOM   754  N N   . ILE B 1 42 ? 1.310   -11.478 -13.091 1.00 37.31  ?  42  ILE B N   1 
ATOM   755  C CA  . ILE B 1 42 ? -0.037  -11.570 -13.658 1.00 35.87  ?  42  ILE B CA  1 
ATOM   756  C C   . ILE B 1 42 ? -0.114  -10.861 -15.020 1.00 39.10  ?  42  ILE B C   1 
ATOM   757  O O   . ILE B 1 42 ? -0.770  -11.365 -15.925 1.00 37.81  ?  42  ILE B O   1 
ATOM   758  C CB  . ILE B 1 42 ? -1.088  -11.014 -12.672 1.00 38.57  ?  42  ILE B CB  1 
ATOM   759  C CG1 . ILE B 1 42 ? -1.234  -11.931 -11.444 1.00 38.48  ?  42  ILE B CG1 1 
ATOM   760  C CG2 . ILE B 1 42 ? -2.438  -10.833 -13.358 1.00 39.84  ?  42  ILE B CG2 1 
ATOM   761  C CD1 . ILE B 1 42 ? -1.777  -11.238 -10.199 1.00 40.95  ?  42  ILE B CD1 1 
ATOM   762  N N   . GLU B 1 43 ? 0.531   -9.698  -15.158 1.00 36.68  ?  43  GLU B N   1 
ATOM   763  C CA  . GLU B 1 43 ? 0.560   -8.963  -16.423 1.00 37.49  ?  43  GLU B CA  1 
ATOM   764  C C   . GLU B 1 43 ? 1.295   -9.726  -17.533 1.00 45.29  ?  43  GLU B C   1 
ATOM   765  O O   . GLU B 1 43 ? 0.856   -9.668  -18.688 1.00 46.07  ?  43  GLU B O   1 
ATOM   766  C CB  . GLU B 1 43 ? 1.163   -7.564  -16.230 1.00 38.56  ?  43  GLU B CB  1 
ATOM   767  C CG  . GLU B 1 43 ? 0.226   -6.641  -15.474 1.00 46.73  ?  43  GLU B CG  1 
ATOM   768  C CD  . GLU B 1 43 ? 0.739   -5.245  -15.170 1.00 61.49  ?  43  GLU B CD  1 
ATOM   769  O OE1 . GLU B 1 43 ? 1.975   -5.060  -15.073 1.00 46.73  ?  43  GLU B OE1 1 
ATOM   770  O OE2 . GLU B 1 43 ? -0.109  -4.337  -15.000 1.00 52.10  -1 43  GLU B OE2 1 
ATOM   771  N N   . ARG B 1 44 ? 2.399   -10.438 -17.200 1.00 42.99  ?  44  ARG B N   1 
ATOM   772  C CA  . ARG B 1 44 ? 3.102   -11.251 -18.191 1.00 43.14  ?  44  ARG B CA  1 
ATOM   773  C C   . ARG B 1 44 ? 2.290   -12.499 -18.549 1.00 45.71  ?  44  ARG B C   1 
ATOM   774  O O   . ARG B 1 44 ? 2.315   -12.910 -19.704 1.00 46.06  ?  44  ARG B O   1 
ATOM   775  C CB  . ARG B 1 44 ? 4.565   -11.567 -17.767 1.00 45.23  ?  44  ARG B CB  1 
ATOM   776  C CG  . ARG B 1 44 ? 4.812   -12.818 -16.893 1.00 59.48  ?  44  ARG B CG  1 
ATOM   777  C CD  . ARG B 1 44 ? 6.150   -13.475 -17.212 1.00 69.19  ?  44  ARG B CD  1 
ATOM   778  N NE  . ARG B 1 44 ? 6.379   -14.694 -16.430 1.00 79.55  ?  44  ARG B NE  1 
ATOM   779  C CZ  . ARG B 1 44 ? 5.839   -15.889 -16.675 1.00 94.75  ?  44  ARG B CZ  1 
ATOM   780  N NH1 . ARG B 1 44 ? 4.999   -16.055 -17.693 1.00 77.51  1  44  ARG B NH1 1 
ATOM   781  N NH2 . ARG B 1 44 ? 6.128   -16.926 -15.898 1.00 87.49  ?  44  ARG B NH2 1 
ATOM   782  N N   . GLN B 1 45 ? 1.567   -13.090 -17.575 1.00 40.93  ?  45  GLN B N   1 
ATOM   783  C CA  . GLN B 1 45 ? 0.732   -14.276 -17.821 1.00 39.51  ?  45  GLN B CA  1 
ATOM   784  C C   . GLN B 1 45 ? -0.477  -13.947 -18.675 1.00 43.46  ?  45  GLN B C   1 
ATOM   785  O O   . GLN B 1 45 ? -0.811  -14.729 -19.543 1.00 42.91  ?  45  GLN B O   1 
ATOM   786  C CB  . GLN B 1 45 ? 0.297   -14.952 -16.516 1.00 40.04  ?  45  GLN B CB  1 
ATOM   787  C CG  . GLN B 1 45 ? 1.428   -15.733 -15.881 1.00 52.67  ?  45  GLN B CG  1 
ATOM   788  C CD  . GLN B 1 45 ? 1.125   -16.117 -14.463 1.00 73.69  ?  45  GLN B CD  1 
ATOM   789  O OE1 . GLN B 1 45 ? 1.655   -15.530 -13.515 1.00 70.91  ?  45  GLN B OE1 1 
ATOM   790  N NE2 . GLN B 1 45 ? 0.266   -17.110 -14.283 1.00 65.59  ?  45  GLN B NE2 1 
ATOM   791  N N   . LEU B 1 46 ? -1.134  -12.809 -18.444 1.00 41.03  ?  46  LEU B N   1 
ATOM   792  C CA  . LEU B 1 46 ? -2.237  -12.381 -19.305 1.00 41.28  ?  46  LEU B CA  1 
ATOM   793  C C   . LEU B 1 46 ? -1.759  -11.990 -20.709 1.00 48.59  ?  46  LEU B C   1 
ATOM   794  O O   . LEU B 1 46 ? -2.508  -12.179 -21.664 1.00 47.91  ?  46  LEU B O   1 
ATOM   795  C CB  . LEU B 1 46 ? -3.040  -11.246 -18.669 1.00 40.75  ?  46  LEU B CB  1 
ATOM   796  C CG  . LEU B 1 46 ? -4.001  -11.718 -17.602 1.00 44.51  ?  46  LEU B CG  1 
ATOM   797  C CD1 . LEU B 1 46 ? -4.227  -10.664 -16.582 1.00 44.37  ?  46  LEU B CD1 1 
ATOM   798  C CD2 . LEU B 1 46 ? -5.331  -12.180 -18.215 1.00 47.11  ?  46  LEU B CD2 1 
ATOM   799  N N   . HIS B 1 47 ? -0.524  -11.464 -20.841 1.00 48.09  ?  47  HIS B N   1 
ATOM   800  C CA  . HIS B 1 47 ? 0.040   -11.134 -22.153 1.00 49.20  ?  47  HIS B CA  1 
ATOM   801  C C   . HIS B 1 47 ? 0.292   -12.394 -23.006 1.00 52.99  ?  47  HIS B C   1 
ATOM   802  O O   . HIS B 1 47 ? 0.089   -12.351 -24.221 1.00 53.05  ?  47  HIS B O   1 
ATOM   803  C CB  . HIS B 1 47 ? 1.337   -10.313 -21.998 1.00 51.01  ?  47  HIS B CB  1 
ATOM   804  C CG  . HIS B 1 47 ? 1.962   -9.896  -23.298 1.00 55.33  ?  47  HIS B CG  1 
ATOM   805  N ND1 . HIS B 1 47 ? 1.535   -8.762  -23.982 1.00 57.56  ?  47  HIS B ND1 1 
ATOM   806  C CD2 . HIS B 1 47 ? 2.955   -10.484 -24.007 1.00 57.76  ?  47  HIS B CD2 1 
ATOM   807  C CE1 . HIS B 1 47 ? 2.283   -8.695  -25.074 1.00 57.33  ?  47  HIS B CE1 1 
ATOM   808  N NE2 . HIS B 1 47 ? 3.148   -9.713  -25.135 1.00 57.72  ?  47  HIS B NE2 1 
ATOM   809  N N   . GLU B 1 48 ? 0.751   -13.495 -22.382 1.00 48.72  ?  48  GLU B N   1 
ATOM   810  C CA  . GLU B 1 48 ? 1.122   -14.712 -23.107 1.00 48.04  ?  48  GLU B CA  1 
ATOM   811  C C   . GLU B 1 48 ? -0.076  -15.646 -23.366 1.00 50.87  ?  48  GLU B C   1 
ATOM   812  O O   . GLU B 1 48 ? -0.116  -16.264 -24.430 1.00 50.80  ?  48  GLU B O   1 
ATOM   813  C CB  . GLU B 1 48 ? 2.290   -15.440 -22.397 1.00 49.46  ?  48  GLU B CB  1 
ATOM   814  C CG  . GLU B 1 48 ? 1.906   -16.298 -21.197 1.00 62.24  ?  48  GLU B CG  1 
ATOM   815  C CD  . GLU B 1 48 ? 3.041   -16.793 -20.316 1.00 88.46  ?  48  GLU B CD  1 
ATOM   816  O OE1 . GLU B 1 48 ? 4.216   -16.461 -20.594 1.00 84.90  ?  48  GLU B OE1 1 
ATOM   817  O OE2 . GLU B 1 48 ? 2.748   -17.525 -19.340 1.00 83.42  -1 48  GLU B OE2 1 
ATOM   818  N N   . ILE B 1 49 ? -1.051  -15.744 -22.433 1.00 46.76  ?  49  ILE B N   1 
ATOM   819  C CA  . ILE B 1 49 ? -2.170  -16.684 -22.592 1.00 46.41  ?  49  ILE B CA  1 
ATOM   820  C C   . ILE B 1 49 ? -3.306  -16.125 -23.448 1.00 49.30  ?  49  ILE B C   1 
ATOM   821  O O   . ILE B 1 49 ? -3.925  -16.906 -24.162 1.00 48.62  ?  49  ILE B O   1 
ATOM   822  C CB  . ILE B 1 49 ? -2.725  -17.251 -21.247 1.00 49.54  ?  49  ILE B CB  1 
ATOM   823  C CG1 . ILE B 1 49 ? -3.625  -16.224 -20.507 1.00 49.69  ?  49  ILE B CG1 1 
ATOM   824  C CG2 . ILE B 1 49 ? -1.593  -17.809 -20.371 1.00 51.00  ?  49  ILE B CG2 1 
ATOM   825  C CD1 . ILE B 1 49 ? -4.014  -16.583 -19.058 1.00 56.24  ?  49  ILE B CD1 1 
ATOM   826  N N   . THR B 1 50 ? -3.616  -14.816 -23.374 1.00 45.46  ?  50  THR B N   1 
ATOM   827  C CA  . THR B 1 50 ? -4.821  -14.310 -24.043 1.00 45.35  ?  50  THR B CA  1 
ATOM   828  C C   . THR B 1 50 ? -4.764  -14.428 -25.587 1.00 47.75  ?  50  THR B C   1 
ATOM   829  O O   . THR B 1 50 ? -5.807  -14.731 -26.166 1.00 46.74  ?  50  THR B O   1 
ATOM   830  C CB  . THR B 1 50 ? -5.191  -12.896 -23.589 1.00 58.44  ?  50  THR B CB  1 
ATOM   831  O OG1 . THR B 1 50 ? -4.122  -11.988 -23.845 1.00 61.82  ?  50  THR B OG1 1 
ATOM   832  C CG2 . THR B 1 50 ? -5.607  -12.858 -22.127 1.00 58.32  ?  50  THR B CG2 1 
ATOM   833  N N   . PRO B 1 51 ? -3.609  -14.239 -26.280 1.00 43.76  ?  51  PRO B N   1 
ATOM   834  C CA  . PRO B 1 51 ? -3.562  -14.548 -27.723 1.00 43.17  ?  51  PRO B CA  1 
ATOM   835  C C   . PRO B 1 51 ? -3.789  -16.029 -28.034 1.00 47.23  ?  51  PRO B C   1 
ATOM   836  O O   . PRO B 1 51 ? -4.293  -16.355 -29.111 1.00 47.03  ?  51  PRO B O   1 
ATOM   837  C CB  . PRO B 1 51 ? -2.148  -14.113 -28.144 1.00 44.66  ?  51  PRO B CB  1 
ATOM   838  C CG  . PRO B 1 51 ? -1.635  -13.289 -27.048 1.00 49.29  ?  51  PRO B CG  1 
ATOM   839  C CD  . PRO B 1 51 ? -2.293  -13.777 -25.806 1.00 45.08  ?  51  PRO B CD  1 
ATOM   840  N N   . VAL B 1 52 ? -3.389  -16.923 -27.102 1.00 42.80  ?  52  VAL B N   1 
ATOM   841  C CA  . VAL B 1 52 ? -3.630  -18.358 -27.222 1.00 41.50  ?  52  VAL B CA  1 
ATOM   842  C C   . VAL B 1 52 ? -5.134  -18.643 -27.087 1.00 43.26  ?  52  VAL B C   1 
ATOM   843  O O   . VAL B 1 52 ? -5.660  -19.408 -27.886 1.00 42.26  ?  52  VAL B O   1 
ATOM   844  C CB  . VAL B 1 52 ? -2.772  -19.180 -26.227 1.00 44.78  ?  52  VAL B CB  1 
ATOM   845  C CG1 . VAL B 1 52 ? -3.082  -20.668 -26.334 1.00 44.69  ?  52  VAL B CG1 1 
ATOM   846  C CG2 . VAL B 1 52 ? -1.287  -18.932 -26.467 1.00 44.49  ?  52  VAL B CG2 1 
ATOM   847  N N   . LEU B 1 53 ? -5.822  -18.023 -26.110 1.00 38.82  ?  53  LEU B N   1 
ATOM   848  C CA  . LEU B 1 53 ? -7.261  -18.243 -25.924 1.00 38.49  ?  53  LEU B CA  1 
ATOM   849  C C   . LEU B 1 53 ? -8.111  -17.742 -27.098 1.00 41.85  ?  53  LEU B C   1 
ATOM   850  O O   . LEU B 1 53 ? -9.021  -18.461 -27.514 1.00 41.44  ?  53  LEU B O   1 
ATOM   851  C CB  . LEU B 1 53 ? -7.762  -17.608 -24.616 1.00 38.60  ?  53  LEU B CB  1 
ATOM   852  C CG  . LEU B 1 53 ? -7.274  -18.254 -23.325 1.00 43.69  ?  53  LEU B CG  1 
ATOM   853  C CD1 . LEU B 1 53 ? -7.516  -17.343 -22.136 1.00 44.35  ?  53  LEU B CD1 1 
ATOM   854  C CD2 . LEU B 1 53 ? -7.952  -19.591 -23.077 1.00 46.40  ?  53  LEU B CD2 1 
ATOM   855  N N   . LYS B 1 54 ? -7.833  -16.529 -27.625 1.00 37.73  ?  54  LYS B N   1 
ATOM   856  C CA  . LYS B 1 54 ? -8.619  -15.970 -28.736 1.00 37.71  ?  54  LYS B CA  1 
ATOM   857  C C   . LYS B 1 54 ? -8.419  -16.777 -30.031 1.00 40.72  ?  54  LYS B C   1 
ATOM   858  O O   . LYS B 1 54 ? -9.351  -16.897 -30.820 1.00 40.33  ?  54  LYS B O   1 
ATOM   859  C CB  . LYS B 1 54 ? -8.312  -14.472 -28.957 1.00 40.80  ?  54  LYS B CB  1 
ATOM   860  C CG  . LYS B 1 54 ? -6.993  -14.172 -29.664 1.00 62.94  ?  54  LYS B CG  1 
ATOM   861  C CD  . LYS B 1 54 ? -6.536  -12.722 -29.476 1.00 77.27  ?  54  LYS B CD  1 
ATOM   862  C CE  . LYS B 1 54 ? -5.396  -12.359 -30.404 1.00 87.83  ?  54  LYS B CE  1 
ATOM   863  N NZ  . LYS B 1 54 ? -4.709  -11.111 -29.980 1.00 95.01  1  54  LYS B NZ  1 
ATOM   864  N N   . MET B 1 55 ? -7.220  -17.349 -30.222 1.00 36.67  ?  55  MET B N   1 
ATOM   865  C CA  . MET B 1 55 ? -6.889  -18.147 -31.390 1.00 36.45  ?  55  MET B CA  1 
ATOM   866  C C   . MET B 1 55 ? -7.438  -19.541 -31.265 1.00 37.42  ?  55  MET B C   1 
ATOM   867  O O   . MET B 1 55 ? -7.977  -20.066 -32.223 1.00 37.19  ?  55  MET B O   1 
ATOM   868  C CB  . MET B 1 55 ? -5.367  -18.220 -31.571 1.00 39.56  ?  55  MET B CB  1 
ATOM   869  C CG  . MET B 1 55 ? -4.925  -18.950 -32.826 1.00 43.98  ?  55  MET B CG  1 
ATOM   870  S SD  . MET B 1 55 ? -5.770  -18.364 -34.328 1.00 48.99  ?  55  MET B SD  1 
ATOM   871  C CE  . MET B 1 55 ? -4.884  -19.130 -35.497 1.00 46.07  ?  55  MET B CE  1 
ATOM   872  N N   . GLY B 1 56 ? -7.243  -20.159 -30.114 1.00 32.52  ?  56  GLY B N   1 
ATOM   873  C CA  . GLY B 1 56 ? -7.868  -21.441 -29.802 1.00 31.89  ?  56  GLY B CA  1 
ATOM   874  C C   . GLY B 1 56 ? -9.385  -21.437 -29.891 1.00 34.99  ?  56  GLY B C   1 
ATOM   875  O O   . GLY B 1 56 ? -9.968  -22.475 -30.187 1.00 35.13  ?  56  GLY B O   1 
ATOM   876  N N   . ARG B 1 57 ? -10.048 -20.287 -29.618 1.00 30.55  ?  57  ARG B N   1 
ATOM   877  C CA  . ARG B 1 57 ? -11.509 -20.161 -29.759 1.00 29.36  ?  57  ARG B CA  1 
ATOM   878  C C   . ARG B 1 57 ? -11.887 -20.017 -31.208 1.00 30.58  ?  57  ARG B C   1 
ATOM   879  O O   . ARG B 1 57 ? -12.919 -20.540 -31.608 1.00 29.52  ?  57  ARG B O   1 
ATOM   880  C CB  . ARG B 1 57 ? -12.059 -18.951 -28.989 1.00 31.20  ?  57  ARG B CB  1 
ATOM   881  C CG  . ARG B 1 57 ? -12.130 -19.155 -27.484 1.00 51.40  ?  57  ARG B CG  1 
ATOM   882  C CD  . ARG B 1 57 ? -12.180 -17.829 -26.736 1.00 72.56  ?  57  ARG B CD  1 
ATOM   883  N NE  . ARG B 1 57 ? -12.313 -18.013 -25.287 1.00 86.35  ?  57  ARG B NE  1 
ATOM   884  C CZ  . ARG B 1 57 ? -12.375 -17.027 -24.393 1.00 97.98  ?  57  ARG B CZ  1 
ATOM   885  N NH1 . ARG B 1 57 ? -12.303 -15.756 -24.784 1.00 80.60  1  57  ARG B NH1 1 
ATOM   886  N NH2 . ARG B 1 57 ? -12.506 -17.303 -23.100 1.00 86.22  ?  57  ARG B NH2 1 
ATOM   887  N N   . THR B 1 58 ? -11.098 -19.243 -31.975 1.00 26.63  ?  58  THR B N   1 
ATOM   888  C CA  . THR B 1 58 ? -11.294 -19.060 -33.412 1.00 25.98  ?  58  THR B CA  1 
ATOM   889  C C   . THR B 1 58 ? -11.139 -20.384 -34.136 1.00 29.11  ?  58  THR B C   1 
ATOM   890  O O   . THR B 1 58 ? -11.941 -20.680 -35.023 1.00 28.33  ?  58  THR B O   1 
ATOM   891  C CB  . THR B 1 58 ? -10.317 -18.023 -33.964 1.00 30.71  ?  58  THR B CB  1 
ATOM   892  O OG1 . THR B 1 58 ? -10.682 -16.761 -33.426 1.00 28.28  ?  58  THR B OG1 1 
ATOM   893  C CG2 . THR B 1 58 ? -10.319 -17.969 -35.508 1.00 31.98  ?  58  THR B CG2 1 
ATOM   894  N N   . LEU B 1 59 ? -10.108 -21.171 -33.770 1.00 24.45  ?  59  LEU B N   1 
ATOM   895  C CA  . LEU B 1 59 ? -9.892  -22.460 -34.397 1.00 24.44  ?  59  LEU B CA  1 
ATOM   896  C C   . LEU B 1 59 ? -11.002 -23.435 -34.062 1.00 30.66  ?  59  LEU B C   1 
ATOM   897  O O   . LEU B 1 59 ? -11.388 -24.211 -34.932 1.00 29.83  ?  59  LEU B O   1 
ATOM   898  C CB  . LEU B 1 59 ? -8.518  -23.042 -34.046 1.00 24.12  ?  59  LEU B CB  1 
ATOM   899  C CG  . LEU B 1 59 ? -7.283  -22.374 -34.690 1.00 29.04  ?  59  LEU B CG  1 
ATOM   900  C CD1 . LEU B 1 59 ? -6.062  -23.256 -34.539 1.00 29.39  ?  59  LEU B CD1 1 
ATOM   901  C CD2 . LEU B 1 59 ? -7.497  -22.049 -36.173 1.00 31.53  ?  59  LEU B CD2 1 
ATOM   902  N N   . GLU B 1 60 ? -11.553 -23.380 -32.842 1.00 29.30  ?  60  GLU B N   1 
ATOM   903  C CA  . GLU B 1 60 ? -12.673 -24.256 -32.478 1.00 30.10  ?  60  GLU B CA  1 
ATOM   904  C C   . GLU B 1 60 ? -13.926 -23.888 -33.288 1.00 32.45  ?  60  GLU B C   1 
ATOM   905  O O   . GLU B 1 60 ? -14.608 -24.787 -33.789 1.00 31.23  ?  60  GLU B O   1 
ATOM   906  C CB  . GLU B 1 60 ? -12.938 -24.217 -30.950 1.00 31.93  ?  60  GLU B CB  1 
ATOM   907  C CG  . GLU B 1 60 ? -14.190 -24.952 -30.475 1.00 50.72  ?  60  GLU B CG  1 
ATOM   908  C CD  . GLU B 1 60 ? -14.419 -26.360 -31.005 1.00 91.97  ?  60  GLU B CD  1 
ATOM   909  O OE1 . GLU B 1 60 ? -15.602 -26.740 -31.169 1.00 92.84  ?  60  GLU B OE1 1 
ATOM   910  O OE2 . GLU B 1 60 ? -13.425 -27.081 -31.253 1.00 96.73  -1 60  GLU B OE2 1 
ATOM   911  N N   . ALA B 1 61 ? -14.199 -22.566 -33.436 1.00 28.57  ?  61  ALA B N   1 
ATOM   912  C CA  . ALA B 1 61 ? -15.302 -22.037 -34.256 1.00 27.94  ?  61  ALA B CA  1 
ATOM   913  C C   . ALA B 1 61 ? -15.214 -22.469 -35.721 1.00 32.92  ?  61  ALA B C   1 
ATOM   914  O O   . ALA B 1 61 ? -16.240 -22.812 -36.311 1.00 32.80  ?  61  ALA B O   1 
ATOM   915  C CB  . ALA B 1 61 ? -15.348 -20.520 -34.169 1.00 28.24  ?  61  ALA B CB  1 
ATOM   916  N N   . ILE B 1 62 ? -13.998 -22.460 -36.303 1.00 29.82  ?  62  ILE B N   1 
ATOM   917  C CA  . ILE B 1 62 ? -13.781 -22.927 -37.673 1.00 29.35  ?  62  ILE B CA  1 
ATOM   918  C C   . ILE B 1 62 ? -13.968 -24.456 -37.763 1.00 33.62  ?  62  ILE B C   1 
ATOM   919  O O   . ILE B 1 62 ? -14.618 -24.925 -38.687 1.00 32.47  ?  62  ILE B O   1 
ATOM   920  C CB  . ILE B 1 62 ? -12.405 -22.467 -38.226 1.00 32.04  ?  62  ILE B CB  1 
ATOM   921  C CG1 . ILE B 1 62 ? -12.341 -20.932 -38.335 1.00 31.75  ?  62  ILE B CG1 1 
ATOM   922  C CG2 . ILE B 1 62 ? -12.130 -23.098 -39.596 1.00 33.30  ?  62  ILE B CG2 1 
ATOM   923  C CD1 . ILE B 1 62 ? -10.942 -20.385 -38.298 1.00 35.65  ?  62  ILE B CD1 1 
ATOM   924  N N   . SER B 1 63 ? -13.420 -25.220 -36.811 1.00 32.10  ?  63  SER B N   1 
ATOM   925  C CA  . SER B 1 63 ? -13.532 -26.683 -36.828 1.00 32.81  ?  63  SER B CA  1 
ATOM   926  C C   . SER B 1 63 ? -14.980 -27.157 -36.680 1.00 38.89  ?  63  SER B C   1 
ATOM   927  O O   . SER B 1 63 ? -15.431 -27.964 -37.490 1.00 38.94  ?  63  SER B O   1 
ATOM   928  C CB  . SER B 1 63 ? -12.662 -27.313 -35.744 1.00 36.51  ?  63  SER B CB  1 
ATOM   929  O OG  . SER B 1 63 ? -11.285 -27.141 -36.034 1.00 44.26  ?  63  SER B OG  1 
ATOM   930  N N   . LYS B 1 64 ? -15.702 -26.674 -35.656 1.00 36.68  ?  64  LYS B N   1 
ATOM   931  C CA  . LYS B 1 64 ? -17.131 -26.977 -35.492 1.00 36.88  ?  64  LYS B CA  1 
ATOM   932  C C   . LYS B 1 64 ? -17.937 -26.560 -36.734 1.00 41.78  ?  64  LYS B C   1 
ATOM   933  O O   . LYS B 1 64 ? -18.681 -27.378 -37.279 1.00 42.00  ?  64  LYS B O   1 
ATOM   934  C CB  . LYS B 1 64 ? -17.708 -26.303 -34.223 1.00 39.76  ?  64  LYS B CB  1 
ATOM   935  C CG  . LYS B 1 64 ? -19.150 -26.731 -33.918 1.00 53.85  ?  64  LYS B CG  1 
ATOM   936  C CD  . LYS B 1 64 ? -19.769 -26.041 -32.709 1.00 57.40  ?  64  LYS B CD  1 
ATOM   937  C CE  . LYS B 1 64 ? -21.025 -26.699 -32.176 1.00 64.72  ?  64  LYS B CE  1 
ATOM   938  N NZ  . LYS B 1 64 ? -22.244 -26.272 -32.910 1.00 69.61  1  64  LYS B NZ  1 
ATOM   939  N N   . GLY B 1 65 ? -17.777 -25.309 -37.161 1.00 38.87  ?  65  GLY B N   1 
ATOM   940  C CA  . GLY B 1 65 ? -18.494 -24.750 -38.302 1.00 39.26  ?  65  GLY B CA  1 
ATOM   941  C C   . GLY B 1 65 ? -18.305 -25.526 -39.587 1.00 45.52  ?  65  GLY B C   1 
ATOM   942  O O   . GLY B 1 65 ? -19.277 -25.860 -40.267 1.00 44.17  ?  65  GLY B O   1 
ATOM   943  N N   . MET B 1 66 ? -17.051 -25.862 -39.895 1.00 44.83  ?  66  MET B N   1 
ATOM   944  C CA  . MET B 1 66 ? -16.691 -26.567 -41.128 1.00 45.28  ?  66  MET B CA  1 
ATOM   945  C C   . MET B 1 66 ? -17.028 -28.062 -41.068 1.00 49.95  ?  66  MET B C   1 
ATOM   946  O O   . MET B 1 66 ? -17.343 -28.630 -42.105 1.00 48.98  ?  66  MET B O   1 
ATOM   947  C CB  . MET B 1 66 ? -15.198 -26.370 -41.432 1.00 47.88  ?  66  MET B CB  1 
ATOM   948  C CG  . MET B 1 66 ? -14.864 -26.423 -42.886 1.00 51.93  ?  66  MET B CG  1 
ATOM   949  S SD  . MET B 1 66 ? -14.452 -24.798 -43.553 1.00 55.89  ?  66  MET B SD  1 
ATOM   950  C CE  . MET B 1 66 ? -13.343 -25.283 -44.850 1.00 52.61  ?  66  MET B CE  1 
ATOM   951  N N   . SER B 1 67 ? -16.956 -28.710 -39.883 1.00 48.14  ?  67  SER B N   1 
ATOM   952  C CA  . SER B 1 67 ? -17.381 -30.121 -39.740 1.00 48.99  ?  67  SER B CA  1 
ATOM   953  C C   . SER B 1 67 ? -18.889 -30.285 -39.997 1.00 54.30  ?  67  SER B C   1 
ATOM   954  O O   . SER B 1 67 ? -19.320 -31.299 -40.542 1.00 53.68  ?  67  SER B O   1 
ATOM   955  C CB  . SER B 1 67 ? -17.043 -30.663 -38.352 1.00 53.37  ?  67  SER B CB  1 
ATOM   956  O OG  . SER B 1 67 ? -15.645 -30.829 -38.180 1.00 64.47  ?  67  SER B OG  1 
ATOM   957  N N   . GLU B 1 68 ? -19.676 -29.286 -39.601 1.00 52.45  ?  68  GLU B N   1 
ATOM   958  C CA  . GLU B 1 68 ? -21.121 -29.273 -39.813 1.00 52.91  ?  68  GLU B CA  1 
ATOM   959  C C   . GLU B 1 68 ? -21.528 -28.902 -41.253 1.00 58.86  ?  68  GLU B C   1 
ATOM   960  O O   . GLU B 1 68 ? -22.591 -29.335 -41.692 1.00 58.80  ?  68  GLU B O   1 
ATOM   961  C CB  . GLU B 1 68 ? -21.781 -28.326 -38.808 1.00 54.22  ?  68  GLU B CB  1 
ATOM   962  C CG  . GLU B 1 68 ? -21.751 -28.836 -37.381 1.00 63.76  ?  68  GLU B CG  1 
ATOM   963  C CD  . GLU B 1 68 ? -22.379 -27.911 -36.356 1.00 82.64  ?  68  GLU B CD  1 
ATOM   964  O OE1 . GLU B 1 68 ? -23.502 -27.417 -36.598 1.00 77.17  ?  68  GLU B OE1 1 
ATOM   965  O OE2 . GLU B 1 68 ? -21.772 -27.727 -35.278 1.00 74.92  -1 68  GLU B OE2 1 
ATOM   966  N N   . MET B 1 69 ? -20.721 -28.088 -41.980 1.00 56.65  ?  69  MET B N   1 
ATOM   967  C CA  . MET B 1 69 ? -20.928 -27.882 -43.426 1.00 56.92  ?  69  MET B CA  1 
ATOM   968  C C   . MET B 1 69 ? -20.764 -29.210 -44.199 1.00 59.80  ?  69  MET B C   1 
ATOM   969  O O   . MET B 1 69 ? -21.468 -29.436 -45.183 1.00 59.21  ?  69  MET B O   1 
ATOM   970  C CB  . MET B 1 69 ? -19.904 -26.874 -44.027 1.00 59.61  ?  69  MET B CB  1 
ATOM   971  C CG  . MET B 1 69 ? -19.975 -25.432 -43.525 1.00 63.63  ?  69  MET B CG  1 
ATOM   972  S SD  . MET B 1 69 ? -21.606 -24.684 -43.371 1.00 68.20  ?  69  MET B SD  1 
ATOM   973  C CE  . MET B 1 69 ? -22.273 -24.973 -45.035 1.00 65.03  ?  69  MET B CE  1 
ATOM   974  N N   . LEU B 1 70 ? -19.824 -30.069 -43.755 1.00 55.96  ?  70  LEU B N   1 
ATOM   975  C CA  . LEU B 1 70 ? -19.354 -31.251 -44.474 1.00 77.97  ?  70  LEU B CA  1 
ATOM   976  C C   . LEU B 1 70 ? -19.639 -32.531 -43.680 1.00 100.63 ?  70  LEU B C   1 
ATOM   977  O O   . LEU B 1 70 ? -20.759 -32.739 -43.216 1.00 61.32  ?  70  LEU B O   1 
ATOM   978  C CB  . LEU B 1 70 ? -17.836 -31.105 -44.699 1.00 77.99  ?  70  LEU B CB  1 
ATOM   979  C CG  . LEU B 1 70 ? -17.362 -29.714 -45.162 1.00 82.56  ?  70  LEU B CG  1 
ATOM   980  C CD1 . LEU B 1 70 ? -15.859 -29.643 -45.272 1.00 82.13  ?  70  LEU B CD1 1 
ATOM   981  C CD2 . LEU B 1 70 ? -18.020 -29.318 -46.450 1.00 86.06  ?  70  LEU B CD2 1 
ATOM   982  N N   . ASP C 1 2  ? -1.386  22.249  36.862  1.00 68.70  ?  2   ASP C N   1 
ATOM   983  C CA  . ASP C 1 2  ? -0.649  21.219  37.589  1.00 68.67  ?  2   ASP C CA  1 
ATOM   984  C C   . ASP C 1 2  ? 0.051   20.239  36.624  1.00 72.51  ?  2   ASP C C   1 
ATOM   985  O O   . ASP C 1 2  ? 0.012   20.448  35.414  1.00 72.39  ?  2   ASP C O   1 
ATOM   986  C CB  . ASP C 1 2  ? -1.585  20.490  38.594  1.00 70.60  ?  2   ASP C CB  1 
ATOM   987  C CG  . ASP C 1 2  ? -2.819  19.813  38.008  1.00 79.88  ?  2   ASP C CG  1 
ATOM   988  O OD1 . ASP C 1 2  ? -3.909  19.936  38.612  1.00 79.76  ?  2   ASP C OD1 1 
ATOM   989  O OD2 . ASP C 1 2  ? -2.689  19.131  36.970  1.00 85.79  -1 2   ASP C OD2 1 
ATOM   990  N N   . ILE C 1 3  ? 0.731   19.205  37.168  1.00 68.53  ?  3   ILE C N   1 
ATOM   991  C CA  . ILE C 1 3  ? 1.339   18.115  36.383  1.00 67.83  ?  3   ILE C CA  1 
ATOM   992  C C   . ILE C 1 3  ? 0.356   17.357  35.493  1.00 69.95  ?  3   ILE C C   1 
ATOM   993  O O   . ILE C 1 3  ? 0.761   16.903  34.421  1.00 69.84  ?  3   ILE C O   1 
ATOM   994  C CB  . ILE C 1 3  ? 2.136   17.105  37.261  1.00 71.36  ?  3   ILE C CB  1 
ATOM   995  C CG1 . ILE C 1 3  ? 1.316   16.594  38.482  1.00 72.31  ?  3   ILE C CG1 1 
ATOM   996  C CG2 . ILE C 1 3  ? 3.456   17.716  37.699  1.00 72.47  ?  3   ILE C CG2 1 
ATOM   997  C CD1 . ILE C 1 3  ? 1.694   15.204  38.965  1.00 81.57  ?  3   ILE C CD1 1 
ATOM   998  N N   . ILE C 1 4  ? -0.912  17.198  35.924  1.00 64.46  ?  4   ILE C N   1 
ATOM   999  C CA  . ILE C 1 4  ? -1.887  16.395  35.174  1.00 63.05  ?  4   ILE C CA  1 
ATOM   1000 C C   . ILE C 1 4  ? -2.387  17.164  33.960  1.00 65.14  ?  4   ILE C C   1 
ATOM   1001 O O   . ILE C 1 4  ? -2.691  16.538  32.947  1.00 65.05  ?  4   ILE C O   1 
ATOM   1002 C CB  . ILE C 1 4  ? -3.046  15.873  36.073  1.00 65.91  ?  4   ILE C CB  1 
ATOM   1003 C CG1 . ILE C 1 4  ? -2.504  15.129  37.328  1.00 66.57  ?  4   ILE C CG1 1 
ATOM   1004 C CG2 . ILE C 1 4  ? -3.995  14.965  35.277  1.00 66.11  ?  4   ILE C CG2 1 
ATOM   1005 C CD1 . ILE C 1 4  ? -1.515  13.940  37.054  1.00 73.04  ?  4   ILE C CD1 1 
ATOM   1006 N N   . TRP C 1 5  ? -2.454  18.507  34.041  1.00 60.21  ?  5   TRP C N   1 
ATOM   1007 C CA  . TRP C 1 5  ? -2.813  19.341  32.894  1.00 59.52  ?  5   TRP C CA  1 
ATOM   1008 C C   . TRP C 1 5  ? -1.639  19.544  31.945  1.00 58.23  ?  5   TRP C C   1 
ATOM   1009 O O   . TRP C 1 5  ? -1.875  19.688  30.752  1.00 57.42  ?  5   TRP C O   1 
ATOM   1010 C CB  . TRP C 1 5  ? -3.362  20.696  33.346  1.00 59.58  ?  5   TRP C CB  1 
ATOM   1011 C CG  . TRP C 1 5  ? -4.561  20.610  34.244  1.00 61.78  ?  5   TRP C CG  1 
ATOM   1012 C CD1 . TRP C 1 5  ? -4.674  21.118  35.506  1.00 64.99  ?  5   TRP C CD1 1 
ATOM   1013 C CD2 . TRP C 1 5  ? -5.826  19.993  33.943  1.00 61.91  ?  5   TRP C CD2 1 
ATOM   1014 N NE1 . TRP C 1 5  ? -5.930  20.859  36.012  1.00 64.94  ?  5   TRP C NE1 1 
ATOM   1015 C CE2 . TRP C 1 5  ? -6.660  20.177  35.070  1.00 66.38  ?  5   TRP C CE2 1 
ATOM   1016 C CE3 . TRP C 1 5  ? -6.335  19.298  32.834  1.00 63.36  ?  5   TRP C CE3 1 
ATOM   1017 C CZ2 . TRP C 1 5  ? -7.977  19.711  35.108  1.00 65.71  ?  5   TRP C CZ2 1 
ATOM   1018 C CZ3 . TRP C 1 5  ? -7.635  18.825  32.882  1.00 65.03  ?  5   TRP C CZ3 1 
ATOM   1019 C CH2 . TRP C 1 5  ? -8.445  19.045  34.004  1.00 65.75  ?  5   TRP C CH2 1 
ATOM   1020 N N   . ASP C 1 6  ? -0.382  19.559  32.453  1.00 51.46  ?  6   ASP C N   1 
ATOM   1021 C CA  . ASP C 1 6  ? 0.805   19.613  31.587  1.00 49.67  ?  6   ASP C CA  1 
ATOM   1022 C C   . ASP C 1 6  ? 0.840   18.417  30.624  1.00 49.78  ?  6   ASP C C   1 
ATOM   1023 O O   . ASP C 1 6  ? 1.103   18.597  29.437  1.00 48.20  ?  6   ASP C O   1 
ATOM   1024 C CB  . ASP C 1 6  ? 2.095   19.650  32.425  1.00 51.78  ?  6   ASP C CB  1 
ATOM   1025 C CG  . ASP C 1 6  ? 2.291   20.911  33.262  1.00 59.18  ?  6   ASP C CG  1 
ATOM   1026 O OD1 . ASP C 1 6  ? 1.737   21.967  32.890  1.00 58.20  ?  6   ASP C OD1 1 
ATOM   1027 O OD2 . ASP C 1 6  ? 3.014   20.841  34.281  1.00 65.76  -1 6   ASP C OD2 1 
ATOM   1028 N N   . GLN C 1 7  ? 0.563   17.205  31.141  1.00 45.45  ?  7   GLN C N   1 
ATOM   1029 C CA  . GLN C 1 7  ? 0.454   15.976  30.339  1.00 44.62  ?  7   GLN C CA  1 
ATOM   1030 C C   . GLN C 1 7  ? -0.589  16.068  29.238  1.00 47.01  ?  7   GLN C C   1 
ATOM   1031 O O   . GLN C 1 7  ? -0.350  15.579  28.139  1.00 48.03  ?  7   GLN C O   1 
ATOM   1032 C CB  . GLN C 1 7  ? 0.123   14.770  31.226  1.00 45.90  ?  7   GLN C CB  1 
ATOM   1033 C CG  . GLN C 1 7  ? 1.269   14.320  32.108  1.00 59.05  ?  7   GLN C CG  1 
ATOM   1034 C CD  . GLN C 1 7  ? 0.780   13.385  33.168  1.00 81.65  ?  7   GLN C CD  1 
ATOM   1035 O OE1 . GLN C 1 7  ? 0.520   13.774  34.302  1.00 84.67  ?  7   GLN C OE1 1 
ATOM   1036 N NE2 . GLN C 1 7  ? 0.639   12.134  32.819  1.00 70.93  ?  7   GLN C NE2 1 
ATOM   1037 N N   . LEU C 1 8  ? -1.756  16.644  29.541  1.00 41.33  ?  8   LEU C N   1 
ATOM   1038 C CA  . LEU C 1 8  ? -2.834  16.791  28.561  1.00 40.86  ?  8   LEU C CA  1 
ATOM   1039 C C   . LEU C 1 8  ? -2.450  17.751  27.430  1.00 42.33  ?  8   LEU C C   1 
ATOM   1040 O O   . LEU C 1 8  ? -2.797  17.484  26.279  1.00 42.52  ?  8   LEU C O   1 
ATOM   1041 C CB  . LEU C 1 8  ? -4.145  17.279  29.225  1.00 41.46  ?  8   LEU C CB  1 
ATOM   1042 C CG  . LEU C 1 8  ? -5.218  16.219  29.511  1.00 46.52  ?  8   LEU C CG  1 
ATOM   1043 C CD1 . LEU C 1 8  ? -5.143  15.735  30.969  1.00 47.16  ?  8   LEU C CD1 1 
ATOM   1044 C CD2 . LEU C 1 8  ? -6.603  16.764  29.204  1.00 48.57  ?  8   LEU C CD2 1 
ATOM   1045 N N   . ILE C 1 9  ? -1.769  18.871  27.757  1.00 36.19  ?  9   ILE C N   1 
ATOM   1046 C CA  . ILE C 1 9  ? -1.333  19.867  26.771  1.00 35.05  ?  9   ILE C CA  1 
ATOM   1047 C C   . ILE C 1 9  ? -0.214  19.302  25.896  1.00 37.08  ?  9   ILE C C   1 
ATOM   1048 O O   . ILE C 1 9  ? -0.202  19.535  24.686  1.00 35.35  ?  9   ILE C O   1 
ATOM   1049 C CB  . ILE C 1 9  ? -0.912  21.187  27.455  1.00 37.84  ?  9   ILE C CB  1 
ATOM   1050 C CG1 . ILE C 1 9  ? -2.099  21.831  28.202  1.00 38.75  ?  9   ILE C CG1 1 
ATOM   1051 C CG2 . ILE C 1 9  ? -0.352  22.156  26.421  1.00 37.28  ?  9   ILE C CG2 1 
ATOM   1052 C CD1 . ILE C 1 9  ? -1.683  22.797  29.311  1.00 48.43  ?  9   ILE C CD1 1 
ATOM   1053 N N   . VAL C 1 10 ? 0.745   18.610  26.518  1.00 33.38  ?  10  VAL C N   1 
ATOM   1054 C CA  . VAL C 1 10 ? 1.819   17.916  25.810  1.00 33.25  ?  10  VAL C CA  1 
ATOM   1055 C C   . VAL C 1 10 ? 1.237   16.849  24.878  1.00 37.47  ?  10  VAL C C   1 
ATOM   1056 O O   . VAL C 1 10 ? 1.619   16.794  23.715  1.00 36.70  ?  10  VAL C O   1 
ATOM   1057 C CB  . VAL C 1 10 ? 2.851   17.347  26.816  1.00 36.53  ?  10  VAL C CB  1 
ATOM   1058 C CG1 . VAL C 1 10 ? 3.738   16.274  26.186  1.00 36.60  ?  10  VAL C CG1 1 
ATOM   1059 C CG2 . VAL C 1 10 ? 3.701   18.473  27.385  1.00 36.14  ?  10  VAL C CG2 1 
ATOM   1060 N N   . LYS C 1 11 ? 0.302   16.032  25.386  1.00 34.26  ?  11  LYS C N   1 
ATOM   1061 C CA  . LYS C 1 11 ? -0.395  15.005  24.608  1.00 33.48  ?  11  LYS C CA  1 
ATOM   1062 C C   . LYS C 1 11 ? -1.116  15.574  23.387  1.00 36.54  ?  11  LYS C C   1 
ATOM   1063 O O   . LYS C 1 11 ? -0.989  15.021  22.296  1.00 36.66  ?  11  LYS C O   1 
ATOM   1064 C CB  . LYS C 1 11 ? -1.395  14.274  25.510  1.00 36.25  ?  11  LYS C CB  1 
ATOM   1065 C CG  . LYS C 1 11 ? -2.295  13.292  24.776  1.00 54.06  ?  11  LYS C CG  1 
ATOM   1066 C CD  . LYS C 1 11 ? -2.907  12.291  25.732  1.00 69.69  ?  11  LYS C CD  1 
ATOM   1067 C CE  . LYS C 1 11 ? -3.885  11.372  25.035  1.00 79.60  ?  11  LYS C CE  1 
ATOM   1068 N NZ  . LYS C 1 11 ? -3.607  9.965   25.339  1.00 87.63  1  11  LYS C NZ  1 
ATOM   1069 N N   . ARG C 1 12 ? -1.884  16.650  23.571  1.00 32.36  ?  12  ARG C N   1 
ATOM   1070 C CA  . ARG C 1 12 ? -2.605  17.292  22.467  1.00 32.42  ?  12  ARG C CA  1 
ATOM   1071 C C   . ARG C 1 12 ? -1.634  17.925  21.437  1.00 37.00  ?  12  ARG C C   1 
ATOM   1072 O O   . ARG C 1 12 ? -1.938  17.950  20.251  1.00 37.01  ?  12  ARG C O   1 
ATOM   1073 C CB  . ARG C 1 12 ? -3.615  18.329  23.011  1.00 31.80  ?  12  ARG C CB  1 
ATOM   1074 C CG  . ARG C 1 12 ? -4.414  19.104  21.956  1.00 44.57  ?  12  ARG C CG  1 
ATOM   1075 C CD  . ARG C 1 12 ? -5.194  18.234  20.976  1.00 59.29  ?  12  ARG C CD  1 
ATOM   1076 N NE  . ARG C 1 12 ? -5.863  19.056  19.960  1.00 71.18  ?  12  ARG C NE  1 
ATOM   1077 C CZ  . ARG C 1 12 ? -7.039  19.670  20.107  1.00 84.42  ?  12  ARG C CZ  1 
ATOM   1078 N NH1 . ARG C 1 12 ? -7.723  19.557  21.242  1.00 72.69  1  12  ARG C NH1 1 
ATOM   1079 N NH2 . ARG C 1 12 ? -7.540  20.402  19.116  1.00 68.33  ?  12  ARG C NH2 1 
ATOM   1080 N N   . THR C 1 13 ? -0.472  18.426  21.885  1.00 33.35  ?  13  THR C N   1 
ATOM   1081 C CA  . THR C 1 13 ? 0.548   18.970  20.979  1.00 32.62  ?  13  THR C CA  1 
ATOM   1082 C C   . THR C 1 13 ? 1.155   17.856  20.113  1.00 33.49  ?  13  THR C C   1 
ATOM   1083 O O   . THR C 1 13 ? 1.369   18.073  18.925  1.00 32.34  ?  13  THR C O   1 
ATOM   1084 C CB  . THR C 1 13 ? 1.602   19.770  21.779  1.00 43.33  ?  13  THR C CB  1 
ATOM   1085 O OG1 . THR C 1 13 ? 0.968   20.937  22.297  1.00 40.56  ?  13  THR C OG1 1 
ATOM   1086 C CG2 . THR C 1 13 ? 2.799   20.177  20.940  1.00 44.78  ?  13  THR C CG2 1 
ATOM   1087 N N   . LEU C 1 14 ? 1.377   16.661  20.681  1.00 28.50  ?  14  LEU C N   1 
ATOM   1088 C CA  . LEU C 1 14 ? 1.882   15.520  19.917  1.00 28.29  ?  14  LEU C CA  1 
ATOM   1089 C C   . LEU C 1 14 ? 0.845   15.048  18.907  1.00 30.68  ?  14  LEU C C   1 
ATOM   1090 O O   . LEU C 1 14 ? 1.203   14.745  17.784  1.00 30.76  ?  14  LEU C O   1 
ATOM   1091 C CB  . LEU C 1 14 ? 2.268   14.346  20.844  1.00 28.13  ?  14  LEU C CB  1 
ATOM   1092 C CG  . LEU C 1 14 ? 3.367   14.606  21.890  1.00 31.52  ?  14  LEU C CG  1 
ATOM   1093 C CD1 . LEU C 1 14 ? 3.595   13.377  22.735  1.00 31.02  ?  14  LEU C CD1 1 
ATOM   1094 C CD2 . LEU C 1 14 ? 4.663   15.103  21.260  1.00 31.92  ?  14  LEU C CD2 1 
ATOM   1095 N N   . ALA C 1 15 ? -0.434  15.002  19.320  1.00 27.11  ?  15  ALA C N   1 
ATOM   1096 C CA  . ALA C 1 15 ? -1.586  14.605  18.509  1.00 26.44  ?  15  ALA C CA  1 
ATOM   1097 C C   . ALA C 1 15 ? -1.820  15.485  17.287  1.00 32.04  ?  15  ALA C C   1 
ATOM   1098 O O   . ALA C 1 15 ? -2.281  14.983  16.267  1.00 29.65  ?  15  ALA C O   1 
ATOM   1099 C CB  . ALA C 1 15 ? -2.827  14.608  19.370  1.00 27.00  ?  15  ALA C CB  1 
ATOM   1100 N N   . ASP C 1 16 ? -1.498  16.793  17.364  1.00 31.91  ?  16  ASP C N   1 
ATOM   1101 C CA  . ASP C 1 16 ? -1.587  17.679  16.187  1.00 32.93  ?  16  ASP C CA  1 
ATOM   1102 C C   . ASP C 1 16 ? -0.782  17.131  14.990  1.00 37.19  ?  16  ASP C C   1 
ATOM   1103 O O   . ASP C 1 16 ? -1.150  17.421  13.849  1.00 37.64  ?  16  ASP C O   1 
ATOM   1104 C CB  . ASP C 1 16 ? -1.099  19.115  16.504  1.00 35.29  ?  16  ASP C CB  1 
ATOM   1105 C CG  . ASP C 1 16 ? -1.915  19.906  17.514  1.00 49.63  ?  16  ASP C CG  1 
ATOM   1106 O OD1 . ASP C 1 16 ? -3.149  19.668  17.605  1.00 51.00  ?  16  ASP C OD1 1 
ATOM   1107 O OD2 . ASP C 1 16 ? -1.325  20.787  18.195  1.00 53.87  -1 16  ASP C OD2 1 
ATOM   1108 N N   . LEU C 1 17 ? 0.311   16.352  15.257  1.00 32.93  ?  17  LEU C N   1 
ATOM   1109 C CA  . LEU C 1 17 ? 1.216   15.787  14.244  1.00 32.08  ?  17  LEU C CA  1 
ATOM   1110 C C   . LEU C 1 17 ? 1.019   14.289  14.087  1.00 32.88  ?  17  LEU C C   1 
ATOM   1111 O O   . LEU C 1 17 ? 1.070   13.815  12.964  1.00 31.13  ?  17  LEU C O   1 
ATOM   1112 C CB  . LEU C 1 17 ? 2.699   16.032  14.599  1.00 32.07  ?  17  LEU C CB  1 
ATOM   1113 C CG  . LEU C 1 17 ? 3.140   17.454  14.857  1.00 37.28  ?  17  LEU C CG  1 
ATOM   1114 C CD1 . LEU C 1 17 ? 2.746   17.901  16.244  1.00 39.19  ?  17  LEU C CD1 1 
ATOM   1115 C CD2 . LEU C 1 17 ? 4.632   17.579  14.755  1.00 39.52  ?  17  LEU C CD2 1 
ATOM   1116 N N   . LEU C 1 18 ? 0.853   13.536  15.185  1.00 29.49  ?  18  LEU C N   1 
ATOM   1117 C CA  . LEU C 1 18 ? 0.747   12.083  15.091  1.00 30.46  ?  18  LEU C CA  1 
ATOM   1118 C C   . LEU C 1 18 ? -0.603  11.578  14.632  1.00 34.09  ?  18  LEU C C   1 
ATOM   1119 O O   . LEU C 1 18 ? -0.632  10.541  13.966  1.00 32.87  ?  18  LEU C O   1 
ATOM   1120 C CB  . LEU C 1 18 ? 1.116   11.380  16.408  1.00 31.41  ?  18  LEU C CB  1 
ATOM   1121 C CG  . LEU C 1 18 ? 2.608   11.170  16.723  1.00 36.82  ?  18  LEU C CG  1 
ATOM   1122 C CD1 . LEU C 1 18 ? 2.755   10.250  17.942  1.00 37.69  ?  18  LEU C CD1 1 
ATOM   1123 C CD2 . LEU C 1 18 ? 3.387   10.595  15.513  1.00 37.63  ?  18  LEU C CD2 1 
ATOM   1124 N N   . ILE C 1 19 ? -1.722  12.240  14.995  1.00 31.38  ?  19  ILE C N   1 
ATOM   1125 C CA  . ILE C 1 19 ? -3.033  11.774  14.507  1.00 31.53  ?  19  ILE C CA  1 
ATOM   1126 C C   . ILE C 1 19 ? -3.041  11.634  12.980  1.00 32.40  ?  19  ILE C C   1 
ATOM   1127 O O   . ILE C 1 19 ? -3.405  10.564  12.498  1.00 31.15  ?  19  ILE C O   1 
ATOM   1128 C CB  . ILE C 1 19 ? -4.240  12.602  15.022  1.00 35.10  ?  19  ILE C CB  1 
ATOM   1129 C CG1 . ILE C 1 19 ? -4.458  12.331  16.521  1.00 36.02  ?  19  ILE C CG1 1 
ATOM   1130 C CG2 . ILE C 1 19 ? -5.512  12.257  14.216  1.00 36.59  ?  19  ILE C CG2 1 
ATOM   1131 C CD1 . ILE C 1 19 ? -5.619  13.220  17.217  1.00 48.22  ?  19  ILE C CD1 1 
ATOM   1132 N N   . PRO C 1 20 ? -2.700  12.688  12.206  1.00 27.49  ?  20  PRO C N   1 
ATOM   1133 C CA  . PRO C 1 20 ? -2.672  12.531  10.747  1.00 27.47  ?  20  PRO C CA  1 
ATOM   1134 C C   . PRO C 1 20 ? -1.734  11.445  10.199  1.00 33.32  ?  20  PRO C C   1 
ATOM   1135 O O   . PRO C 1 20 ? -2.123  10.798  9.233   1.00 34.41  ?  20  PRO C O   1 
ATOM   1136 C CB  . PRO C 1 20 ? -2.301  13.930  10.230  1.00 28.79  ?  20  PRO C CB  1 
ATOM   1137 C CG  . PRO C 1 20 ? -1.840  14.680  11.379  1.00 32.39  ?  20  PRO C CG  1 
ATOM   1138 C CD  . PRO C 1 20 ? -2.467  14.090  12.593  1.00 27.84  ?  20  PRO C CD  1 
ATOM   1139 N N   . ILE C 1 21 ? -0.536  11.226  10.794  1.00 29.36  ?  21  ILE C N   1 
ATOM   1140 C CA  . ILE C 1 21 ? 0.368   10.132  10.365  1.00 28.95  ?  21  ILE C CA  1 
ATOM   1141 C C   . ILE C 1 21 ? -0.323  8.785   10.605  1.00 32.18  ?  21  ILE C C   1 
ATOM   1142 O O   . ILE C 1 21 ? -0.303  7.925   9.729   1.00 30.90  ?  21  ILE C O   1 
ATOM   1143 C CB  . ILE C 1 21 ? 1.774   10.191  11.071  1.00 31.91  ?  21  ILE C CB  1 
ATOM   1144 C CG1 . ILE C 1 21 ? 2.738   11.183  10.386  1.00 32.23  ?  21  ILE C CG1 1 
ATOM   1145 C CG2 . ILE C 1 21 ? 2.456   8.818   11.091  1.00 32.05  ?  21  ILE C CG2 1 
ATOM   1146 C CD1 . ILE C 1 21 ? 2.205   12.473  9.967   1.00 43.66  ?  21  ILE C CD1 1 
ATOM   1147 N N   . ASN C 1 22 ? -0.920  8.608   11.793  1.00 30.30  ?  22  ASN C N   1 
ATOM   1148 C CA  . ASN C 1 22 ? -1.632  7.380   12.154  1.00 31.04  ?  22  ASN C CA  1 
ATOM   1149 C C   . ASN C 1 22 ? -2.825  7.137   11.221  1.00 36.72  ?  22  ASN C C   1 
ATOM   1150 O O   . ASN C 1 22 ? -3.069  5.995   10.848  1.00 37.31  ?  22  ASN C O   1 
ATOM   1151 C CB  . ASN C 1 22 ? -2.113  7.429   13.614  1.00 30.50  ?  22  ASN C CB  1 
ATOM   1152 C CG  . ASN C 1 22 ? -1.005  7.406   14.640  1.00 59.96  ?  22  ASN C CG  1 
ATOM   1153 O OD1 . ASN C 1 22 ? 0.001   6.690   14.500  1.00 46.15  ?  22  ASN C OD1 1 
ATOM   1154 N ND2 . ASN C 1 22 ? -1.206  8.124   15.748  1.00 57.58  ?  22  ASN C ND2 1 
ATOM   1155 N N   . ARG C 1 23 ? -3.535  8.205   10.815  1.00 32.86  ?  23  ARG C N   1 
ATOM   1156 C CA  . ARG C 1 23 ? -4.692  8.129   9.923   1.00 32.39  ?  23  ARG C CA  1 
ATOM   1157 C C   . ARG C 1 23 ? -4.224  7.708   8.540   1.00 34.43  ?  23  ARG C C   1 
ATOM   1158 O O   . ARG C 1 23 ? -4.824  6.822   7.938   1.00 33.98  ?  23  ARG C O   1 
ATOM   1159 C CB  . ARG C 1 23 ? -5.395  9.505   9.834   1.00 35.72  ?  23  ARG C CB  1 
ATOM   1160 C CG  . ARG C 1 23 ? -6.773  9.493   9.151   1.00 54.17  ?  23  ARG C CG  1 
ATOM   1161 C CD  . ARG C 1 23 ? -7.890  9.002   10.067  1.00 77.29  ?  23  ARG C CD  1 
ATOM   1162 N NE  . ARG C 1 23 ? -7.895  9.664   11.379  1.00 91.40  ?  23  ARG C NE  1 
ATOM   1163 C CZ  . ARG C 1 23 ? -8.361  10.887  11.634  1.00 108.23 ?  23  ARG C CZ  1 
ATOM   1164 N NH1 . ARG C 1 23 ? -8.884  11.629  10.661  1.00 100.90 1  23  ARG C NH1 1 
ATOM   1165 N NH2 . ARG C 1 23 ? -8.309  11.379  12.866  1.00 91.85  ?  23  ARG C NH2 1 
ATOM   1166 N N   . GLN C 1 24 ? -3.167  8.370   8.028   1.00 28.73  ?  24  GLN C N   1 
ATOM   1167 C CA  . GLN C 1 24 ? -2.563  8.030   6.740   1.00 27.02  ?  24  GLN C CA  1 
ATOM   1168 C C   . GLN C 1 24 ? -2.097  6.576   6.683   1.00 29.00  ?  24  GLN C C   1 
ATOM   1169 O O   . GLN C 1 24 ? -2.282  5.930   5.658   1.00 28.50  ?  24  GLN C O   1 
ATOM   1170 C CB  . GLN C 1 24 ? -1.377  8.952   6.433   1.00 28.40  ?  24  GLN C CB  1 
ATOM   1171 C CG  . GLN C 1 24 ? -1.772  10.347  5.966   1.00 38.73  ?  24  GLN C CG  1 
ATOM   1172 C CD  . GLN C 1 24 ? -0.566  11.255  5.808   1.00 61.16  ?  24  GLN C CD  1 
ATOM   1173 O OE1 . GLN C 1 24 ? 0.314   11.329  6.678   1.00 53.43  ?  24  GLN C OE1 1 
ATOM   1174 N NE2 . GLN C 1 24 ? -0.503  12.001  4.709   1.00 58.67  ?  24  GLN C NE2 1 
ATOM   1175 N N   . ILE C 1 25 ? -1.479  6.074   7.761   1.00 26.16  ?  25  ILE C N   1 
ATOM   1176 C CA  . ILE C 1 25 ? -0.984  4.695   7.853   1.00 26.24  ?  25  ILE C CA  1 
ATOM   1177 C C   . ILE C 1 25 ? -2.137  3.699   7.901   1.00 31.98  ?  25  ILE C C   1 
ATOM   1178 O O   . ILE C 1 25 ? -2.082  2.690   7.205   1.00 31.58  ?  25  ILE C O   1 
ATOM   1179 C CB  . ILE C 1 25 ? 0.019   4.512   9.035   1.00 29.52  ?  25  ILE C CB  1 
ATOM   1180 C CG1 . ILE C 1 25 ? 1.356   5.210   8.704   1.00 30.11  ?  25  ILE C CG1 1 
ATOM   1181 C CG2 . ILE C 1 25 ? 0.260   3.025   9.346   1.00 30.61  ?  25  ILE C CG2 1 
ATOM   1182 C CD1 . ILE C 1 25 ? 2.242   5.476   9.891   1.00 39.00  ?  25  ILE C CD1 1 
ATOM   1183 N N   . SER C 1 26 ? -3.169  3.951   8.717   1.00 30.32  ?  26  SER C N   1 
ATOM   1184 C CA  . SER C 1 26 ? -4.309  3.025   8.772   1.00 30.18  ?  26  SER C CA  1 
ATOM   1185 C C   . SER C 1 26 ? -5.038  2.943   7.421   1.00 34.92  ?  26  SER C C   1 
ATOM   1186 O O   . SER C 1 26 ? -5.442  1.854   7.037   1.00 33.67  ?  26  SER C O   1 
ATOM   1187 C CB  . SER C 1 26 ? -5.270  3.380   9.905   1.00 32.62  ?  26  SER C CB  1 
ATOM   1188 O OG  . SER C 1 26 ? -6.142  4.444   9.569   1.00 43.94  ?  26  SER C OG  1 
ATOM   1189 N N   . ASP C 1 27 ? -5.165  4.073   6.683   1.00 33.18  ?  27  ASP C N   1 
ATOM   1190 C CA  . ASP C 1 27 ? -5.811  4.104   5.366   1.00 33.64  ?  27  ASP C CA  1 
ATOM   1191 C C   . ASP C 1 27 ? -4.983  3.377   4.306   1.00 38.19  ?  27  ASP C C   1 
ATOM   1192 O O   . ASP C 1 27 ? -5.563  2.772   3.407   1.00 38.71  ?  27  ASP C O   1 
ATOM   1193 C CB  . ASP C 1 27 ? -6.083  5.545   4.907   1.00 36.20  ?  27  ASP C CB  1 
ATOM   1194 C CG  . ASP C 1 27 ? -7.078  6.330   5.760   1.00 55.41  ?  27  ASP C CG  1 
ATOM   1195 O OD1 . ASP C 1 27 ? -7.813  5.696   6.569   1.00 56.53  ?  27  ASP C OD1 1 
ATOM   1196 O OD2 . ASP C 1 27 ? -7.126  7.578   5.617   1.00 63.97  -1 27  ASP C OD2 1 
ATOM   1197 N N   . ILE C 1 28 ? -3.642  3.470   4.379   1.00 33.44  ?  28  ILE C N   1 
ATOM   1198 C CA  . ILE C 1 28 ? -2.734  2.675   3.539   1.00 31.60  ?  28  ILE C CA  1 
ATOM   1199 C C   . ILE C 1 28 ? -2.892  1.186   3.851   1.00 34.37  ?  28  ILE C C   1 
ATOM   1200 O O   . ILE C 1 28 ? -2.940  0.378   2.929   1.00 33.85  ?  28  ILE C O   1 
ATOM   1201 C CB  . ILE C 1 28 ? -1.254  3.117   3.720   1.00 33.87  ?  28  ILE C CB  1 
ATOM   1202 C CG1 . ILE C 1 28 ? -1.013  4.493   3.100   1.00 33.82  ?  28  ILE C CG1 1 
ATOM   1203 C CG2 . ILE C 1 28 ? -0.299  2.094   3.114   1.00 34.53  ?  28  ILE C CG2 1 
ATOM   1204 C CD1 . ILE C 1 28 ? 0.173   5.255   3.708   1.00 42.60  ?  28  ILE C CD1 1 
ATOM   1205 N N   . GLN C 1 29 ? -2.935  0.826   5.141   1.00 30.42  ?  29  GLN C N   1 
ATOM   1206 C CA  . GLN C 1 29 ? -3.012  -0.574  5.559   1.00 29.39  ?  29  GLN C CA  1 
ATOM   1207 C C   . GLN C 1 29 ? -4.285  -1.256  5.066   1.00 33.79  ?  29  GLN C C   1 
ATOM   1208 O O   . GLN C 1 29 ? -4.229  -2.425  4.684   1.00 34.44  ?  29  GLN C O   1 
ATOM   1209 C CB  . GLN C 1 29 ? -2.898  -0.695  7.084   1.00 30.42  ?  29  GLN C CB  1 
ATOM   1210 C CG  . GLN C 1 29 ? -1.463  -0.553  7.580   1.00 40.58  ?  29  GLN C CG  1 
ATOM   1211 C CD  . GLN C 1 29 ? -1.338  -0.413  9.083   1.00 58.22  ?  29  GLN C CD  1 
ATOM   1212 O OE1 . GLN C 1 29 ? -2.287  -0.065  9.800   1.00 53.38  ?  29  GLN C OE1 1 
ATOM   1213 N NE2 . GLN C 1 29 ? -0.137  -0.659  9.594   1.00 50.03  ?  29  GLN C NE2 1 
ATOM   1214 N N   . SER C 1 30 ? -5.418  -0.529  5.048   1.00 29.55  ?  30  SER C N   1 
ATOM   1215 C CA  . SER C 1 30 ? -6.714  -1.080  4.657   1.00 29.47  ?  30  SER C CA  1 
ATOM   1216 C C   . SER C 1 30 ? -6.801  -1.222  3.137   1.00 33.63  ?  30  SER C C   1 
ATOM   1217 O O   . SER C 1 30 ? -7.286  -2.240  2.657   1.00 34.12  ?  30  SER C O   1 
ATOM   1218 C CB  . SER C 1 30 ? -7.853  -0.210  5.186   1.00 33.36  ?  30  SER C CB  1 
ATOM   1219 O OG  . SER C 1 30 ? -7.845  1.083   4.607   1.00 42.98  ?  30  SER C OG  1 
ATOM   1220 N N   . THR C 1 31 ? -6.345  -0.195  2.388   1.00 29.87  ?  31  THR C N   1 
ATOM   1221 C CA  . THR C 1 31 ? -6.213  -0.226  0.928   1.00 29.70  ?  31  THR C CA  1 
ATOM   1222 C C   . THR C 1 31 ? -5.264  -1.330  0.473   1.00 34.79  ?  31  THR C C   1 
ATOM   1223 O O   . THR C 1 31 ? -5.553  -2.003  -0.508  1.00 35.46  ?  31  THR C O   1 
ATOM   1224 C CB  . THR C 1 31 ? -5.715  1.131   0.416   1.00 35.51  ?  31  THR C CB  1 
ATOM   1225 O OG1 . THR C 1 31 ? -6.641  2.143   0.805   1.00 40.76  ?  31  THR C OG1 1 
ATOM   1226 C CG2 . THR C 1 31 ? -5.526  1.162   -1.090  1.00 32.98  ?  31  THR C CG2 1 
ATOM   1227 N N   . LEU C 1 32 ? -4.132  -1.501  1.161   1.00 31.11  ?  32  LEU C N   1 
ATOM   1228 C CA  . LEU C 1 32 ? -3.157  -2.528  0.804   1.00 31.36  ?  32  LEU C CA  1 
ATOM   1229 C C   . LEU C 1 32 ? -3.722  -3.929  1.061   1.00 36.62  ?  32  LEU C C   1 
ATOM   1230 O O   . LEU C 1 32 ? -3.471  -4.838  0.274   1.00 35.60  ?  32  LEU C O   1 
ATOM   1231 C CB  . LEU C 1 32 ? -1.859  -2.297  1.592   1.00 31.40  ?  32  LEU C CB  1 
ATOM   1232 C CG  . LEU C 1 32 ? -0.663  -3.208  1.302   1.00 35.98  ?  32  LEU C CG  1 
ATOM   1233 C CD1 . LEU C 1 32 ? -0.294  -3.218  -0.177  1.00 35.66  ?  32  LEU C CD1 1 
ATOM   1234 C CD2 . LEU C 1 32 ? 0.523   -2.742  2.096   1.00 38.99  ?  32  LEU C CD2 1 
ATOM   1235 N N   . SER C 1 33 ? -4.493  -4.095  2.149   1.00 34.35  ?  33  SER C N   1 
ATOM   1236 C CA  . SER C 1 33 ? -5.192  -5.348  2.456   1.00 34.62  ?  33  SER C CA  1 
ATOM   1237 C C   . SER C 1 33 ? -6.268  -5.664  1.404   1.00 38.78  ?  33  SER C C   1 
ATOM   1238 O O   . SER C 1 33 ? -6.456  -6.823  1.050   1.00 38.66  ?  33  SER C O   1 
ATOM   1239 C CB  . SER C 1 33 ? -5.830  -5.272  3.840   1.00 38.35  ?  33  SER C CB  1 
ATOM   1240 O OG  . SER C 1 33 ? -6.446  -6.497  4.199   1.00 50.86  ?  33  SER C OG  1 
ATOM   1241 N N   . GLU C 1 34 ? -6.974  -4.635  0.922   1.00 34.93  ?  34  GLU C N   1 
ATOM   1242 C CA  . GLU C 1 34 ? -8.002  -4.759  -0.110  1.00 33.80  ?  34  GLU C CA  1 
ATOM   1243 C C   . GLU C 1 34 ? -7.375  -5.164  -1.449  1.00 37.05  ?  34  GLU C C   1 
ATOM   1244 O O   . GLU C 1 34 ? -7.931  -6.008  -2.140  1.00 37.03  ?  34  GLU C O   1 
ATOM   1245 C CB  . GLU C 1 34 ? -8.764  -3.426  -0.240  1.00 35.33  ?  34  GLU C CB  1 
ATOM   1246 C CG  . GLU C 1 34 ? -9.969  -3.428  -1.165  1.00 51.65  ?  34  GLU C CG  1 
ATOM   1247 C CD  . GLU C 1 34 ? -10.500 -2.042  -1.495  1.00 80.57  ?  34  GLU C CD  1 
ATOM   1248 O OE1 . GLU C 1 34 ? -11.090 -1.881  -2.587  1.00 78.68  ?  34  GLU C OE1 1 
ATOM   1249 O OE2 . GLU C 1 34 ? -10.314 -1.117  -0.671  1.00 74.69  -1 34  GLU C OE2 1 
ATOM   1250 N N   . VAL C 1 35 ? -6.224  -4.567  -1.803  1.00 32.96  ?  35  VAL C N   1 
ATOM   1251 C CA  . VAL C 1 35 ? -5.485  -4.854  -3.042  1.00 31.84  ?  35  VAL C CA  1 
ATOM   1252 C C   . VAL C 1 35 ? -4.941  -6.285  -3.017  1.00 35.60  ?  35  VAL C C   1 
ATOM   1253 O O   . VAL C 1 35 ? -4.993  -6.974  -4.030  1.00 35.22  ?  35  VAL C O   1 
ATOM   1254 C CB  . VAL C 1 35 ? -4.352  -3.813  -3.273  1.00 35.61  ?  35  VAL C CB  1 
ATOM   1255 C CG1 . VAL C 1 35 ? -3.405  -4.251  -4.386  1.00 35.59  ?  35  VAL C CG1 1 
ATOM   1256 C CG2 . VAL C 1 35 ? -4.931  -2.436  -3.592  1.00 35.34  ?  35  VAL C CG2 1 
ATOM   1257 N N   . THR C 1 36 ? -4.398  -6.716  -1.878  1.00 32.49  ?  36  THR C N   1 
ATOM   1258 C CA  . THR C 1 36 ? -3.894  -8.083  -1.698  1.00 32.41  ?  36  THR C CA  1 
ATOM   1259 C C   . THR C 1 36 ? -4.998  -9.129  -1.888  1.00 34.99  ?  36  THR C C   1 
ATOM   1260 O O   . THR C 1 36 ? -4.734  -10.192 -2.439  1.00 34.51  ?  36  THR C O   1 
ATOM   1261 C CB  . THR C 1 36 ? -3.226  -8.218  -0.319  1.00 39.79  ?  36  THR C CB  1 
ATOM   1262 O OG1 . THR C 1 36 ? -2.131  -7.309  -0.261  1.00 38.43  ?  36  THR C OG1 1 
ATOM   1263 C CG2 . THR C 1 36 ? -2.724  -9.625  -0.044  1.00 41.85  ?  36  THR C CG2 1 
ATOM   1264 N N   . THR C 1 37 ? -6.217  -8.827  -1.419  1.00 31.24  ?  37  THR C N   1 
ATOM   1265 C CA  . THR C 1 37 ? -7.389  -9.682  -1.602  1.00 31.30  ?  37  THR C CA  1 
ATOM   1266 C C   . THR C 1 37 ? -7.797  -9.738  -3.082  1.00 34.03  ?  37  THR C C   1 
ATOM   1267 O O   . THR C 1 37 ? -8.073  -10.824 -3.586  1.00 34.65  ?  37  THR C O   1 
ATOM   1268 C CB  . THR C 1 37 ? -8.531  -9.220  -0.669  1.00 39.81  ?  37  THR C CB  1 
ATOM   1269 O OG1 . THR C 1 37 ? -8.162  -9.541  0.667   1.00 40.41  ?  37  THR C OG1 1 
ATOM   1270 C CG2 . THR C 1 37 ? -9.868  -9.875  -0.989  1.00 40.81  ?  37  THR C CG2 1 
ATOM   1271 N N   . ARG C 1 38 ? -7.845  -8.586  -3.766  1.00 29.43  ?  38  ARG C N   1 
ATOM   1272 C CA  . ARG C 1 38 ? -8.150  -8.528  -5.197  1.00 29.81  ?  38  ARG C CA  1 
ATOM   1273 C C   . ARG C 1 38 ? -7.108  -9.290  -6.031  1.00 33.72  ?  38  ARG C C   1 
ATOM   1274 O O   . ARG C 1 38 ? -7.490  -10.016 -6.942  1.00 33.70  ?  38  ARG C O   1 
ATOM   1275 C CB  . ARG C 1 38 ? -8.306  -7.066  -5.670  1.00 31.52  ?  38  ARG C CB  1 
ATOM   1276 C CG  . ARG C 1 38 ? -9.684  -6.493  -5.312  1.00 41.67  ?  38  ARG C CG  1 
ATOM   1277 C CD  . ARG C 1 38 ? -9.778  -4.975  -5.282  1.00 53.82  ?  38  ARG C CD  1 
ATOM   1278 N NE  . ARG C 1 38 ? -9.480  -4.332  -6.566  1.00 69.15  ?  38  ARG C NE  1 
ATOM   1279 C CZ  . ARG C 1 38 ? -9.545  -3.018  -6.790  1.00 85.62  ?  38  ARG C CZ  1 
ATOM   1280 N NH1 . ARG C 1 38 ? -9.901  -2.185  -5.818  1.00 71.50  1  38  ARG C NH1 1 
ATOM   1281 N NH2 . ARG C 1 38 ? -9.254  -2.529  -7.990  1.00 74.19  ?  38  ARG C NH2 1 
ATOM   1282 N N   . VAL C 1 39 ? -5.811  -9.161  -5.697  1.00 29.95  ?  39  VAL C N   1 
ATOM   1283 C CA  . VAL C 1 39 ? -4.734  -9.905  -6.365  1.00 29.33  ?  39  VAL C CA  1 
ATOM   1284 C C   . VAL C 1 39 ? -4.824  -11.419 -6.067  1.00 33.78  ?  39  VAL C C   1 
ATOM   1285 O O   . VAL C 1 39 ? -4.551  -12.216 -6.958  1.00 33.88  ?  39  VAL C O   1 
ATOM   1286 C CB  . VAL C 1 39 ? -3.341  -9.291  -6.052  1.00 32.84  ?  39  VAL C CB  1 
ATOM   1287 C CG1 . VAL C 1 39 ? -2.198  -10.201 -6.501  1.00 32.41  ?  39  VAL C CG1 1 
ATOM   1288 C CG2 . VAL C 1 39 ? -3.212  -7.925  -6.713  1.00 32.98  ?  39  VAL C CG2 1 
ATOM   1289 N N   . HIS C 1 40 ? -5.238  -11.813 -4.859  1.00 31.01  ?  40  HIS C N   1 
ATOM   1290 C CA  . HIS C 1 40 ? -5.438  -13.229 -4.524  1.00 32.07  ?  40  HIS C CA  1 
ATOM   1291 C C   . HIS C 1 40 ? -6.566  -13.859 -5.373  1.00 36.63  ?  40  HIS C C   1 
ATOM   1292 O O   . HIS C 1 40 ? -6.440  -14.989 -5.830  1.00 36.27  ?  40  HIS C O   1 
ATOM   1293 C CB  . HIS C 1 40 ? -5.788  -13.387 -3.033  1.00 33.74  ?  40  HIS C CB  1 
ATOM   1294 C CG  . HIS C 1 40 ? -5.685  -14.790 -2.529  1.00 37.92  ?  40  HIS C CG  1 
ATOM   1295 N ND1 . HIS C 1 40 ? -4.508  -15.270 -1.975  1.00 40.17  ?  40  HIS C ND1 1 
ATOM   1296 C CD2 . HIS C 1 40 ? -6.617  -15.767 -2.488  1.00 40.03  ?  40  HIS C CD2 1 
ATOM   1297 C CE1 . HIS C 1 40 ? -4.752  -16.525 -1.640  1.00 39.58  ?  40  HIS C CE1 1 
ATOM   1298 N NE2 . HIS C 1 40 ? -6.009  -16.867 -1.929  1.00 39.92  ?  40  HIS C NE2 1 
ATOM   1299 N N   . GLU C 1 41 ? -7.668  -13.123 -5.559  1.00 33.67  ?  41  GLU C N   1 
ATOM   1300 C CA  . GLU C 1 41 ? -8.815  -13.560 -6.346  1.00 33.62  ?  41  GLU C CA  1 
ATOM   1301 C C   . GLU C 1 41 ? -8.457  -13.689 -7.839  1.00 36.80  ?  41  GLU C C   1 
ATOM   1302 O O   . GLU C 1 41 ? -8.921  -14.614 -8.493  1.00 36.51  ?  41  GLU C O   1 
ATOM   1303 C CB  . GLU C 1 41 ? -9.986  -12.577 -6.128  1.00 35.47  ?  41  GLU C CB  1 
ATOM   1304 C CG  . GLU C 1 41 ? -11.256 -12.863 -6.927  1.00 53.46  ?  41  GLU C CG  1 
ATOM   1305 C CD  . GLU C 1 41 ? -11.897 -14.230 -6.745  1.00 76.38  ?  41  GLU C CD  1 
ATOM   1306 O OE1 . GLU C 1 41 ? -12.545 -14.709 -7.703  1.00 67.05  ?  41  GLU C OE1 1 
ATOM   1307 O OE2 . GLU C 1 41 ? -11.785 -14.805 -5.638  1.00 72.87  -1 41  GLU C OE2 1 
ATOM   1308 N N   . ILE C 1 42 ? -7.636  -12.765 -8.375  1.00 32.28  ?  42  ILE C N   1 
ATOM   1309 C CA  . ILE C 1 42 ? -7.133  -12.825 -9.753  1.00 30.61  ?  42  ILE C CA  1 
ATOM   1310 C C   . ILE C 1 42 ? -6.266  -14.072 -9.963  1.00 33.65  ?  42  ILE C C   1 
ATOM   1311 O O   . ILE C 1 42 ? -6.346  -14.688 -11.022 1.00 33.71  ?  42  ILE C O   1 
ATOM   1312 C CB  . ILE C 1 42 ? -6.366  -11.526 -10.111 1.00 33.06  ?  42  ILE C CB  1 
ATOM   1313 C CG1 . ILE C 1 42 ? -7.329  -10.334 -10.217 1.00 32.64  ?  42  ILE C CG1 1 
ATOM   1314 C CG2 . ILE C 1 42 ? -5.585  -11.690 -11.411 1.00 34.87  ?  42  ILE C CG2 1 
ATOM   1315 C CD1 . ILE C 1 42 ? -6.681  -8.970  -9.994  1.00 33.62  ?  42  ILE C CD1 1 
ATOM   1316 N N   . GLU C 1 43 ? -5.423  -14.421 -8.986  1.00 30.35  ?  43  GLU C N   1 
ATOM   1317 C CA  . GLU C 1 43 ? -4.590  -15.626 -9.062  1.00 30.61  ?  43  GLU C CA  1 
ATOM   1318 C C   . GLU C 1 43 ? -5.442  -16.901 -9.017  1.00 37.23  ?  43  GLU C C   1 
ATOM   1319 O O   . GLU C 1 43 ? -5.105  -17.890 -9.662  1.00 36.34  ?  43  GLU C O   1 
ATOM   1320 C CB  . GLU C 1 43 ? -3.537  -15.638 -7.944  1.00 31.43  ?  43  GLU C CB  1 
ATOM   1321 C CG  . GLU C 1 43 ? -2.454  -14.600 -8.168  1.00 35.04  ?  43  GLU C CG  1 
ATOM   1322 C CD  . GLU C 1 43 ? -1.387  -14.475 -7.102  1.00 52.02  ?  43  GLU C CD  1 
ATOM   1323 O OE1 . GLU C 1 43 ? -1.673  -14.777 -5.920  1.00 37.97  ?  43  GLU C OE1 1 
ATOM   1324 O OE2 . GLU C 1 43 ? -0.262  -14.047 -7.454  1.00 45.24  -1 43  GLU C OE2 1 
ATOM   1325 N N   . ARG C 1 44 ? -6.553  -16.855 -8.257  1.00 36.29  ?  44  ARG C N   1 
ATOM   1326 C CA  . ARG C 1 44 ? -7.558  -17.924 -8.173  1.00 36.66  ?  44  ARG C CA  1 
ATOM   1327 C C   . ARG C 1 44 ? -8.301  -18.049 -9.512  1.00 40.41  ?  44  ARG C C   1 
ATOM   1328 O O   . ARG C 1 44 ? -8.533  -19.161 -9.980  1.00 40.42  ?  44  ARG C O   1 
ATOM   1329 C CB  . ARG C 1 44 ? -8.563  -17.630 -7.030  1.00 38.82  ?  44  ARG C CB  1 
ATOM   1330 C CG  . ARG C 1 44 ? -9.359  -18.832 -6.548  1.00 57.64  ?  44  ARG C CG  1 
ATOM   1331 C CD  . ARG C 1 44 ? -10.791 -18.455 -6.188  1.00 75.11  ?  44  ARG C CD  1 
ATOM   1332 N NE  . ARG C 1 44 ? -11.606 -18.191 -7.380  1.00 87.68  ?  44  ARG C NE  1 
ATOM   1333 C CZ  . ARG C 1 44 ? -12.901 -17.877 -7.372  1.00 101.23 ?  44  ARG C CZ  1 
ATOM   1334 N NH1 . ARG C 1 44 ? -13.563 -17.777 -6.220  1.00 91.12  1  44  ARG C NH1 1 
ATOM   1335 N NH2 . ARG C 1 44 ? -13.543 -17.657 -8.512  1.00 84.41  ?  44  ARG C NH2 1 
ATOM   1336 N N   . GLN C 1 45 ? -8.674  -16.918 -10.123 1.00 36.71  ?  45  GLN C N   1 
ATOM   1337 C CA  . GLN C 1 45 ? -9.335  -16.926 -11.432 1.00 36.62  ?  45  GLN C CA  1 
ATOM   1338 C C   . GLN C 1 45 ? -8.415  -17.440 -12.527 1.00 41.22  ?  45  GLN C C   1 
ATOM   1339 O O   . GLN C 1 45 ? -8.821  -18.304 -13.289 1.00 41.35  ?  45  GLN C O   1 
ATOM   1340 C CB  . GLN C 1 45 ? -9.865  -15.533 -11.796 1.00 37.93  ?  45  GLN C CB  1 
ATOM   1341 C CG  . GLN C 1 45 ? -11.139 -15.167 -11.059 1.00 53.00  ?  45  GLN C CG  1 
ATOM   1342 C CD  . GLN C 1 45 ? -11.652 -13.804 -11.448 1.00 81.67  ?  45  GLN C CD  1 
ATOM   1343 O OE1 . GLN C 1 45 ? -11.567 -13.386 -12.608 1.00 78.27  ?  45  GLN C OE1 1 
ATOM   1344 N NE2 . GLN C 1 45 ? -12.306 -13.119 -10.518 1.00 80.61  ?  45  GLN C NE2 1 
ATOM   1345 N N   . LEU C 1 46 ? -7.188  -16.918 -12.611 1.00 38.89  ?  46  LEU C N   1 
ATOM   1346 C CA  . LEU C 1 46 ? -6.173  -17.412 -13.558 1.00 39.59  ?  46  LEU C CA  1 
ATOM   1347 C C   . LEU C 1 46 ? -5.876  -18.905 -13.414 1.00 45.31  ?  46  LEU C C   1 
ATOM   1348 O O   . LEU C 1 46 ? -5.485  -19.529 -14.392 1.00 44.70  ?  46  LEU C O   1 
ATOM   1349 C CB  . LEU C 1 46 ? -4.852  -16.641 -13.404 1.00 39.66  ?  46  LEU C CB  1 
ATOM   1350 C CG  . LEU C 1 46 ? -4.869  -15.202 -13.890 1.00 44.58  ?  46  LEU C CG  1 
ATOM   1351 C CD1 . LEU C 1 46 ? -3.779  -14.408 -13.238 1.00 45.20  ?  46  LEU C CD1 1 
ATOM   1352 C CD2 . LEU C 1 46 ? -4.731  -15.117 -15.410 1.00 46.36  ?  46  LEU C CD2 1 
ATOM   1353 N N   . HIS C 1 47 ? -5.997  -19.458 -12.199 1.00 43.89  ?  47  HIS C N   1 
ATOM   1354 C CA  . HIS C 1 47 ? -5.809  -20.893 -11.957 1.00 44.76  ?  47  HIS C CA  1 
ATOM   1355 C C   . HIS C 1 47 ? -6.947  -21.721 -12.558 1.00 50.75  ?  47  HIS C C   1 
ATOM   1356 O O   . HIS C 1 47 ? -6.706  -22.817 -13.057 1.00 49.46  ?  47  HIS C O   1 
ATOM   1357 C CB  . HIS C 1 47 ? -5.650  -21.166 -10.446 1.00 45.63  ?  47  HIS C CB  1 
ATOM   1358 C CG  . HIS C 1 47 ? -5.613  -22.611 -10.041 1.00 49.11  ?  47  HIS C CG  1 
ATOM   1359 N ND1 . HIS C 1 47 ? -6.567  -23.114 -9.177  1.00 50.93  ?  47  HIS C ND1 1 
ATOM   1360 C CD2 . HIS C 1 47 ? -4.768  -23.618 -10.391 1.00 50.51  ?  47  HIS C CD2 1 
ATOM   1361 C CE1 . HIS C 1 47 ? -6.267  -24.391 -9.006  1.00 50.10  ?  47  HIS C CE1 1 
ATOM   1362 N NE2 . HIS C 1 47 ? -5.201  -24.745 -9.726  1.00 50.20  ?  47  HIS C NE2 1 
ATOM   1363 N N   . GLU C 1 48 ? -8.185  -21.210 -12.485 1.00 50.47  ?  48  GLU C N   1 
ATOM   1364 C CA  . GLU C 1 48 ? -9.355  -21.904 -13.026 1.00 52.04  ?  48  GLU C CA  1 
ATOM   1365 C C   . GLU C 1 48 ? -9.458  -21.843 -14.561 1.00 60.69  ?  48  GLU C C   1 
ATOM   1366 O O   . GLU C 1 48 ? -10.265 -22.582 -15.121 1.00 61.26  ?  48  GLU C O   1 
ATOM   1367 C CB  . GLU C 1 48 ? -10.653 -21.362 -12.397 1.00 53.37  ?  48  GLU C CB  1 
ATOM   1368 C CG  . GLU C 1 48 ? -10.776 -21.605 -10.901 1.00 65.40  ?  48  GLU C CG  1 
ATOM   1369 C CD  . GLU C 1 48 ? -11.088 -23.026 -10.480 1.00 86.33  ?  48  GLU C CD  1 
ATOM   1370 O OE1 . GLU C 1 48 ? -12.108 -23.580 -10.950 1.00 87.52  ?  48  GLU C OE1 1 
ATOM   1371 O OE2 . GLU C 1 48 ? -10.313 -23.586 -9.670  1.00 76.07  -1 48  GLU C OE2 1 
ATOM   1372 N N   . ILE C 1 49 ? -8.667  -20.992 -15.244 1.00 60.49  ?  49  ILE C N   1 
ATOM   1373 C CA  . ILE C 1 49 ? -8.752  -20.822 -16.702 1.00 62.07  ?  49  ILE C CA  1 
ATOM   1374 C C   . ILE C 1 49 ? -7.470  -21.254 -17.453 1.00 69.63  ?  49  ILE C C   1 
ATOM   1375 O O   . ILE C 1 49 ? -7.395  -21.051 -18.663 1.00 69.42  ?  49  ILE C O   1 
ATOM   1376 C CB  . ILE C 1 49 ? -9.184  -19.366 -17.064 1.00 65.27  ?  49  ILE C CB  1 
ATOM   1377 C CG1 . ILE C 1 49 ? -8.080  -18.316 -16.763 1.00 65.64  ?  49  ILE C CG1 1 
ATOM   1378 C CG2 . ILE C 1 49 ? -10.519 -19.000 -16.371 1.00 65.92  ?  49  ILE C CG2 1 
ATOM   1379 C CD1 . ILE C 1 49 ? -7.571  -17.582 -17.997 1.00 73.48  ?  49  ILE C CD1 1 
ATOM   1380 N N   . THR C 1 50 ? -6.466  -21.819 -16.755 1.00 68.95  ?  50  THR C N   1 
ATOM   1381 C CA  . THR C 1 50 ? -5.343  -22.508 -17.407 1.00 70.10  ?  50  THR C CA  1 
ATOM   1382 C C   . THR C 1 50 ? -5.663  -23.978 -17.814 1.00 76.40  ?  50  THR C C   1 
ATOM   1383 O O   . THR C 1 50 ? -4.924  -24.520 -18.642 1.00 76.56  ?  50  THR C O   1 
ATOM   1384 C CB  . THR C 1 50 ? -4.077  -22.423 -16.542 1.00 78.62  ?  50  THR C CB  1 
ATOM   1385 O OG1 . THR C 1 50 ? -4.391  -22.816 -15.204 1.00 77.45  ?  50  THR C OG1 1 
ATOM   1386 C CG2 . THR C 1 50 ? -3.453  -21.021 -16.566 1.00 76.50  ?  50  THR C CG2 1 
ATOM   1387 N N   . PRO C 1 51 ? -6.688  -24.670 -17.243 1.00 73.69  ?  51  PRO C N   1 
ATOM   1388 C CA  . PRO C 1 51 ? -7.133  -25.945 -17.832 1.00 73.67  ?  51  PRO C CA  1 
ATOM   1389 C C   . PRO C 1 51 ? -7.692  -25.853 -19.254 1.00 78.64  ?  51  PRO C C   1 
ATOM   1390 O O   . PRO C 1 51 ? -7.522  -26.804 -20.021 1.00 78.36  ?  51  PRO C O   1 
ATOM   1391 C CB  . PRO C 1 51 ? -8.221  -26.423 -16.858 1.00 75.24  ?  51  PRO C CB  1 
ATOM   1392 C CG  . PRO C 1 51 ? -7.958  -25.714 -15.603 1.00 79.60  ?  51  PRO C CG  1 
ATOM   1393 C CD  . PRO C 1 51 ? -7.432  -24.387 -16.004 1.00 75.25  ?  51  PRO C CD  1 
ATOM   1394 N N   . VAL C 1 52 ? -8.362  -24.731 -19.606 1.00 75.96  ?  52  VAL C N   1 
ATOM   1395 C CA  . VAL C 1 52 ? -9.002  -24.571 -20.919 1.00 76.15  ?  52  VAL C CA  1 
ATOM   1396 C C   . VAL C 1 52 ? -7.965  -24.395 -22.063 1.00 81.58  ?  52  VAL C C   1 
ATOM   1397 O O   . VAL C 1 52 ? -8.304  -24.644 -23.221 1.00 81.60  ?  52  VAL C O   1 
ATOM   1398 C CB  . VAL C 1 52 ? -10.072 -23.438 -20.897 1.00 79.83  ?  52  VAL C CB  1 
ATOM   1399 C CG1 . VAL C 1 52 ? -9.451  -22.063 -21.122 1.00 79.66  ?  52  VAL C CG1 1 
ATOM   1400 C CG2 . VAL C 1 52 ? -11.172 -23.700 -21.919 1.00 79.65  ?  52  VAL C CG2 1 
ATOM   1401 N N   . LEU C 1 53 ? -6.716  -23.979 -21.741 1.00 78.72  ?  53  LEU C N   1 
ATOM   1402 C CA  . LEU C 1 53 ? -5.629  -23.849 -22.730 1.00 78.62  ?  53  LEU C CA  1 
ATOM   1403 C C   . LEU C 1 53 ? -5.242  -25.197 -23.375 1.00 83.21  ?  53  LEU C C   1 
ATOM   1404 O O   . LEU C 1 53 ? -4.951  -25.231 -24.574 1.00 82.88  ?  53  LEU C O   1 
ATOM   1405 C CB  . LEU C 1 53 ? -4.386  -23.186 -22.105 1.00 78.34  ?  53  LEU C CB  1 
ATOM   1406 C CG  . LEU C 1 53 ? -4.533  -21.709 -21.745 1.00 82.55  ?  53  LEU C CG  1 
ATOM   1407 C CD1 . LEU C 1 53 ? -3.420  -21.264 -20.816 1.00 82.88  ?  53  LEU C CD1 1 
ATOM   1408 C CD2 . LEU C 1 53 ? -4.529  -20.834 -22.984 1.00 83.64  ?  53  LEU C CD2 1 
ATOM   1409 N N   . LYS C 1 54 ? -5.238  -26.295 -22.590 1.00 79.83  ?  54  LYS C N   1 
ATOM   1410 C CA  . LYS C 1 54 ? -5.027  -27.648 -23.120 1.00 101.19 ?  54  LYS C CA  1 
ATOM   1411 C C   . LYS C 1 54 ? -5.709  -28.694 -22.235 1.00 113.30 ?  54  LYS C C   1 
ATOM   1412 O O   . LYS C 1 54 ? -6.937  -28.793 -22.242 1.00 68.67  ?  54  LYS C O   1 
ATOM   1413 C CB  . LYS C 1 54 ? -3.522  -27.958 -23.301 1.00 103.38 ?  54  LYS C CB  1 
ATOM   1414 C CG  . LYS C 1 54 ? -2.656  -27.739 -22.058 1.00 113.53 ?  54  LYS C CG  1 
ATOM   1415 C CD  . LYS C 1 54 ? -1.157  -27.887 -22.355 1.00 119.48 ?  54  LYS C CD  1 
ATOM   1416 C CE  . LYS C 1 54 ? -0.730  -29.312 -22.625 1.00 125.45 ?  54  LYS C CE  1 
ATOM   1417 N NZ  . LYS C 1 54 ? 0.747   -29.432 -22.746 1.00 131.53 1  54  LYS C NZ  1 
HETATM 1418 O O   . HOH D 2 .  ? 7.317   17.022  9.429   1.00 34.02  ?  101 HOH A O   1 
HETATM 1419 O O   . HOH D 2 .  ? 0.206   21.356  13.351  1.00 41.06  ?  102 HOH A O   1 
HETATM 1420 O O   . HOH D 2 .  ? 12.865  9.527   11.969  1.00 28.64  ?  103 HOH A O   1 
HETATM 1421 O O   . HOH D 2 .  ? 14.429  16.383  15.472  1.00 32.63  ?  104 HOH A O   1 
HETATM 1422 O O   . HOH D 2 .  ? 9.964   21.351  10.556  1.00 38.96  ?  105 HOH A O   1 
HETATM 1423 O O   . HOH D 2 .  ? 2.935   12.426  3.634   1.00 33.33  ?  106 HOH A O   1 
HETATM 1424 O O   . HOH D 2 .  ? 10.322  5.799   0.430   1.00 34.65  ?  107 HOH A O   1 
HETATM 1425 O O   . HOH D 2 .  ? 1.386   11.058  -2.304  1.00 42.02  ?  108 HOH A O   1 
HETATM 1426 O O   . HOH D 2 .  ? -2.396  11.788  -0.289  1.00 51.49  ?  109 HOH A O   1 
HETATM 1427 O O   . HOH E 2 .  ? 10.721  2.226   8.332   1.00 23.93  ?  101 HOH B O   1 
HETATM 1428 O O   . HOH E 2 .  ? -15.609 -20.682 -30.063 1.00 27.02  ?  102 HOH B O   1 
HETATM 1429 O O   . HOH E 2 .  ? 18.815  14.852  12.295  1.00 41.66  ?  103 HOH B O   1 
HETATM 1430 O O   . HOH E 2 .  ? -13.722 -15.586 -33.408 1.00 43.06  ?  104 HOH B O   1 
HETATM 1431 O O   . HOH E 2 .  ? 4.868   -6.858  -16.689 1.00 47.81  ?  105 HOH B O   1 
HETATM 1432 O O   . HOH E 2 .  ? 5.490   -8.691  5.298   1.00 52.08  ?  106 HOH B O   1 
HETATM 1433 O O   . HOH E 2 .  ? 9.821   -4.585  11.213  1.00 35.18  ?  107 HOH B O   1 
HETATM 1434 O O   . HOH E 2 .  ? 0.158   2.768   16.138  1.00 45.29  ?  108 HOH B O   1 
HETATM 1435 O O   . HOH E 2 .  ? 20.014  12.455  19.568  1.00 41.95  ?  109 HOH B O   1 
HETATM 1436 O O   . HOH F 2 .  ? -12.582 -2.815  -5.582  1.00 48.09  ?  101 HOH C O   1 
HETATM 1437 O O   . HOH F 2 .  ? -9.030  -0.155  -3.865  1.00 40.91  ?  102 HOH C O   1 
HETATM 1438 O O   . HOH F 2 .  ? -2.109  3.759   12.612  1.00 27.63  ?  103 HOH C O   1 
HETATM 1439 O O   . HOH F 2 .  ? -4.036  7.565   16.766  1.00 34.60  ?  104 HOH C O   1 
HETATM 1440 O O   . HOH F 2 .  ? -2.676  -19.932 -8.678  1.00 52.91  ?  105 HOH C O   1 
HETATM 1441 O O   . HOH F 2 .  ? 1.561   -16.037 -4.647  1.00 46.76  ?  106 HOH C O   1 
HETATM 1442 O O   . HOH F 2 .  ? -5.508  -12.619 0.578   1.00 44.32  ?  107 HOH C O   1 
HETATM 1443 O O   . HOH F 2 .  ? -4.392  5.864   0.776   1.00 41.74  ?  108 HOH C O   1 
# 
